data_9GVX
# 
_entry.id   9GVX 
# 
_audit_conform.dict_name       mmcif_pdbx.dic 
_audit_conform.dict_version    5.403 
_audit_conform.dict_location   http://mmcif.pdb.org/dictionaries/ascii/mmcif_pdbx.dic 
# 
loop_
_database_2.database_id 
_database_2.database_code 
_database_2.pdbx_database_accession 
_database_2.pdbx_DOI 
PDB   9GVX         pdb_00009gvx 10.2210/pdb9gvx/pdb 
WWPDB D_1292139306 ?            ?                   
# 
loop_
_pdbx_audit_revision_history.ordinal 
_pdbx_audit_revision_history.data_content_type 
_pdbx_audit_revision_history.major_revision 
_pdbx_audit_revision_history.minor_revision 
_pdbx_audit_revision_history.revision_date 
_pdbx_audit_revision_history.part_number 
1 'Structure model' 1 0 2025-03-26 ? 
2 'Structure model' 1 1 2025-04-02 ? 
# 
_pdbx_audit_revision_details.ordinal             1 
_pdbx_audit_revision_details.revision_ordinal    1 
_pdbx_audit_revision_details.data_content_type   'Structure model' 
_pdbx_audit_revision_details.provider            repository 
_pdbx_audit_revision_details.type                'Initial release' 
_pdbx_audit_revision_details.description         ? 
_pdbx_audit_revision_details.details             ? 
# 
_pdbx_audit_revision_group.ordinal             1 
_pdbx_audit_revision_group.revision_ordinal    2 
_pdbx_audit_revision_group.data_content_type   'Structure model' 
_pdbx_audit_revision_group.group               'Database references' 
# 
_pdbx_audit_revision_category.ordinal             1 
_pdbx_audit_revision_category.revision_ordinal    2 
_pdbx_audit_revision_category.data_content_type   'Structure model' 
_pdbx_audit_revision_category.category            citation 
# 
loop_
_pdbx_audit_revision_item.ordinal 
_pdbx_audit_revision_item.revision_ordinal 
_pdbx_audit_revision_item.data_content_type 
_pdbx_audit_revision_item.item 
1 2 'Structure model' '_citation.pdbx_database_id_PubMed' 
2 2 'Structure model' '_citation.title'                   
# 
_pdbx_database_status.status_code                     REL 
_pdbx_database_status.status_code_sf                  REL 
_pdbx_database_status.status_code_mr                  ? 
_pdbx_database_status.entry_id                        9GVX 
_pdbx_database_status.recvd_initial_deposition_date   2024-09-26 
_pdbx_database_status.SG_entry                        N 
_pdbx_database_status.deposit_site                    PDBE 
_pdbx_database_status.process_site                    PDBE 
_pdbx_database_status.status_code_cs                  ? 
_pdbx_database_status.status_code_nmr_data            ? 
_pdbx_database_status.methods_development_category    ? 
_pdbx_database_status.pdb_format_compatible           N 
# 
_pdbx_contact_author.id                 2 
_pdbx_contact_author.email              pozzi4@unisi.it 
_pdbx_contact_author.name_first         Cecilia 
_pdbx_contact_author.name_last          Pozzi 
_pdbx_contact_author.name_mi            ? 
_pdbx_contact_author.role               'principal investigator/group leader' 
_pdbx_contact_author.identifier_ORCID   0000-0003-2574-3911 
# 
loop_
_audit_author.name 
_audit_author.pdbx_ordinal 
_audit_author.identifier_ORCID 
'Tassone, G.' 1 0000-0002-2575-5528 
'Pozzi, C.'   2 0000-0003-2574-3911 
# 
_citation.abstract                  ? 
_citation.abstract_id_CAS           ? 
_citation.book_id_ISBN              ? 
_citation.book_publisher            ? 
_citation.book_publisher_city       ? 
_citation.book_title                ? 
_citation.coordinate_linkage        ? 
_citation.country                   US 
_citation.database_id_Medline       ? 
_citation.details                   ? 
_citation.id                        primary 
_citation.journal_abbrev            'Acs Med.Chem.Lett.' 
_citation.journal_id_ASTM           ? 
_citation.journal_id_CSD            ? 
_citation.journal_id_ISSN           1948-5875 
_citation.journal_full              ? 
_citation.journal_issue             ? 
_citation.journal_volume            16 
_citation.language                  ? 
_citation.page_first                397 
_citation.page_last                 405 
_citation.title                     
'Morita-Baylis-Hillman Adduct Chemistry as a Tool for the Design of Lysine-Targeted Covalent Ligands.' 
_citation.year                      2025 
_citation.database_id_CSD           ? 
_citation.pdbx_database_id_DOI      10.1021/acsmedchemlett.4c00479 
_citation.pdbx_database_id_PubMed   40104796 
_citation.pdbx_database_id_patent   ? 
_citation.unpublished_flag          ? 
# 
loop_
_citation_author.citation_id 
_citation_author.name 
_citation_author.ordinal 
_citation_author.identifier_ORCID 
primary 'Paolino, M.'   1  ? 
primary 'Tassone, G.'   2  ? 
primary 'Governa, P.'   3  ? 
primary 'Saletti, M.'   4  ? 
primary 'Lami, M.'      5  ? 
primary 'Carletti, R.'  6  ? 
primary 'Sacchetta, F.' 7  ? 
primary 'Pozzi, C.'     8  ? 
primary 'Orlandini, M.' 9  ? 
primary 'Manetti, F.'   10 ? 
primary 'Olivucci, M.'  11 ? 
primary 'Cappelli, A.'  12 ? 
# 
loop_
_entity.id 
_entity.type 
_entity.src_method 
_entity.pdbx_description 
_entity.formula_weight 
_entity.pdbx_number_of_molecules 
_entity.pdbx_ec 
_entity.pdbx_mutation 
_entity.pdbx_fragment 
_entity.details 
1 polymer     man 'Cellular retinoic acid-binding protein 2'                 15992.265 1  ? 
'R111K, Y134F, T54V, R132Q, P39Y, R59Y' ? ? 
2 non-polymer syn 'methyl (~{Z})-3-(4-ethynylphenyl)-2-methyl-prop-2-enoate' 200.233   1  ? ? ? ? 
3 water       nat water                                                      18.015    70 ? ? ? ? 
# 
_entity_name_com.entity_id   1 
_entity_name_com.name        'Cellular retinoic acid-binding protein II,CRABP-II' 
# 
_entity_poly.entity_id                      1 
_entity_poly.type                           'polypeptide(L)' 
_entity_poly.nstd_linkage                   no 
_entity_poly.nstd_monomer                   no 
_entity_poly.pdbx_seq_one_letter_code       
;GSHMPNFSGNWKIIRSENFEELLKVLGVNVMLRKIAVAAASKYAVEIKQEGDTFYIKVSTTVYTTEINFKVGEEFEEQTV
DGRPCKSLVKWESENKMVCEQKLLKGEGPKTSWTKELTNDGELILTMTADDVVCTQVFVRE
;
_entity_poly.pdbx_seq_one_letter_code_can   
;GSHMPNFSGNWKIIRSENFEELLKVLGVNVMLRKIAVAAASKYAVEIKQEGDTFYIKVSTTVYTTEINFKVGEEFEEQTV
DGRPCKSLVKWESENKMVCEQKLLKGEGPKTSWTKELTNDGELILTMTADDVVCTQVFVRE
;
_entity_poly.pdbx_strand_id                 A 
_entity_poly.pdbx_target_identifier         ? 
# 
loop_
_pdbx_entity_nonpoly.entity_id 
_pdbx_entity_nonpoly.name 
_pdbx_entity_nonpoly.comp_id 
2 'methyl (~{Z})-3-(4-ethynylphenyl)-2-methyl-prop-2-enoate' A1IQZ 
3 water                                                      HOH   
# 
loop_
_entity_poly_seq.entity_id 
_entity_poly_seq.num 
_entity_poly_seq.mon_id 
_entity_poly_seq.hetero 
1 1   GLY n 
1 2   SER n 
1 3   HIS n 
1 4   MET n 
1 5   PRO n 
1 6   ASN n 
1 7   PHE n 
1 8   SER n 
1 9   GLY n 
1 10  ASN n 
1 11  TRP n 
1 12  LYS n 
1 13  ILE n 
1 14  ILE n 
1 15  ARG n 
1 16  SER n 
1 17  GLU n 
1 18  ASN n 
1 19  PHE n 
1 20  GLU n 
1 21  GLU n 
1 22  LEU n 
1 23  LEU n 
1 24  LYS n 
1 25  VAL n 
1 26  LEU n 
1 27  GLY n 
1 28  VAL n 
1 29  ASN n 
1 30  VAL n 
1 31  MET n 
1 32  LEU n 
1 33  ARG n 
1 34  LYS n 
1 35  ILE n 
1 36  ALA n 
1 37  VAL n 
1 38  ALA n 
1 39  ALA n 
1 40  ALA n 
1 41  SER n 
1 42  LYS n 
1 43  TYR n 
1 44  ALA n 
1 45  VAL n 
1 46  GLU n 
1 47  ILE n 
1 48  LYS n 
1 49  GLN n 
1 50  GLU n 
1 51  GLY n 
1 52  ASP n 
1 53  THR n 
1 54  PHE n 
1 55  TYR n 
1 56  ILE n 
1 57  LYS n 
1 58  VAL n 
1 59  SER n 
1 60  THR n 
1 61  THR n 
1 62  VAL n 
1 63  TYR n 
1 64  THR n 
1 65  THR n 
1 66  GLU n 
1 67  ILE n 
1 68  ASN n 
1 69  PHE n 
1 70  LYS n 
1 71  VAL n 
1 72  GLY n 
1 73  GLU n 
1 74  GLU n 
1 75  PHE n 
1 76  GLU n 
1 77  GLU n 
1 78  GLN n 
1 79  THR n 
1 80  VAL n 
1 81  ASP n 
1 82  GLY n 
1 83  ARG n 
1 84  PRO n 
1 85  CYS n 
1 86  LYS n 
1 87  SER n 
1 88  LEU n 
1 89  VAL n 
1 90  LYS n 
1 91  TRP n 
1 92  GLU n 
1 93  SER n 
1 94  GLU n 
1 95  ASN n 
1 96  LYS n 
1 97  MET n 
1 98  VAL n 
1 99  CYS n 
1 100 GLU n 
1 101 GLN n 
1 102 LYS n 
1 103 LEU n 
1 104 LEU n 
1 105 LYS n 
1 106 GLY n 
1 107 GLU n 
1 108 GLY n 
1 109 PRO n 
1 110 LYS n 
1 111 THR n 
1 112 SER n 
1 113 TRP n 
1 114 THR n 
1 115 LYS n 
1 116 GLU n 
1 117 LEU n 
1 118 THR n 
1 119 ASN n 
1 120 ASP n 
1 121 GLY n 
1 122 GLU n 
1 123 LEU n 
1 124 ILE n 
1 125 LEU n 
1 126 THR n 
1 127 MET n 
1 128 THR n 
1 129 ALA n 
1 130 ASP n 
1 131 ASP n 
1 132 VAL n 
1 133 VAL n 
1 134 CYS n 
1 135 THR n 
1 136 GLN n 
1 137 VAL n 
1 138 PHE n 
1 139 VAL n 
1 140 ARG n 
1 141 GLU n 
# 
_entity_src_gen.entity_id                          1 
_entity_src_gen.pdbx_src_id                        1 
_entity_src_gen.pdbx_alt_source_flag               sample 
_entity_src_gen.pdbx_seq_type                      'Biological sequence' 
_entity_src_gen.pdbx_beg_seq_num                   1 
_entity_src_gen.pdbx_end_seq_num                   141 
_entity_src_gen.gene_src_common_name               human 
_entity_src_gen.gene_src_genus                     ? 
_entity_src_gen.pdbx_gene_src_gene                 CRABP2 
_entity_src_gen.gene_src_species                   ? 
_entity_src_gen.gene_src_strain                    ? 
_entity_src_gen.gene_src_tissue                    ? 
_entity_src_gen.gene_src_tissue_fraction           ? 
_entity_src_gen.gene_src_details                   ? 
_entity_src_gen.pdbx_gene_src_fragment             ? 
_entity_src_gen.pdbx_gene_src_scientific_name      'Homo sapiens' 
_entity_src_gen.pdbx_gene_src_ncbi_taxonomy_id     9606 
_entity_src_gen.pdbx_gene_src_variant              ? 
_entity_src_gen.pdbx_gene_src_cell_line            ? 
_entity_src_gen.pdbx_gene_src_atcc                 ? 
_entity_src_gen.pdbx_gene_src_organ                ? 
_entity_src_gen.pdbx_gene_src_organelle            ? 
_entity_src_gen.pdbx_gene_src_cell                 ? 
_entity_src_gen.pdbx_gene_src_cellular_location    ? 
_entity_src_gen.host_org_common_name               ? 
_entity_src_gen.pdbx_host_org_scientific_name      'Escherichia coli BL21(DE3)' 
_entity_src_gen.pdbx_host_org_ncbi_taxonomy_id     469008 
_entity_src_gen.host_org_genus                     ? 
_entity_src_gen.pdbx_host_org_gene                 ? 
_entity_src_gen.pdbx_host_org_organ                ? 
_entity_src_gen.host_org_species                   ? 
_entity_src_gen.pdbx_host_org_tissue               ? 
_entity_src_gen.pdbx_host_org_tissue_fraction      ? 
_entity_src_gen.pdbx_host_org_strain               ? 
_entity_src_gen.pdbx_host_org_variant              ? 
_entity_src_gen.pdbx_host_org_cell_line            ? 
_entity_src_gen.pdbx_host_org_atcc                 ? 
_entity_src_gen.pdbx_host_org_culture_collection   ? 
_entity_src_gen.pdbx_host_org_cell                 ? 
_entity_src_gen.pdbx_host_org_organelle            ? 
_entity_src_gen.pdbx_host_org_cellular_location    ? 
_entity_src_gen.pdbx_host_org_vector_type          PLASMID 
_entity_src_gen.pdbx_host_org_vector               ? 
_entity_src_gen.host_org_details                   ? 
_entity_src_gen.expression_system_id               ? 
_entity_src_gen.plasmid_name                       pET15b 
_entity_src_gen.plasmid_details                    ? 
_entity_src_gen.pdbx_description                   ? 
# 
loop_
_chem_comp.id 
_chem_comp.type 
_chem_comp.mon_nstd_flag 
_chem_comp.name 
_chem_comp.pdbx_synonyms 
_chem_comp.formula 
_chem_comp.formula_weight 
A1IQZ non-polymer         . 'methyl (~{Z})-3-(4-ethynylphenyl)-2-methyl-prop-2-enoate' ? 'C13 H12 O2'     200.233 
ALA   'L-peptide linking' y ALANINE                                                    ? 'C3 H7 N O2'     89.093  
ARG   'L-peptide linking' y ARGININE                                                   ? 'C6 H15 N4 O2 1' 175.209 
ASN   'L-peptide linking' y ASPARAGINE                                                 ? 'C4 H8 N2 O3'    132.118 
ASP   'L-peptide linking' y 'ASPARTIC ACID'                                            ? 'C4 H7 N O4'     133.103 
CYS   'L-peptide linking' y CYSTEINE                                                   ? 'C3 H7 N O2 S'   121.158 
GLN   'L-peptide linking' y GLUTAMINE                                                  ? 'C5 H10 N2 O3'   146.144 
GLU   'L-peptide linking' y 'GLUTAMIC ACID'                                            ? 'C5 H9 N O4'     147.129 
GLY   'peptide linking'   y GLYCINE                                                    ? 'C2 H5 N O2'     75.067  
HIS   'L-peptide linking' y HISTIDINE                                                  ? 'C6 H10 N3 O2 1' 156.162 
HOH   non-polymer         . WATER                                                      ? 'H2 O'           18.015  
ILE   'L-peptide linking' y ISOLEUCINE                                                 ? 'C6 H13 N O2'    131.173 
LEU   'L-peptide linking' y LEUCINE                                                    ? 'C6 H13 N O2'    131.173 
LYS   'L-peptide linking' y LYSINE                                                     ? 'C6 H15 N2 O2 1' 147.195 
MET   'L-peptide linking' y METHIONINE                                                 ? 'C5 H11 N O2 S'  149.211 
PHE   'L-peptide linking' y PHENYLALANINE                                              ? 'C9 H11 N O2'    165.189 
PRO   'L-peptide linking' y PROLINE                                                    ? 'C5 H9 N O2'     115.130 
SER   'L-peptide linking' y SERINE                                                     ? 'C3 H7 N O3'     105.093 
THR   'L-peptide linking' y THREONINE                                                  ? 'C4 H9 N O3'     119.119 
TRP   'L-peptide linking' y TRYPTOPHAN                                                 ? 'C11 H12 N2 O2'  204.225 
TYR   'L-peptide linking' y TYROSINE                                                   ? 'C9 H11 N O3'    181.189 
VAL   'L-peptide linking' y VALINE                                                     ? 'C5 H11 N O2'    117.146 
# 
loop_
_pdbx_poly_seq_scheme.asym_id 
_pdbx_poly_seq_scheme.entity_id 
_pdbx_poly_seq_scheme.seq_id 
_pdbx_poly_seq_scheme.mon_id 
_pdbx_poly_seq_scheme.ndb_seq_num 
_pdbx_poly_seq_scheme.pdb_seq_num 
_pdbx_poly_seq_scheme.auth_seq_num 
_pdbx_poly_seq_scheme.pdb_mon_id 
_pdbx_poly_seq_scheme.auth_mon_id 
_pdbx_poly_seq_scheme.pdb_strand_id 
_pdbx_poly_seq_scheme.pdb_ins_code 
_pdbx_poly_seq_scheme.hetero 
A 1 1   GLY 1   -3  ?   ?   ?   A . n 
A 1 2   SER 2   -2  ?   ?   ?   A . n 
A 1 3   HIS 3   -1  ?   ?   ?   A . n 
A 1 4   MET 4   0   0   MET MET A . n 
A 1 5   PRO 5   1   1   PRO PRO A . n 
A 1 6   ASN 6   2   2   ASN ASN A . n 
A 1 7   PHE 7   3   3   PHE PHE A . n 
A 1 8   SER 8   4   4   SER SER A . n 
A 1 9   GLY 9   5   5   GLY GLY A . n 
A 1 10  ASN 10  6   6   ASN ASN A . n 
A 1 11  TRP 11  7   7   TRP TRP A . n 
A 1 12  LYS 12  8   8   LYS LYS A . n 
A 1 13  ILE 13  9   9   ILE ILE A . n 
A 1 14  ILE 14  10  10  ILE ILE A . n 
A 1 15  ARG 15  11  11  ARG ARG A . n 
A 1 16  SER 16  12  12  SER SER A . n 
A 1 17  GLU 17  13  13  GLU GLU A . n 
A 1 18  ASN 18  14  14  ASN ASN A . n 
A 1 19  PHE 19  15  15  PHE PHE A . n 
A 1 20  GLU 20  16  16  GLU GLU A . n 
A 1 21  GLU 21  17  17  GLU GLU A . n 
A 1 22  LEU 22  18  18  LEU LEU A . n 
A 1 23  LEU 23  19  19  LEU LEU A . n 
A 1 24  LYS 24  20  20  LYS LYS A . n 
A 1 25  VAL 25  21  21  VAL VAL A . n 
A 1 26  LEU 26  22  22  LEU LEU A . n 
A 1 27  GLY 27  23  23  GLY GLY A . n 
A 1 28  VAL 28  24  24  VAL VAL A . n 
A 1 29  ASN 29  25  25  ASN ASN A . n 
A 1 30  VAL 30  26  26  VAL VAL A . n 
A 1 31  MET 31  27  27  MET MET A . n 
A 1 32  LEU 32  28  28  LEU LEU A . n 
A 1 33  ARG 33  29  29  ARG ARG A . n 
A 1 34  LYS 34  30  30  LYS LYS A . n 
A 1 35  ILE 35  31  31  ILE ILE A . n 
A 1 36  ALA 36  32  32  ALA ALA A . n 
A 1 37  VAL 37  33  33  VAL VAL A . n 
A 1 38  ALA 38  34  34  ALA ALA A . n 
A 1 39  ALA 39  35  35  ALA ALA A . n 
A 1 40  ALA 40  36  36  ALA ALA A . n 
A 1 41  SER 41  37  37  SER SER A . n 
A 1 42  LYS 42  38  38  LYS LYS A . n 
A 1 43  TYR 43  39  39  TYR TYR A . n 
A 1 44  ALA 44  40  40  ALA ALA A . n 
A 1 45  VAL 45  41  41  VAL VAL A . n 
A 1 46  GLU 46  42  42  GLU GLU A . n 
A 1 47  ILE 47  43  43  ILE ILE A . n 
A 1 48  LYS 48  44  44  LYS LYS A . n 
A 1 49  GLN 49  45  45  GLN GLN A . n 
A 1 50  GLU 50  46  46  GLU GLU A . n 
A 1 51  GLY 51  47  47  GLY GLY A . n 
A 1 52  ASP 52  48  48  ASP ASP A . n 
A 1 53  THR 53  49  49  THR THR A . n 
A 1 54  PHE 54  50  50  PHE PHE A . n 
A 1 55  TYR 55  51  51  TYR TYR A . n 
A 1 56  ILE 56  52  52  ILE ILE A . n 
A 1 57  LYS 57  53  53  LYS LYS A . n 
A 1 58  VAL 58  54  54  VAL VAL A . n 
A 1 59  SER 59  55  55  SER SER A . n 
A 1 60  THR 60  56  56  THR THR A . n 
A 1 61  THR 61  57  57  THR THR A . n 
A 1 62  VAL 62  58  58  VAL VAL A . n 
A 1 63  TYR 63  59  59  TYR TYR A . n 
A 1 64  THR 64  60  60  THR THR A . n 
A 1 65  THR 65  61  61  THR THR A . n 
A 1 66  GLU 66  62  62  GLU GLU A . n 
A 1 67  ILE 67  63  63  ILE ILE A . n 
A 1 68  ASN 68  64  64  ASN ASN A . n 
A 1 69  PHE 69  65  65  PHE PHE A . n 
A 1 70  LYS 70  66  66  LYS LYS A . n 
A 1 71  VAL 71  67  67  VAL VAL A . n 
A 1 72  GLY 72  68  68  GLY GLY A . n 
A 1 73  GLU 73  69  69  GLU GLU A . n 
A 1 74  GLU 74  70  70  GLU GLU A . n 
A 1 75  PHE 75  71  71  PHE PHE A . n 
A 1 76  GLU 76  72  72  GLU GLU A . n 
A 1 77  GLU 77  73  73  GLU GLU A . n 
A 1 78  GLN 78  74  74  GLN GLN A . n 
A 1 79  THR 79  75  75  THR THR A . n 
A 1 80  VAL 80  76  76  VAL VAL A . n 
A 1 81  ASP 81  77  77  ASP ASP A . n 
A 1 82  GLY 82  78  78  GLY GLY A . n 
A 1 83  ARG 83  79  79  ARG ARG A . n 
A 1 84  PRO 84  80  80  PRO PRO A . n 
A 1 85  CYS 85  81  81  CYS CYS A . n 
A 1 86  LYS 86  82  82  LYS LYS A . n 
A 1 87  SER 87  83  83  SER SER A . n 
A 1 88  LEU 88  84  84  LEU LEU A . n 
A 1 89  VAL 89  85  85  VAL VAL A . n 
A 1 90  LYS 90  86  86  LYS LYS A . n 
A 1 91  TRP 91  87  87  TRP TRP A . n 
A 1 92  GLU 92  88  88  GLU GLU A . n 
A 1 93  SER 93  89  89  SER SER A . n 
A 1 94  GLU 94  90  90  GLU GLU A . n 
A 1 95  ASN 95  91  91  ASN ASN A . n 
A 1 96  LYS 96  92  92  LYS LYS A . n 
A 1 97  MET 97  93  93  MET MET A . n 
A 1 98  VAL 98  94  94  VAL VAL A . n 
A 1 99  CYS 99  95  95  CYS CYS A . n 
A 1 100 GLU 100 96  96  GLU GLU A . n 
A 1 101 GLN 101 97  97  GLN GLN A . n 
A 1 102 LYS 102 98  98  LYS LYS A . n 
A 1 103 LEU 103 99  99  LEU LEU A . n 
A 1 104 LEU 104 100 100 LEU LEU A . n 
A 1 105 LYS 105 101 101 LYS LYS A . n 
A 1 106 GLY 106 102 102 GLY GLY A . n 
A 1 107 GLU 107 103 103 GLU GLU A . n 
A 1 108 GLY 108 104 104 GLY GLY A . n 
A 1 109 PRO 109 105 105 PRO PRO A . n 
A 1 110 LYS 110 106 106 LYS LYS A . n 
A 1 111 THR 111 107 107 THR THR A . n 
A 1 112 SER 112 108 108 SER SER A . n 
A 1 113 TRP 113 109 109 TRP TRP A . n 
A 1 114 THR 114 110 110 THR THR A . n 
A 1 115 LYS 115 111 111 LYS LYS A . n 
A 1 116 GLU 116 112 112 GLU GLU A . n 
A 1 117 LEU 117 113 113 LEU LEU A . n 
A 1 118 THR 118 114 114 THR THR A . n 
A 1 119 ASN 119 115 115 ASN ASN A . n 
A 1 120 ASP 120 116 116 ASP ASP A . n 
A 1 121 GLY 121 117 117 GLY GLY A . n 
A 1 122 GLU 122 118 118 GLU GLU A . n 
A 1 123 LEU 123 119 119 LEU LEU A . n 
A 1 124 ILE 124 120 120 ILE ILE A . n 
A 1 125 LEU 125 121 121 LEU LEU A . n 
A 1 126 THR 126 122 122 THR THR A . n 
A 1 127 MET 127 123 123 MET MET A . n 
A 1 128 THR 128 124 124 THR THR A . n 
A 1 129 ALA 129 125 125 ALA ALA A . n 
A 1 130 ASP 130 126 126 ASP ASP A . n 
A 1 131 ASP 131 127 127 ASP ASP A . n 
A 1 132 VAL 132 128 128 VAL VAL A . n 
A 1 133 VAL 133 129 129 VAL VAL A . n 
A 1 134 CYS 134 130 130 CYS CYS A . n 
A 1 135 THR 135 131 131 THR THR A . n 
A 1 136 GLN 136 132 132 GLN GLN A . n 
A 1 137 VAL 137 133 133 VAL VAL A . n 
A 1 138 PHE 138 134 134 PHE PHE A . n 
A 1 139 VAL 139 135 135 VAL VAL A . n 
A 1 140 ARG 140 136 136 ARG ARG A . n 
A 1 141 GLU 141 137 137 GLU GLU A . n 
# 
_pdbx_entity_instance_feature.ordinal        1 
_pdbx_entity_instance_feature.comp_id        A1IQZ 
_pdbx_entity_instance_feature.asym_id        ? 
_pdbx_entity_instance_feature.seq_num        ? 
_pdbx_entity_instance_feature.auth_comp_id   A1IQZ 
_pdbx_entity_instance_feature.auth_asym_id   ? 
_pdbx_entity_instance_feature.auth_seq_num   ? 
_pdbx_entity_instance_feature.feature_type   'SUBJECT OF INVESTIGATION' 
_pdbx_entity_instance_feature.details        ? 
# 
loop_
_pdbx_nonpoly_scheme.asym_id 
_pdbx_nonpoly_scheme.entity_id 
_pdbx_nonpoly_scheme.mon_id 
_pdbx_nonpoly_scheme.ndb_seq_num 
_pdbx_nonpoly_scheme.pdb_seq_num 
_pdbx_nonpoly_scheme.auth_seq_num 
_pdbx_nonpoly_scheme.pdb_mon_id 
_pdbx_nonpoly_scheme.auth_mon_id 
_pdbx_nonpoly_scheme.pdb_strand_id 
_pdbx_nonpoly_scheme.pdb_ins_code 
B 2 A1IQZ 1  201 201 A1IQZ 00T A . 
C 3 HOH   1  301 89  HOH   HOH A . 
C 3 HOH   2  302 80  HOH   HOH A . 
C 3 HOH   3  303 78  HOH   HOH A . 
C 3 HOH   4  304 61  HOH   HOH A . 
C 3 HOH   5  305 14  HOH   HOH A . 
C 3 HOH   6  306 62  HOH   HOH A . 
C 3 HOH   7  307 33  HOH   HOH A . 
C 3 HOH   8  308 13  HOH   HOH A . 
C 3 HOH   9  309 2   HOH   HOH A . 
C 3 HOH   10 310 85  HOH   HOH A . 
C 3 HOH   11 311 31  HOH   HOH A . 
C 3 HOH   12 312 21  HOH   HOH A . 
C 3 HOH   13 313 67  HOH   HOH A . 
C 3 HOH   14 314 63  HOH   HOH A . 
C 3 HOH   15 315 64  HOH   HOH A . 
C 3 HOH   16 316 23  HOH   HOH A . 
C 3 HOH   17 317 65  HOH   HOH A . 
C 3 HOH   18 318 75  HOH   HOH A . 
C 3 HOH   19 319 24  HOH   HOH A . 
C 3 HOH   20 320 26  HOH   HOH A . 
C 3 HOH   21 321 53  HOH   HOH A . 
C 3 HOH   22 322 44  HOH   HOH A . 
C 3 HOH   23 323 69  HOH   HOH A . 
C 3 HOH   24 324 37  HOH   HOH A . 
C 3 HOH   25 325 35  HOH   HOH A . 
C 3 HOH   26 326 59  HOH   HOH A . 
C 3 HOH   27 327 22  HOH   HOH A . 
C 3 HOH   28 328 42  HOH   HOH A . 
C 3 HOH   29 329 76  HOH   HOH A . 
C 3 HOH   30 330 28  HOH   HOH A . 
C 3 HOH   31 331 30  HOH   HOH A . 
C 3 HOH   32 332 81  HOH   HOH A . 
C 3 HOH   33 333 72  HOH   HOH A . 
C 3 HOH   34 334 8   HOH   HOH A . 
C 3 HOH   35 335 16  HOH   HOH A . 
C 3 HOH   36 336 49  HOH   HOH A . 
C 3 HOH   37 337 73  HOH   HOH A . 
C 3 HOH   38 338 47  HOH   HOH A . 
C 3 HOH   39 339 39  HOH   HOH A . 
C 3 HOH   40 340 68  HOH   HOH A . 
C 3 HOH   41 341 36  HOH   HOH A . 
C 3 HOH   42 342 20  HOH   HOH A . 
C 3 HOH   43 343 86  HOH   HOH A . 
C 3 HOH   44 344 12  HOH   HOH A . 
C 3 HOH   45 345 66  HOH   HOH A . 
C 3 HOH   46 346 19  HOH   HOH A . 
C 3 HOH   47 347 43  HOH   HOH A . 
C 3 HOH   48 348 55  HOH   HOH A . 
C 3 HOH   49 349 84  HOH   HOH A . 
C 3 HOH   50 350 17  HOH   HOH A . 
C 3 HOH   51 351 34  HOH   HOH A . 
C 3 HOH   52 352 57  HOH   HOH A . 
C 3 HOH   53 353 71  HOH   HOH A . 
C 3 HOH   54 354 74  HOH   HOH A . 
C 3 HOH   55 355 56  HOH   HOH A . 
C 3 HOH   56 356 50  HOH   HOH A . 
C 3 HOH   57 357 88  HOH   HOH A . 
C 3 HOH   58 358 52  HOH   HOH A . 
C 3 HOH   59 359 77  HOH   HOH A . 
C 3 HOH   60 360 82  HOH   HOH A . 
C 3 HOH   61 361 27  HOH   HOH A . 
C 3 HOH   62 362 7   HOH   HOH A . 
C 3 HOH   63 363 6   HOH   HOH A . 
C 3 HOH   64 364 70  HOH   HOH A . 
C 3 HOH   65 365 87  HOH   HOH A . 
C 3 HOH   66 366 45  HOH   HOH A . 
C 3 HOH   67 367 58  HOH   HOH A . 
C 3 HOH   68 368 48  HOH   HOH A . 
C 3 HOH   69 369 54  HOH   HOH A . 
C 3 HOH   70 370 83  HOH   HOH A . 
# 
loop_
_pdbx_unobs_or_zero_occ_atoms.id 
_pdbx_unobs_or_zero_occ_atoms.PDB_model_num 
_pdbx_unobs_or_zero_occ_atoms.polymer_flag 
_pdbx_unobs_or_zero_occ_atoms.occupancy_flag 
_pdbx_unobs_or_zero_occ_atoms.auth_asym_id 
_pdbx_unobs_or_zero_occ_atoms.auth_comp_id 
_pdbx_unobs_or_zero_occ_atoms.auth_seq_id 
_pdbx_unobs_or_zero_occ_atoms.PDB_ins_code 
_pdbx_unobs_or_zero_occ_atoms.auth_atom_id 
_pdbx_unobs_or_zero_occ_atoms.label_alt_id 
_pdbx_unobs_or_zero_occ_atoms.label_asym_id 
_pdbx_unobs_or_zero_occ_atoms.label_comp_id 
_pdbx_unobs_or_zero_occ_atoms.label_seq_id 
_pdbx_unobs_or_zero_occ_atoms.label_atom_id 
1  1 Y 1 A LYS 8   ? CD  ? A LYS 12  CD  
2  1 Y 1 A LYS 8   ? CE  ? A LYS 12  CE  
3  1 Y 1 A LYS 8   ? NZ  ? A LYS 12  NZ  
4  1 Y 1 A LYS 38  ? CD  ? A LYS 42  CD  
5  1 Y 1 A LYS 38  ? CE  ? A LYS 42  CE  
6  1 Y 1 A LYS 38  ? NZ  ? A LYS 42  NZ  
7  1 Y 1 A LYS 44  ? CD  ? A LYS 48  CD  
8  1 Y 1 A LYS 44  ? CE  ? A LYS 48  CE  
9  1 Y 1 A LYS 44  ? NZ  ? A LYS 48  NZ  
10 1 Y 1 A LYS 82  ? CD  ? A LYS 86  CD  
11 1 Y 1 A LYS 82  ? CE  ? A LYS 86  CE  
12 1 Y 1 A LYS 82  ? NZ  ? A LYS 86  NZ  
13 1 Y 1 A LYS 98  ? CD  ? A LYS 102 CD  
14 1 Y 1 A LYS 98  ? CE  ? A LYS 102 CE  
15 1 Y 1 A LYS 98  ? NZ  ? A LYS 102 NZ  
16 1 Y 1 A LYS 101 ? CD  ? A LYS 105 CD  
17 1 Y 1 A LYS 101 ? CE  ? A LYS 105 CE  
18 1 Y 1 A LYS 101 ? NZ  ? A LYS 105 NZ  
19 1 Y 1 A GLU 103 ? CG  ? A GLU 107 CG  
20 1 Y 1 A GLU 103 ? CD  ? A GLU 107 CD  
21 1 Y 1 A GLU 103 ? OE1 ? A GLU 107 OE1 
22 1 Y 1 A GLU 103 ? OE2 ? A GLU 107 OE2 
23 1 Y 1 A LYS 106 ? CE  ? A LYS 110 CE  
24 1 Y 1 A LYS 106 ? NZ  ? A LYS 110 NZ  
25 1 Y 1 A ASP 127 ? CG  ? A ASP 131 CG  
26 1 Y 1 A ASP 127 ? OD1 ? A ASP 131 OD1 
27 1 Y 1 A ASP 127 ? OD2 ? A ASP 131 OD2 
# 
loop_
_software.citation_id 
_software.classification 
_software.compiler_name 
_software.compiler_version 
_software.contact_author 
_software.contact_author_email 
_software.date 
_software.description 
_software.dependencies 
_software.hardware 
_software.language 
_software.location 
_software.mods 
_software.name 
_software.os 
_software.os_version 
_software.type 
_software.version 
_software.pdbx_ordinal 
? refinement       ? ? ? ? ? ? ? ? ? ? ? REFMAC ? ? ? 5.8.0267 1 
? 'data reduction' ? ? ? ? ? ? ? ? ? ? ? XDS    ? ? ? .        2 
? 'data scaling'   ? ? ? ? ? ? ? ? ? ? ? SCALA  ? ? ? .        3 
? phasing          ? ? ? ? ? ? ? ? ? ? ? MOLREP ? ? ? .        4 
# 
_cell.angle_alpha                  90.00 
_cell.angle_alpha_esd              ? 
_cell.angle_beta                   90.00 
_cell.angle_beta_esd               ? 
_cell.angle_gamma                  120.00 
_cell.angle_gamma_esd              ? 
_cell.entry_id                     9GVX 
_cell.details                      ? 
_cell.formula_units_Z              ? 
_cell.length_a                     58.305 
_cell.length_a_esd                 ? 
_cell.length_b                     58.305 
_cell.length_b_esd                 ? 
_cell.length_c                     101.735 
_cell.length_c_esd                 ? 
_cell.volume                       ? 
_cell.volume_esd                   ? 
_cell.Z_PDB                        6 
_cell.reciprocal_angle_alpha       ? 
_cell.reciprocal_angle_beta        ? 
_cell.reciprocal_angle_gamma       ? 
_cell.reciprocal_angle_alpha_esd   ? 
_cell.reciprocal_angle_beta_esd    ? 
_cell.reciprocal_angle_gamma_esd   ? 
_cell.reciprocal_length_a          ? 
_cell.reciprocal_length_b          ? 
_cell.reciprocal_length_c          ? 
_cell.reciprocal_length_a_esd      ? 
_cell.reciprocal_length_b_esd      ? 
_cell.reciprocal_length_c_esd      ? 
_cell.pdbx_unique_axis             ? 
_cell.pdbx_esd_method              ? 
# 
_symmetry.entry_id                         9GVX 
_symmetry.cell_setting                     ? 
_symmetry.Int_Tables_number                152 
_symmetry.space_group_name_Hall            ? 
_symmetry.space_group_name_H-M             'P 31 2 1' 
_symmetry.pdbx_full_space_group_name_H-M   ? 
# 
_exptl.absorpt_coefficient_mu     ? 
_exptl.absorpt_correction_T_max   ? 
_exptl.absorpt_correction_T_min   ? 
_exptl.absorpt_correction_type    ? 
_exptl.absorpt_process_details    ? 
_exptl.entry_id                   9GVX 
_exptl.crystals_number            1 
_exptl.details                    ? 
_exptl.method                     'X-RAY DIFFRACTION' 
_exptl.method_details             ? 
# 
_exptl_crystal.colour                       ? 
_exptl_crystal.density_diffrn               ? 
_exptl_crystal.density_Matthews             3.22 
_exptl_crystal.density_method               ? 
_exptl_crystal.density_percent_sol          61.77 
_exptl_crystal.description                  ? 
_exptl_crystal.F_000                        ? 
_exptl_crystal.id                           1 
_exptl_crystal.preparation                  ? 
_exptl_crystal.size_max                     ? 
_exptl_crystal.size_mid                     ? 
_exptl_crystal.size_min                     ? 
_exptl_crystal.size_rad                     ? 
_exptl_crystal.colour_lustre                ? 
_exptl_crystal.colour_modifier              ? 
_exptl_crystal.colour_primary               ? 
_exptl_crystal.density_meas                 ? 
_exptl_crystal.density_meas_esd             ? 
_exptl_crystal.density_meas_gt              ? 
_exptl_crystal.density_meas_lt              ? 
_exptl_crystal.density_meas_temp            ? 
_exptl_crystal.density_meas_temp_esd        ? 
_exptl_crystal.density_meas_temp_gt         ? 
_exptl_crystal.density_meas_temp_lt         ? 
_exptl_crystal.pdbx_crystal_image_url       ? 
_exptl_crystal.pdbx_crystal_image_format    ? 
_exptl_crystal.pdbx_mosaicity               ? 
_exptl_crystal.pdbx_mosaicity_esd           ? 
_exptl_crystal.pdbx_mosaic_method           ? 
_exptl_crystal.pdbx_mosaic_block_size       ? 
_exptl_crystal.pdbx_mosaic_block_size_esd   ? 
# 
_exptl_crystal_grow.apparatus       ? 
_exptl_crystal_grow.atmosphere      ? 
_exptl_crystal_grow.crystal_id      1 
_exptl_crystal_grow.details         ? 
_exptl_crystal_grow.method          'VAPOR DIFFUSION, SITTING DROP' 
_exptl_crystal_grow.method_ref      ? 
_exptl_crystal_grow.pH              7.0 
_exptl_crystal_grow.pressure        ? 
_exptl_crystal_grow.pressure_esd    ? 
_exptl_crystal_grow.seeding         ? 
_exptl_crystal_grow.seeding_ref     ? 
_exptl_crystal_grow.temp_details    ? 
_exptl_crystal_grow.temp_esd        ? 
_exptl_crystal_grow.time            ? 
_exptl_crystal_grow.pdbx_details    '0.2 M sodium malonate pH 7 and 20% w/v polyethylene glycol 3.350' 
_exptl_crystal_grow.pdbx_pH_range   ? 
_exptl_crystal_grow.temp            281 
# 
_diffrn.ambient_environment              ? 
_diffrn.ambient_temp                     100 
_diffrn.ambient_temp_details             ? 
_diffrn.ambient_temp_esd                 ? 
_diffrn.crystal_id                       1 
_diffrn.crystal_support                  ? 
_diffrn.crystal_treatment                ? 
_diffrn.details                          ? 
_diffrn.id                               1 
_diffrn.ambient_pressure                 ? 
_diffrn.ambient_pressure_esd             ? 
_diffrn.ambient_pressure_gt              ? 
_diffrn.ambient_pressure_lt              ? 
_diffrn.ambient_temp_gt                  ? 
_diffrn.ambient_temp_lt                  ? 
_diffrn.pdbx_serial_crystal_experiment   N 
# 
_diffrn_detector.details                      ? 
_diffrn_detector.detector                     PIXEL 
_diffrn_detector.diffrn_id                    1 
_diffrn_detector.type                         'DECTRIS EIGER2 XE 16M' 
_diffrn_detector.area_resol_mean              ? 
_diffrn_detector.dtime                        ? 
_diffrn_detector.pdbx_frames_total            ? 
_diffrn_detector.pdbx_collection_time_total   ? 
_diffrn_detector.pdbx_collection_date         2022-02-09 
_diffrn_detector.pdbx_frequency               ? 
_diffrn_detector.id                           ? 
_diffrn_detector.number_of_axes               ? 
# 
_diffrn_radiation.collimation                      ? 
_diffrn_radiation.diffrn_id                        1 
_diffrn_radiation.filter_edge                      ? 
_diffrn_radiation.inhomogeneity                    ? 
_diffrn_radiation.monochromator                    'Si(111)' 
_diffrn_radiation.polarisn_norm                    ? 
_diffrn_radiation.polarisn_ratio                   ? 
_diffrn_radiation.probe                            ? 
_diffrn_radiation.type                             ? 
_diffrn_radiation.xray_symbol                      ? 
_diffrn_radiation.wavelength_id                    1 
_diffrn_radiation.pdbx_monochromatic_or_laue_m_l   M 
_diffrn_radiation.pdbx_wavelength_list             ? 
_diffrn_radiation.pdbx_wavelength                  ? 
_diffrn_radiation.pdbx_diffrn_protocol             'SINGLE WAVELENGTH' 
_diffrn_radiation.pdbx_analyzer                    ? 
_diffrn_radiation.pdbx_scattering_type             x-ray 
# 
_diffrn_radiation_wavelength.id           1 
_diffrn_radiation_wavelength.wavelength   0.97949 
_diffrn_radiation_wavelength.wt           1.0 
# 
_diffrn_source.current                     ? 
_diffrn_source.details                     ? 
_diffrn_source.diffrn_id                   1 
_diffrn_source.power                       ? 
_diffrn_source.size                        ? 
_diffrn_source.source                      SYNCHROTRON 
_diffrn_source.target                      ? 
_diffrn_source.type                        'DIAMOND BEAMLINE I04' 
_diffrn_source.voltage                     ? 
_diffrn_source.take-off_angle              ? 
_diffrn_source.pdbx_wavelength_list        0.97949 
_diffrn_source.pdbx_wavelength             ? 
_diffrn_source.pdbx_synchrotron_beamline   I04 
_diffrn_source.pdbx_synchrotron_site       Diamond 
# 
_reflns.B_iso_Wilson_estimate                          48.5 
_reflns.entry_id                                       9GVX 
_reflns.data_reduction_details                         ? 
_reflns.data_reduction_method                          ? 
_reflns.d_resolution_high                              2.10 
_reflns.d_resolution_low                               101.74 
_reflns.details                                        ? 
_reflns.limit_h_max                                    ? 
_reflns.limit_h_min                                    ? 
_reflns.limit_k_max                                    ? 
_reflns.limit_k_min                                    ? 
_reflns.limit_l_max                                    ? 
_reflns.limit_l_min                                    ? 
_reflns.number_all                                     ? 
_reflns.number_obs                                     12211 
_reflns.observed_criterion                             ? 
_reflns.observed_criterion_F_max                       ? 
_reflns.observed_criterion_F_min                       ? 
_reflns.observed_criterion_I_max                       ? 
_reflns.observed_criterion_I_min                       ? 
_reflns.observed_criterion_sigma_F                     ? 
_reflns.observed_criterion_sigma_I                     ? 
_reflns.percent_possible_obs                           100.0 
_reflns.R_free_details                                 ? 
_reflns.Rmerge_F_all                                   ? 
_reflns.Rmerge_F_obs                                   ? 
_reflns.Friedel_coverage                               ? 
_reflns.number_gt                                      ? 
_reflns.threshold_expression                           ? 
_reflns.pdbx_redundancy                                6.7 
_reflns.pdbx_netI_over_av_sigmaI                       ? 
_reflns.pdbx_netI_over_sigmaI                          14.7 
_reflns.pdbx_res_netI_over_av_sigmaI_2                 ? 
_reflns.pdbx_res_netI_over_sigmaI_2                    ? 
_reflns.pdbx_chi_squared                               ? 
_reflns.pdbx_scaling_rejects                           ? 
_reflns.pdbx_d_res_high_opt                            ? 
_reflns.pdbx_d_res_low_opt                             ? 
_reflns.pdbx_d_res_opt_method                          ? 
_reflns.phase_calculation_details                      ? 
_reflns.pdbx_Rrim_I_all                                0.065 
_reflns.pdbx_Rpim_I_all                                0.025 
_reflns.pdbx_d_opt                                     ? 
_reflns.pdbx_number_measured_all                       ? 
_reflns.pdbx_diffrn_id                                 1 
_reflns.pdbx_ordinal                                   1 
_reflns.pdbx_CC_half                                   0.999 
_reflns.pdbx_CC_star                                   ? 
_reflns.pdbx_R_split                                   ? 
_reflns.pdbx_Rmerge_I_obs                              0.060 
_reflns.pdbx_Rmerge_I_all                              ? 
_reflns.pdbx_Rsym_value                                ? 
_reflns.pdbx_CC_split_method                           ? 
_reflns.pdbx_aniso_diffraction_limit_axis_1_ortho[1]   ? 
_reflns.pdbx_aniso_diffraction_limit_axis_1_ortho[2]   ? 
_reflns.pdbx_aniso_diffraction_limit_axis_1_ortho[3]   ? 
_reflns.pdbx_aniso_diffraction_limit_axis_2_ortho[1]   ? 
_reflns.pdbx_aniso_diffraction_limit_axis_2_ortho[2]   ? 
_reflns.pdbx_aniso_diffraction_limit_axis_2_ortho[3]   ? 
_reflns.pdbx_aniso_diffraction_limit_axis_3_ortho[1]   ? 
_reflns.pdbx_aniso_diffraction_limit_axis_3_ortho[2]   ? 
_reflns.pdbx_aniso_diffraction_limit_axis_3_ortho[3]   ? 
_reflns.pdbx_aniso_diffraction_limit_1                 ? 
_reflns.pdbx_aniso_diffraction_limit_2                 ? 
_reflns.pdbx_aniso_diffraction_limit_3                 ? 
_reflns.pdbx_aniso_B_tensor_eigenvector_1_ortho[1]     ? 
_reflns.pdbx_aniso_B_tensor_eigenvector_1_ortho[2]     ? 
_reflns.pdbx_aniso_B_tensor_eigenvector_1_ortho[3]     ? 
_reflns.pdbx_aniso_B_tensor_eigenvector_2_ortho[1]     ? 
_reflns.pdbx_aniso_B_tensor_eigenvector_2_ortho[2]     ? 
_reflns.pdbx_aniso_B_tensor_eigenvector_2_ortho[3]     ? 
_reflns.pdbx_aniso_B_tensor_eigenvector_3_ortho[1]     ? 
_reflns.pdbx_aniso_B_tensor_eigenvector_3_ortho[2]     ? 
_reflns.pdbx_aniso_B_tensor_eigenvector_3_ortho[3]     ? 
_reflns.pdbx_aniso_B_tensor_eigenvalue_1               ? 
_reflns.pdbx_aniso_B_tensor_eigenvalue_2               ? 
_reflns.pdbx_aniso_B_tensor_eigenvalue_3               ? 
_reflns.pdbx_orthogonalization_convention              ? 
_reflns.pdbx_percent_possible_ellipsoidal              ? 
_reflns.pdbx_percent_possible_spherical                ? 
_reflns.pdbx_percent_possible_ellipsoidal_anomalous    ? 
_reflns.pdbx_percent_possible_spherical_anomalous      ? 
_reflns.pdbx_redundancy_anomalous                      ? 
_reflns.pdbx_CC_half_anomalous                         ? 
_reflns.pdbx_absDiff_over_sigma_anomalous              ? 
_reflns.pdbx_percent_possible_anomalous                ? 
_reflns.pdbx_observed_signal_threshold                 ? 
_reflns.pdbx_signal_type                               ? 
_reflns.pdbx_signal_details                            ? 
_reflns.pdbx_signal_software_id                        ? 
# 
_reflns_shell.d_res_high                                    2.10 
_reflns_shell.d_res_low                                     2.21 
_reflns_shell.meanI_over_sigI_all                           ? 
_reflns_shell.meanI_over_sigI_obs                           2.3 
_reflns_shell.number_measured_all                           ? 
_reflns_shell.number_measured_obs                           ? 
_reflns_shell.number_possible                               ? 
_reflns_shell.number_unique_all                             ? 
_reflns_shell.number_unique_obs                             1716 
_reflns_shell.percent_possible_obs                          ? 
_reflns_shell.Rmerge_F_all                                  ? 
_reflns_shell.Rmerge_F_obs                                  ? 
_reflns_shell.meanI_over_sigI_gt                            ? 
_reflns_shell.meanI_over_uI_all                             ? 
_reflns_shell.meanI_over_uI_gt                              ? 
_reflns_shell.number_measured_gt                            ? 
_reflns_shell.number_unique_gt                              ? 
_reflns_shell.percent_possible_gt                           ? 
_reflns_shell.Rmerge_F_gt                                   ? 
_reflns_shell.Rmerge_I_gt                                   ? 
_reflns_shell.pdbx_redundancy                               6.8 
_reflns_shell.pdbx_chi_squared                              ? 
_reflns_shell.pdbx_netI_over_sigmaI_all                     ? 
_reflns_shell.pdbx_netI_over_sigmaI_obs                     ? 
_reflns_shell.pdbx_Rrim_I_all                               0.905 
_reflns_shell.pdbx_Rpim_I_all                               0.341 
_reflns_shell.pdbx_rejects                                  ? 
_reflns_shell.pdbx_ordinal                                  1 
_reflns_shell.pdbx_diffrn_id                                1 
_reflns_shell.pdbx_CC_half                                  0.852 
_reflns_shell.pdbx_CC_star                                  ? 
_reflns_shell.pdbx_R_split                                  ? 
_reflns_shell.percent_possible_all                          100.0 
_reflns_shell.Rmerge_I_all                                  ? 
_reflns_shell.Rmerge_I_obs                                  0.836 
_reflns_shell.pdbx_Rsym_value                               ? 
_reflns_shell.pdbx_percent_possible_ellipsoidal             ? 
_reflns_shell.pdbx_percent_possible_spherical               ? 
_reflns_shell.pdbx_percent_possible_ellipsoidal_anomalous   ? 
_reflns_shell.pdbx_percent_possible_spherical_anomalous     ? 
_reflns_shell.pdbx_redundancy_anomalous                     ? 
_reflns_shell.pdbx_CC_half_anomalous                        ? 
_reflns_shell.pdbx_absDiff_over_sigma_anomalous             ? 
_reflns_shell.pdbx_percent_possible_anomalous               ? 
# 
_refine.aniso_B[1][1]                            -0.01 
_refine.aniso_B[1][2]                            -0.00 
_refine.aniso_B[1][3]                            -0.00 
_refine.aniso_B[2][2]                            -0.01 
_refine.aniso_B[2][3]                            0.00 
_refine.aniso_B[3][3]                            0.03 
_refine.B_iso_max                                ? 
_refine.B_iso_mean                               55.545 
_refine.B_iso_min                                ? 
_refine.correlation_coeff_Fo_to_Fc               0.963 
_refine.correlation_coeff_Fo_to_Fc_free          0.947 
_refine.details                                  ? 
_refine.diff_density_max                         ? 
_refine.diff_density_max_esd                     ? 
_refine.diff_density_min                         ? 
_refine.diff_density_min_esd                     ? 
_refine.diff_density_rms                         ? 
_refine.diff_density_rms_esd                     ? 
_refine.entry_id                                 9GVX 
_refine.pdbx_refine_id                           'X-RAY DIFFRACTION' 
_refine.ls_abs_structure_details                 ? 
_refine.ls_abs_structure_Flack                   ? 
_refine.ls_abs_structure_Flack_esd               ? 
_refine.ls_abs_structure_Rogers                  ? 
_refine.ls_abs_structure_Rogers_esd              ? 
_refine.ls_d_res_high                            2.10 
_refine.ls_d_res_low                             45.27 
_refine.ls_extinction_coef                       ? 
_refine.ls_extinction_coef_esd                   ? 
_refine.ls_extinction_expression                 ? 
_refine.ls_extinction_method                     ? 
_refine.ls_goodness_of_fit_all                   ? 
_refine.ls_goodness_of_fit_all_esd               ? 
_refine.ls_goodness_of_fit_obs                   ? 
_refine.ls_goodness_of_fit_obs_esd               ? 
_refine.ls_hydrogen_treatment                    ? 
_refine.ls_matrix_type                           ? 
_refine.ls_number_constraints                    ? 
_refine.ls_number_parameters                     ? 
_refine.ls_number_reflns_all                     ? 
_refine.ls_number_reflns_obs                     11576 
_refine.ls_number_reflns_R_free                  601 
_refine.ls_number_reflns_R_work                  ? 
_refine.ls_number_restraints                     ? 
_refine.ls_percent_reflns_obs                    99.97 
_refine.ls_percent_reflns_R_free                 4.9 
_refine.ls_R_factor_all                          ? 
_refine.ls_R_factor_obs                          0.20361 
_refine.ls_R_factor_R_free                       0.25401 
_refine.ls_R_factor_R_free_error                 ? 
_refine.ls_R_factor_R_free_error_details         ? 
_refine.ls_R_factor_R_work                       0.20115 
_refine.ls_R_Fsqd_factor_obs                     ? 
_refine.ls_R_I_factor_obs                        ? 
_refine.ls_redundancy_reflns_all                 ? 
_refine.ls_redundancy_reflns_obs                 ? 
_refine.ls_restrained_S_all                      ? 
_refine.ls_restrained_S_obs                      ? 
_refine.ls_shift_over_esd_max                    ? 
_refine.ls_shift_over_esd_mean                   ? 
_refine.ls_structure_factor_coef                 ? 
_refine.ls_weighting_details                     ? 
_refine.ls_weighting_scheme                      ? 
_refine.ls_wR_factor_all                         ? 
_refine.ls_wR_factor_obs                         ? 
_refine.ls_wR_factor_R_free                      ? 
_refine.ls_wR_factor_R_work                      ? 
_refine.occupancy_max                            ? 
_refine.occupancy_min                            ? 
_refine.solvent_model_details                    MASK 
_refine.solvent_model_param_bsol                 ? 
_refine.solvent_model_param_ksol                 ? 
_refine.pdbx_R_complete                          ? 
_refine.ls_R_factor_gt                           ? 
_refine.ls_goodness_of_fit_gt                    ? 
_refine.ls_goodness_of_fit_ref                   ? 
_refine.ls_shift_over_su_max                     ? 
_refine.ls_shift_over_su_max_lt                  ? 
_refine.ls_shift_over_su_mean                    ? 
_refine.ls_shift_over_su_mean_lt                 ? 
_refine.pdbx_ls_sigma_I                          ? 
_refine.pdbx_ls_sigma_F                          ? 
_refine.pdbx_ls_sigma_Fsqd                       ? 
_refine.pdbx_data_cutoff_high_absF               ? 
_refine.pdbx_data_cutoff_high_rms_absF           ? 
_refine.pdbx_data_cutoff_low_absF                ? 
_refine.pdbx_isotropic_thermal_model             ? 
_refine.pdbx_ls_cross_valid_method               THROUGHOUT 
_refine.pdbx_method_to_determine_struct          'MOLECULAR REPLACEMENT' 
_refine.pdbx_starting_model                      ? 
_refine.pdbx_stereochemistry_target_values       'MAXIMUM LIKELIHOOD' 
_refine.pdbx_R_Free_selection_details            RANDOM 
_refine.pdbx_stereochem_target_val_spec_case     ? 
_refine.pdbx_overall_ESU_R                       0.176 
_refine.pdbx_overall_ESU_R_Free                  0.172 
_refine.pdbx_solvent_vdw_probe_radii             1.20 
_refine.pdbx_solvent_ion_probe_radii             0.80 
_refine.pdbx_solvent_shrinkage_radii             0.80 
_refine.pdbx_real_space_R                        ? 
_refine.pdbx_density_correlation                 ? 
_refine.pdbx_pd_number_of_powder_patterns        ? 
_refine.pdbx_pd_number_of_points                 ? 
_refine.pdbx_pd_meas_number_of_points            ? 
_refine.pdbx_pd_proc_ls_prof_R_factor            ? 
_refine.pdbx_pd_proc_ls_prof_wR_factor           ? 
_refine.pdbx_pd_Marquardt_correlation_coeff      ? 
_refine.pdbx_pd_Fsqrd_R_factor                   ? 
_refine.pdbx_pd_ls_matrix_band_width             ? 
_refine.pdbx_overall_phase_error                 ? 
_refine.pdbx_overall_SU_R_free_Cruickshank_DPI   ? 
_refine.pdbx_overall_SU_R_free_Blow_DPI          ? 
_refine.pdbx_overall_SU_R_Blow_DPI               ? 
_refine.pdbx_TLS_residual_ADP_flag               ? 
_refine.pdbx_diffrn_id                           1 
_refine.overall_SU_B                             6.155 
_refine.overall_SU_ML                            0.152 
_refine.overall_SU_R_Cruickshank_DPI             ? 
_refine.overall_SU_R_free                        ? 
_refine.overall_FOM_free_R_set                   ? 
_refine.overall_FOM_work_R_set                   ? 
_refine.pdbx_average_fsc_overall                 ? 
_refine.pdbx_average_fsc_work                    ? 
_refine.pdbx_average_fsc_free                    ? 
# 
_refine_analyze.entry_id                        9GVX 
_refine_analyze.pdbx_refine_id                  'X-RAY DIFFRACTION' 
_refine_analyze.Luzzati_coordinate_error_free   ? 
_refine_analyze.Luzzati_coordinate_error_obs    0.2954 
_refine_analyze.Luzzati_d_res_low_free          ? 
_refine_analyze.Luzzati_d_res_low_obs           ? 
_refine_analyze.Luzzati_sigma_a_free            ? 
_refine_analyze.Luzzati_sigma_a_free_details    ? 
_refine_analyze.Luzzati_sigma_a_obs             ? 
_refine_analyze.Luzzati_sigma_a_obs_details     ? 
_refine_analyze.number_disordered_residues      ? 
_refine_analyze.occupancy_sum_hydrogen          ? 
_refine_analyze.occupancy_sum_non_hydrogen      ? 
_refine_analyze.RG_d_res_high                   ? 
_refine_analyze.RG_d_res_low                    ? 
_refine_analyze.RG_free                         ? 
_refine_analyze.RG_work                         ? 
_refine_analyze.RG_free_work_ratio              ? 
_refine_analyze.pdbx_Luzzati_d_res_high_obs     ? 
# 
_refine_hist.pdbx_refine_id                   'X-RAY DIFFRACTION' 
_refine_hist.cycle_id                         1 
_refine_hist.details                          ? 
_refine_hist.d_res_high                       2.10 
_refine_hist.d_res_low                        45.27 
_refine_hist.number_atoms_solvent             70 
_refine_hist.number_atoms_total               1158 
_refine_hist.number_reflns_all                ? 
_refine_hist.number_reflns_obs                ? 
_refine_hist.number_reflns_R_free             ? 
_refine_hist.number_reflns_R_work             ? 
_refine_hist.R_factor_all                     ? 
_refine_hist.R_factor_obs                     ? 
_refine_hist.R_factor_R_free                  ? 
_refine_hist.R_factor_R_work                  ? 
_refine_hist.pdbx_number_residues_total       ? 
_refine_hist.pdbx_B_iso_mean_ligand           ? 
_refine_hist.pdbx_B_iso_mean_solvent          ? 
_refine_hist.pdbx_number_atoms_protein        1073 
_refine_hist.pdbx_number_atoms_nucleic_acid   0 
_refine_hist.pdbx_number_atoms_ligand         15 
_refine_hist.pdbx_number_atoms_lipid          ? 
_refine_hist.pdbx_number_atoms_carb           ? 
_refine_hist.pdbx_pseudo_atom_details         ? 
# 
loop_
_refine_ls_restr.pdbx_refine_id 
_refine_ls_restr.criterion 
_refine_ls_restr.dev_ideal 
_refine_ls_restr.dev_ideal_target 
_refine_ls_restr.number 
_refine_ls_restr.rejects 
_refine_ls_restr.type 
_refine_ls_restr.weight 
_refine_ls_restr.pdbx_restraint_function 
'X-RAY DIFFRACTION' ? 0.007  0.012  1115 ? r_bond_refined_d             ? ? 
'X-RAY DIFFRACTION' ? ?      ?      ?    ? r_bond_other_d               ? ? 
'X-RAY DIFFRACTION' ? 1.634  1.657  1510 ? r_angle_refined_deg          ? ? 
'X-RAY DIFFRACTION' ? ?      ?      ?    ? r_angle_other_deg            ? ? 
'X-RAY DIFFRACTION' ? 7.562  5.000  139  ? r_dihedral_angle_1_deg       ? ? 
'X-RAY DIFFRACTION' ? 31.827 23.962 53   ? r_dihedral_angle_2_deg       ? ? 
'X-RAY DIFFRACTION' ? 17.769 15.000 197  ? r_dihedral_angle_3_deg       ? ? 
'X-RAY DIFFRACTION' ? 14.048 15.000 5    ? r_dihedral_angle_4_deg       ? ? 
'X-RAY DIFFRACTION' ? 0.115  0.200  150  ? r_chiral_restr               ? ? 
'X-RAY DIFFRACTION' ? 0.009  0.020  833  ? r_gen_planes_refined         ? ? 
'X-RAY DIFFRACTION' ? ?      ?      ?    ? r_gen_planes_other           ? ? 
'X-RAY DIFFRACTION' ? ?      ?      ?    ? r_nbd_refined                ? ? 
'X-RAY DIFFRACTION' ? ?      ?      ?    ? r_nbd_other                  ? ? 
'X-RAY DIFFRACTION' ? ?      ?      ?    ? r_nbtor_refined              ? ? 
'X-RAY DIFFRACTION' ? ?      ?      ?    ? r_nbtor_other                ? ? 
'X-RAY DIFFRACTION' ? ?      ?      ?    ? r_xyhbond_nbd_refined        ? ? 
'X-RAY DIFFRACTION' ? ?      ?      ?    ? r_xyhbond_nbd_other          ? ? 
'X-RAY DIFFRACTION' ? ?      ?      ?    ? r_metal_ion_refined          ? ? 
'X-RAY DIFFRACTION' ? ?      ?      ?    ? r_metal_ion_other            ? ? 
'X-RAY DIFFRACTION' ? ?      ?      ?    ? r_symmetry_vdw_refined       ? ? 
'X-RAY DIFFRACTION' ? ?      ?      ?    ? r_symmetry_vdw_other         ? ? 
'X-RAY DIFFRACTION' ? ?      ?      ?    ? r_symmetry_hbond_refined     ? ? 
'X-RAY DIFFRACTION' ? ?      ?      ?    ? r_symmetry_hbond_other       ? ? 
'X-RAY DIFFRACTION' ? ?      ?      ?    ? r_symmetry_metal_ion_refined ? ? 
'X-RAY DIFFRACTION' ? ?      ?      ?    ? r_symmetry_metal_ion_other   ? ? 
'X-RAY DIFFRACTION' ? 4.582  5.350  553  ? r_mcbond_it                  ? ? 
'X-RAY DIFFRACTION' ? ?      ?      ?    ? r_mcbond_other               ? ? 
'X-RAY DIFFRACTION' ? 5.979  7.991  690  ? r_mcangle_it                 ? ? 
'X-RAY DIFFRACTION' ? ?      ?      ?    ? r_mcangle_other              ? ? 
'X-RAY DIFFRACTION' ? 6.623  5.822  561  ? r_scbond_it                  ? ? 
'X-RAY DIFFRACTION' ? ?      ?      ?    ? r_scbond_other               ? ? 
'X-RAY DIFFRACTION' ? ?      ?      ?    ? r_scangle_it                 ? ? 
'X-RAY DIFFRACTION' ? ?      ?      ?    ? r_scangle_other              ? ? 
'X-RAY DIFFRACTION' ? 10.451 72.602 1649 ? r_long_range_B_refined       ? ? 
'X-RAY DIFFRACTION' ? ?      ?      ?    ? r_long_range_B_other         ? ? 
'X-RAY DIFFRACTION' ? ?      ?      ?    ? r_rigid_bond_restr           ? ? 
'X-RAY DIFFRACTION' ? ?      ?      ?    ? r_sphericity_free            ? ? 
'X-RAY DIFFRACTION' ? ?      ?      ?    ? r_sphericity_bonded          ? ? 
# 
_refine_ls_shell.pdbx_refine_id                   'X-RAY DIFFRACTION' 
_refine_ls_shell.d_res_high                       2.100 
_refine_ls_shell.d_res_low                        2.155 
_refine_ls_shell.number_reflns_all                ? 
_refine_ls_shell.number_reflns_obs                ? 
_refine_ls_shell.number_reflns_R_free             48 
_refine_ls_shell.number_reflns_R_work             824 
_refine_ls_shell.percent_reflns_obs               100.00 
_refine_ls_shell.percent_reflns_R_free            ? 
_refine_ls_shell.R_factor_all                     ? 
_refine_ls_shell.R_factor_obs                     ? 
_refine_ls_shell.R_factor_R_free_error            ? 
_refine_ls_shell.R_factor_R_work                  0.324 
_refine_ls_shell.redundancy_reflns_all            ? 
_refine_ls_shell.redundancy_reflns_obs            ? 
_refine_ls_shell.wR_factor_all                    ? 
_refine_ls_shell.wR_factor_obs                    ? 
_refine_ls_shell.wR_factor_R_free                 ? 
_refine_ls_shell.wR_factor_R_work                 ? 
_refine_ls_shell.pdbx_R_complete                  ? 
_refine_ls_shell.pdbx_total_number_of_bins_used   20 
_refine_ls_shell.pdbx_phase_error                 ? 
_refine_ls_shell.pdbx_fsc_work                    ? 
_refine_ls_shell.pdbx_fsc_free                    ? 
_refine_ls_shell.R_factor_R_free                  0.381 
# 
_struct.entry_id                     9GVX 
_struct.title                        
'M2 mutant (R111K:Y134F:T54V:R132Q:P39Y:R59Y) of human cellular retinoic acid binding protein II - 1e conjugate' 
_struct.pdbx_model_details           ? 
_struct.pdbx_formula_weight          ? 
_struct.pdbx_formula_weight_method   ? 
_struct.pdbx_model_type_details      ? 
_struct.pdbx_CASP_flag               N 
# 
_struct_keywords.entry_id        9GVX 
_struct_keywords.text            
'human cellular retinoic acid binding protein II, hCRABPII, conjugate, chromophore, M2, TRANSPORT PROTEIN' 
_struct_keywords.pdbx_keywords   'TRANSPORT PROTEIN' 
# 
loop_
_struct_asym.id 
_struct_asym.pdbx_blank_PDB_chainid_flag 
_struct_asym.pdbx_modified 
_struct_asym.entity_id 
_struct_asym.details 
A N N 1 ? 
B N N 2 ? 
C N N 3 ? 
# 
_struct_ref.id                         1 
_struct_ref.db_name                    UNP 
_struct_ref.db_code                    RABP2_HUMAN 
_struct_ref.pdbx_db_accession          P29373 
_struct_ref.pdbx_db_isoform            ? 
_struct_ref.entity_id                  1 
_struct_ref.pdbx_seq_one_letter_code   
;MPNFSGNWKIIRSENFEELLKVLGVNVMLRKIAVAAASKPAVEIKQEGDTFYIKTSTTVRTTEINFKVGEEFEEQTVDGR
PCKSLVKWESENKMVCEQKLLKGEGPKTSWTRELTNDGELILTMTADDVVCTRVYVRE
;
_struct_ref.pdbx_align_begin           1 
# 
_struct_ref_seq.align_id                      1 
_struct_ref_seq.ref_id                        1 
_struct_ref_seq.pdbx_PDB_id_code              9GVX 
_struct_ref_seq.pdbx_strand_id                A 
_struct_ref_seq.seq_align_beg                 4 
_struct_ref_seq.pdbx_seq_align_beg_ins_code   ? 
_struct_ref_seq.seq_align_end                 141 
_struct_ref_seq.pdbx_seq_align_end_ins_code   ? 
_struct_ref_seq.pdbx_db_accession             P29373 
_struct_ref_seq.db_align_beg                  1 
_struct_ref_seq.pdbx_db_align_beg_ins_code    ? 
_struct_ref_seq.db_align_end                  138 
_struct_ref_seq.pdbx_db_align_end_ins_code    ? 
_struct_ref_seq.pdbx_auth_seq_align_beg       0 
_struct_ref_seq.pdbx_auth_seq_align_end       137 
# 
loop_
_struct_ref_seq_dif.align_id 
_struct_ref_seq_dif.pdbx_pdb_id_code 
_struct_ref_seq_dif.mon_id 
_struct_ref_seq_dif.pdbx_pdb_strand_id 
_struct_ref_seq_dif.seq_num 
_struct_ref_seq_dif.pdbx_pdb_ins_code 
_struct_ref_seq_dif.pdbx_seq_db_name 
_struct_ref_seq_dif.pdbx_seq_db_accession_code 
_struct_ref_seq_dif.db_mon_id 
_struct_ref_seq_dif.pdbx_seq_db_seq_num 
_struct_ref_seq_dif.details 
_struct_ref_seq_dif.pdbx_auth_seq_num 
_struct_ref_seq_dif.pdbx_ordinal 
1 9GVX GLY A 1   ? UNP P29373 ?   ?   'expression tag'      -3  1 
1 9GVX SER A 2   ? UNP P29373 ?   ?   'expression tag'      -2  2 
1 9GVX HIS A 3   ? UNP P29373 ?   ?   'expression tag'      -1  3 
1 9GVX TYR A 43  ? UNP P29373 PRO 40  'engineered mutation' 39  4 
1 9GVX VAL A 58  ? UNP P29373 THR 55  'engineered mutation' 54  5 
1 9GVX TYR A 63  ? UNP P29373 ARG 60  'engineered mutation' 59  6 
1 9GVX LYS A 115 ? UNP P29373 ARG 112 'engineered mutation' 111 7 
1 9GVX GLN A 136 ? UNP P29373 ARG 133 'engineered mutation' 132 8 
1 9GVX PHE A 138 ? UNP P29373 TYR 135 'engineered mutation' 134 9 
# 
_pdbx_struct_assembly.id                   1 
_pdbx_struct_assembly.details              author_and_software_defined_assembly 
_pdbx_struct_assembly.method_details       PISA 
_pdbx_struct_assembly.oligomeric_details   monomeric 
_pdbx_struct_assembly.oligomeric_count     1 
# 
loop_
_pdbx_struct_assembly_prop.biol_id 
_pdbx_struct_assembly_prop.type 
_pdbx_struct_assembly_prop.value 
_pdbx_struct_assembly_prop.details 
1 'ABSA (A^2)' 500  ? 
1 MORE         -2   ? 
1 'SSA (A^2)'  7680 ? 
# 
_pdbx_struct_assembly_gen.assembly_id       1 
_pdbx_struct_assembly_gen.oper_expression   1 
_pdbx_struct_assembly_gen.asym_id_list      A,B,C 
# 
_pdbx_struct_assembly_auth_evidence.id                     1 
_pdbx_struct_assembly_auth_evidence.assembly_id            1 
_pdbx_struct_assembly_auth_evidence.experimental_support   'gel filtration' 
_pdbx_struct_assembly_auth_evidence.details                ? 
# 
_pdbx_struct_oper_list.id                   1 
_pdbx_struct_oper_list.type                 'identity operation' 
_pdbx_struct_oper_list.name                 1_555 
_pdbx_struct_oper_list.symmetry_operation   x,y,z 
_pdbx_struct_oper_list.matrix[1][1]         1.0000000000 
_pdbx_struct_oper_list.matrix[1][2]         0.0000000000 
_pdbx_struct_oper_list.matrix[1][3]         0.0000000000 
_pdbx_struct_oper_list.vector[1]            0.0000000000 
_pdbx_struct_oper_list.matrix[2][1]         0.0000000000 
_pdbx_struct_oper_list.matrix[2][2]         1.0000000000 
_pdbx_struct_oper_list.matrix[2][3]         0.0000000000 
_pdbx_struct_oper_list.vector[2]            0.0000000000 
_pdbx_struct_oper_list.matrix[3][1]         0.0000000000 
_pdbx_struct_oper_list.matrix[3][2]         0.0000000000 
_pdbx_struct_oper_list.matrix[3][3]         1.0000000000 
_pdbx_struct_oper_list.vector[3]            0.0000000000 
# 
loop_
_struct_conf.conf_type_id 
_struct_conf.id 
_struct_conf.pdbx_PDB_helix_id 
_struct_conf.beg_label_comp_id 
_struct_conf.beg_label_asym_id 
_struct_conf.beg_label_seq_id 
_struct_conf.pdbx_beg_PDB_ins_code 
_struct_conf.end_label_comp_id 
_struct_conf.end_label_asym_id 
_struct_conf.end_label_seq_id 
_struct_conf.pdbx_end_PDB_ins_code 
_struct_conf.beg_auth_comp_id 
_struct_conf.beg_auth_asym_id 
_struct_conf.beg_auth_seq_id 
_struct_conf.end_auth_comp_id 
_struct_conf.end_auth_asym_id 
_struct_conf.end_auth_seq_id 
_struct_conf.pdbx_PDB_helix_class 
_struct_conf.details 
_struct_conf.pdbx_PDB_helix_length 
HELX_P HELX_P1 AA1 ASN A 18 ? LEU A 26 ? ASN A 14 LEU A 22 1 ? 9  
HELX_P HELX_P2 AA2 ASN A 29 ? ALA A 40 ? ASN A 25 ALA A 36 1 ? 12 
# 
_struct_conf_type.id          HELX_P 
_struct_conf_type.criteria    ? 
_struct_conf_type.reference   ? 
# 
_struct_conn.id                            covale1 
_struct_conn.conn_type_id                  covale 
_struct_conn.pdbx_leaving_atom_flag        none 
_struct_conn.pdbx_PDB_id                   ? 
_struct_conn.ptnr1_label_asym_id           A 
_struct_conn.ptnr1_label_comp_id           LYS 
_struct_conn.ptnr1_label_seq_id            115 
_struct_conn.ptnr1_label_atom_id           NZ 
_struct_conn.pdbx_ptnr1_label_alt_id       ? 
_struct_conn.pdbx_ptnr1_PDB_ins_code       ? 
_struct_conn.pdbx_ptnr1_standard_comp_id   ? 
_struct_conn.ptnr1_symmetry                1_555 
_struct_conn.ptnr2_label_asym_id           B 
_struct_conn.ptnr2_label_comp_id           A1IQZ 
_struct_conn.ptnr2_label_seq_id            . 
_struct_conn.ptnr2_label_atom_id           CAI 
_struct_conn.pdbx_ptnr2_label_alt_id       ? 
_struct_conn.pdbx_ptnr2_PDB_ins_code       ? 
_struct_conn.ptnr1_auth_asym_id            A 
_struct_conn.ptnr1_auth_comp_id            LYS 
_struct_conn.ptnr1_auth_seq_id             111 
_struct_conn.ptnr2_auth_asym_id            A 
_struct_conn.ptnr2_auth_comp_id            A1IQZ 
_struct_conn.ptnr2_auth_seq_id             201 
_struct_conn.ptnr2_symmetry                1_555 
_struct_conn.pdbx_ptnr3_label_atom_id      ? 
_struct_conn.pdbx_ptnr3_label_seq_id       ? 
_struct_conn.pdbx_ptnr3_label_comp_id      ? 
_struct_conn.pdbx_ptnr3_label_asym_id      ? 
_struct_conn.pdbx_ptnr3_label_alt_id       ? 
_struct_conn.pdbx_ptnr3_PDB_ins_code       ? 
_struct_conn.details                       ? 
_struct_conn.pdbx_dist_value               1.435 
_struct_conn.pdbx_value_order              ? 
_struct_conn.pdbx_role                     ? 
# 
_struct_conn_type.id          covale 
_struct_conn_type.criteria    ? 
_struct_conn_type.reference   ? 
# 
_pdbx_modification_feature.ordinal                            1 
_pdbx_modification_feature.label_comp_id                      A1IQZ 
_pdbx_modification_feature.label_asym_id                      B 
_pdbx_modification_feature.label_seq_id                       . 
_pdbx_modification_feature.label_alt_id                       ? 
_pdbx_modification_feature.modified_residue_label_comp_id     LYS 
_pdbx_modification_feature.modified_residue_label_asym_id     A 
_pdbx_modification_feature.modified_residue_label_seq_id      115 
_pdbx_modification_feature.modified_residue_label_alt_id      ? 
_pdbx_modification_feature.auth_comp_id                       A1IQZ 
_pdbx_modification_feature.auth_asym_id                       A 
_pdbx_modification_feature.auth_seq_id                        201 
_pdbx_modification_feature.PDB_ins_code                       ? 
_pdbx_modification_feature.symmetry                           1_555 
_pdbx_modification_feature.modified_residue_auth_comp_id      LYS 
_pdbx_modification_feature.modified_residue_auth_asym_id      A 
_pdbx_modification_feature.modified_residue_auth_seq_id       111 
_pdbx_modification_feature.modified_residue_PDB_ins_code      ? 
_pdbx_modification_feature.modified_residue_symmetry          1_555 
_pdbx_modification_feature.comp_id_linking_atom               CAI 
_pdbx_modification_feature.modified_residue_id_linking_atom   NZ 
_pdbx_modification_feature.modified_residue_id                LYS 
_pdbx_modification_feature.ref_pcm_id                         1 
_pdbx_modification_feature.ref_comp_id                        A1IQZ 
_pdbx_modification_feature.type                               None 
_pdbx_modification_feature.category                           'Covalent chemical modification' 
# 
_struct_sheet.id               AA1 
_struct_sheet.type             ? 
_struct_sheet.number_strands   10 
_struct_sheet.details          ? 
# 
loop_
_struct_sheet_order.sheet_id 
_struct_sheet_order.range_id_1 
_struct_sheet_order.range_id_2 
_struct_sheet_order.offset 
_struct_sheet_order.sense 
AA1 1 2  ? anti-parallel 
AA1 2 3  ? anti-parallel 
AA1 3 4  ? anti-parallel 
AA1 4 5  ? anti-parallel 
AA1 5 6  ? anti-parallel 
AA1 6 7  ? anti-parallel 
AA1 7 8  ? anti-parallel 
AA1 8 9  ? anti-parallel 
AA1 9 10 ? anti-parallel 
# 
loop_
_struct_sheet_range.sheet_id 
_struct_sheet_range.id 
_struct_sheet_range.beg_label_comp_id 
_struct_sheet_range.beg_label_asym_id 
_struct_sheet_range.beg_label_seq_id 
_struct_sheet_range.pdbx_beg_PDB_ins_code 
_struct_sheet_range.end_label_comp_id 
_struct_sheet_range.end_label_asym_id 
_struct_sheet_range.end_label_seq_id 
_struct_sheet_range.pdbx_end_PDB_ins_code 
_struct_sheet_range.beg_auth_comp_id 
_struct_sheet_range.beg_auth_asym_id 
_struct_sheet_range.beg_auth_seq_id 
_struct_sheet_range.end_auth_comp_id 
_struct_sheet_range.end_auth_asym_id 
_struct_sheet_range.end_auth_seq_id 
AA1 1  THR A 64  ? LYS A 70  ? THR A 60  LYS A 66  
AA1 2  THR A 53  ? SER A 59  ? THR A 49  SER A 55  
AA1 3  ALA A 44  ? GLU A 50  ? ALA A 40  GLU A 46  
AA1 4  GLY A 9   ? GLU A 17  ? GLY A 5   GLU A 13  
AA1 5  VAL A 132 ? ARG A 140 ? VAL A 128 ARG A 136 
AA1 6  LEU A 123 ? ALA A 129 ? LEU A 119 ALA A 125 
AA1 7  THR A 111 ? LEU A 117 ? THR A 107 LEU A 113 
AA1 8  LYS A 96  ? LEU A 103 ? LYS A 92  LEU A 99  
AA1 9  PRO A 84  ? SER A 93  ? PRO A 80  SER A 89  
AA1 10 PHE A 75  ? GLN A 78  ? PHE A 71  GLN A 74  
# 
loop_
_pdbx_struct_sheet_hbond.sheet_id 
_pdbx_struct_sheet_hbond.range_id_1 
_pdbx_struct_sheet_hbond.range_id_2 
_pdbx_struct_sheet_hbond.range_1_label_atom_id 
_pdbx_struct_sheet_hbond.range_1_label_comp_id 
_pdbx_struct_sheet_hbond.range_1_label_asym_id 
_pdbx_struct_sheet_hbond.range_1_label_seq_id 
_pdbx_struct_sheet_hbond.range_1_PDB_ins_code 
_pdbx_struct_sheet_hbond.range_1_auth_atom_id 
_pdbx_struct_sheet_hbond.range_1_auth_comp_id 
_pdbx_struct_sheet_hbond.range_1_auth_asym_id 
_pdbx_struct_sheet_hbond.range_1_auth_seq_id 
_pdbx_struct_sheet_hbond.range_2_label_atom_id 
_pdbx_struct_sheet_hbond.range_2_label_comp_id 
_pdbx_struct_sheet_hbond.range_2_label_asym_id 
_pdbx_struct_sheet_hbond.range_2_label_seq_id 
_pdbx_struct_sheet_hbond.range_2_PDB_ins_code 
_pdbx_struct_sheet_hbond.range_2_auth_atom_id 
_pdbx_struct_sheet_hbond.range_2_auth_comp_id 
_pdbx_struct_sheet_hbond.range_2_auth_asym_id 
_pdbx_struct_sheet_hbond.range_2_auth_seq_id 
AA1 1 2  O PHE A 69  ? O PHE A 65  N PHE A 54  ? N PHE A 50  
AA1 2 3  O LYS A 57  ? O LYS A 53  N GLU A 46  ? N GLU A 42  
AA1 3 4  O VAL A 45  ? O VAL A 41  N TRP A 11  ? N TRP A 7   
AA1 4 5  N ILE A 14  ? N ILE A 10  O VAL A 137 ? O VAL A 133 
AA1 5 6  O GLN A 136 ? O GLN A 132 N LEU A 125 ? N LEU A 121 
AA1 6 7  O ILE A 124 ? O ILE A 120 N GLU A 116 ? N GLU A 112 
AA1 7 8  O TRP A 113 ? O TRP A 109 N CYS A 99  ? N CYS A 95  
AA1 8 9  O LYS A 102 ? O LYS A 98  N LYS A 86  ? N LYS A 82  
AA1 9 10 O SER A 87  ? O SER A 83  N PHE A 75  ? N PHE A 71  
# 
_pdbx_entry_details.entry_id                   9GVX 
_pdbx_entry_details.has_ligand_of_interest     Y 
_pdbx_entry_details.compound_details           ? 
_pdbx_entry_details.source_details             ? 
_pdbx_entry_details.nonpolymer_details         ? 
_pdbx_entry_details.sequence_details           ? 
_pdbx_entry_details.has_protein_modification   Y 
# 
loop_
_pdbx_validate_torsion.id 
_pdbx_validate_torsion.PDB_model_num 
_pdbx_validate_torsion.auth_comp_id 
_pdbx_validate_torsion.auth_asym_id 
_pdbx_validate_torsion.auth_seq_id 
_pdbx_validate_torsion.PDB_ins_code 
_pdbx_validate_torsion.label_alt_id 
_pdbx_validate_torsion.phi 
_pdbx_validate_torsion.psi 
1 1 ASN A 2   ? ? -141.19 -149.35 
2 1 THR A 56  ? ? -119.66 -168.51 
3 1 GLU A 73  ? ? -145.11 -152.93 
4 1 SER A 89  ? ? -164.82 -166.27 
5 1 ASP A 126 ? ? 46.61   -113.11 
# 
_pdbx_struct_special_symmetry.id              1 
_pdbx_struct_special_symmetry.PDB_model_num   1 
_pdbx_struct_special_symmetry.auth_asym_id    A 
_pdbx_struct_special_symmetry.auth_comp_id    HOH 
_pdbx_struct_special_symmetry.auth_seq_id     367 
_pdbx_struct_special_symmetry.PDB_ins_code    ? 
_pdbx_struct_special_symmetry.label_asym_id   C 
_pdbx_struct_special_symmetry.label_comp_id   HOH 
_pdbx_struct_special_symmetry.label_seq_id    . 
# 
loop_
_pdbx_distant_solvent_atoms.id 
_pdbx_distant_solvent_atoms.PDB_model_num 
_pdbx_distant_solvent_atoms.auth_atom_id 
_pdbx_distant_solvent_atoms.label_alt_id 
_pdbx_distant_solvent_atoms.auth_asym_id 
_pdbx_distant_solvent_atoms.auth_comp_id 
_pdbx_distant_solvent_atoms.auth_seq_id 
_pdbx_distant_solvent_atoms.PDB_ins_code 
_pdbx_distant_solvent_atoms.neighbor_macromolecule_distance 
_pdbx_distant_solvent_atoms.neighbor_ligand_distance 
1 1 O ? A HOH 368 ? 6.06 . 
2 1 O ? A HOH 369 ? 6.28 . 
3 1 O ? A HOH 370 ? 7.17 . 
# 
loop_
_pdbx_unobs_or_zero_occ_residues.id 
_pdbx_unobs_or_zero_occ_residues.PDB_model_num 
_pdbx_unobs_or_zero_occ_residues.polymer_flag 
_pdbx_unobs_or_zero_occ_residues.occupancy_flag 
_pdbx_unobs_or_zero_occ_residues.auth_asym_id 
_pdbx_unobs_or_zero_occ_residues.auth_comp_id 
_pdbx_unobs_or_zero_occ_residues.auth_seq_id 
_pdbx_unobs_or_zero_occ_residues.PDB_ins_code 
_pdbx_unobs_or_zero_occ_residues.label_asym_id 
_pdbx_unobs_or_zero_occ_residues.label_comp_id 
_pdbx_unobs_or_zero_occ_residues.label_seq_id 
1 1 Y 1 A GLY -3 ? A GLY 1 
2 1 Y 1 A SER -2 ? A SER 2 
3 1 Y 1 A HIS -1 ? A HIS 3 
# 
loop_
_chem_comp_atom.comp_id 
_chem_comp_atom.atom_id 
_chem_comp_atom.type_symbol 
_chem_comp_atom.pdbx_aromatic_flag 
_chem_comp_atom.pdbx_stereo_config 
_chem_comp_atom.pdbx_ordinal 
A1IQZ CAM  C N N 1   
A1IQZ OAL  O N N 2   
A1IQZ CAJ  C N N 3   
A1IQZ OAK  O N N 4   
A1IQZ CAH  C N N 5   
A1IQZ CAI  C N N 6   
A1IQZ CAG  C N N 7   
A1IQZ CAD  C Y N 8   
A1IQZ CAC  C Y N 9   
A1IQZ CAA  C Y N 10  
A1IQZ CAB  C Y N 11  
A1IQZ CAN  C N N 12  
A1IQZ CAO  C N N 13  
A1IQZ CAF  C Y N 14  
A1IQZ CAE  C Y N 15  
A1IQZ H1   H N N 16  
A1IQZ H2   H N N 17  
A1IQZ H3   H N N 18  
A1IQZ H4   H N N 19  
A1IQZ H5   H N N 20  
A1IQZ H6   H N N 21  
A1IQZ H7   H N N 22  
A1IQZ H8   H N N 23  
A1IQZ H9   H N N 24  
A1IQZ H10  H N N 25  
A1IQZ H11  H N N 26  
A1IQZ H12  H N N 27  
ALA   N    N N N 28  
ALA   CA   C N S 29  
ALA   C    C N N 30  
ALA   O    O N N 31  
ALA   CB   C N N 32  
ALA   OXT  O N N 33  
ALA   H    H N N 34  
ALA   H2   H N N 35  
ALA   HA   H N N 36  
ALA   HB1  H N N 37  
ALA   HB2  H N N 38  
ALA   HB3  H N N 39  
ALA   HXT  H N N 40  
ARG   N    N N N 41  
ARG   CA   C N S 42  
ARG   C    C N N 43  
ARG   O    O N N 44  
ARG   CB   C N N 45  
ARG   CG   C N N 46  
ARG   CD   C N N 47  
ARG   NE   N N N 48  
ARG   CZ   C N N 49  
ARG   NH1  N N N 50  
ARG   NH2  N N N 51  
ARG   OXT  O N N 52  
ARG   H    H N N 53  
ARG   H2   H N N 54  
ARG   HA   H N N 55  
ARG   HB2  H N N 56  
ARG   HB3  H N N 57  
ARG   HG2  H N N 58  
ARG   HG3  H N N 59  
ARG   HD2  H N N 60  
ARG   HD3  H N N 61  
ARG   HE   H N N 62  
ARG   HH11 H N N 63  
ARG   HH12 H N N 64  
ARG   HH21 H N N 65  
ARG   HH22 H N N 66  
ARG   HXT  H N N 67  
ASN   N    N N N 68  
ASN   CA   C N S 69  
ASN   C    C N N 70  
ASN   O    O N N 71  
ASN   CB   C N N 72  
ASN   CG   C N N 73  
ASN   OD1  O N N 74  
ASN   ND2  N N N 75  
ASN   OXT  O N N 76  
ASN   H    H N N 77  
ASN   H2   H N N 78  
ASN   HA   H N N 79  
ASN   HB2  H N N 80  
ASN   HB3  H N N 81  
ASN   HD21 H N N 82  
ASN   HD22 H N N 83  
ASN   HXT  H N N 84  
ASP   N    N N N 85  
ASP   CA   C N S 86  
ASP   C    C N N 87  
ASP   O    O N N 88  
ASP   CB   C N N 89  
ASP   CG   C N N 90  
ASP   OD1  O N N 91  
ASP   OD2  O N N 92  
ASP   OXT  O N N 93  
ASP   H    H N N 94  
ASP   H2   H N N 95  
ASP   HA   H N N 96  
ASP   HB2  H N N 97  
ASP   HB3  H N N 98  
ASP   HD2  H N N 99  
ASP   HXT  H N N 100 
CYS   N    N N N 101 
CYS   CA   C N R 102 
CYS   C    C N N 103 
CYS   O    O N N 104 
CYS   CB   C N N 105 
CYS   SG   S N N 106 
CYS   OXT  O N N 107 
CYS   H    H N N 108 
CYS   H2   H N N 109 
CYS   HA   H N N 110 
CYS   HB2  H N N 111 
CYS   HB3  H N N 112 
CYS   HG   H N N 113 
CYS   HXT  H N N 114 
GLN   N    N N N 115 
GLN   CA   C N S 116 
GLN   C    C N N 117 
GLN   O    O N N 118 
GLN   CB   C N N 119 
GLN   CG   C N N 120 
GLN   CD   C N N 121 
GLN   OE1  O N N 122 
GLN   NE2  N N N 123 
GLN   OXT  O N N 124 
GLN   H    H N N 125 
GLN   H2   H N N 126 
GLN   HA   H N N 127 
GLN   HB2  H N N 128 
GLN   HB3  H N N 129 
GLN   HG2  H N N 130 
GLN   HG3  H N N 131 
GLN   HE21 H N N 132 
GLN   HE22 H N N 133 
GLN   HXT  H N N 134 
GLU   N    N N N 135 
GLU   CA   C N S 136 
GLU   C    C N N 137 
GLU   O    O N N 138 
GLU   CB   C N N 139 
GLU   CG   C N N 140 
GLU   CD   C N N 141 
GLU   OE1  O N N 142 
GLU   OE2  O N N 143 
GLU   OXT  O N N 144 
GLU   H    H N N 145 
GLU   H2   H N N 146 
GLU   HA   H N N 147 
GLU   HB2  H N N 148 
GLU   HB3  H N N 149 
GLU   HG2  H N N 150 
GLU   HG3  H N N 151 
GLU   HE2  H N N 152 
GLU   HXT  H N N 153 
GLY   N    N N N 154 
GLY   CA   C N N 155 
GLY   C    C N N 156 
GLY   O    O N N 157 
GLY   OXT  O N N 158 
GLY   H    H N N 159 
GLY   H2   H N N 160 
GLY   HA2  H N N 161 
GLY   HA3  H N N 162 
GLY   HXT  H N N 163 
HIS   N    N N N 164 
HIS   CA   C N S 165 
HIS   C    C N N 166 
HIS   O    O N N 167 
HIS   CB   C N N 168 
HIS   CG   C Y N 169 
HIS   ND1  N Y N 170 
HIS   CD2  C Y N 171 
HIS   CE1  C Y N 172 
HIS   NE2  N Y N 173 
HIS   OXT  O N N 174 
HIS   H    H N N 175 
HIS   H2   H N N 176 
HIS   HA   H N N 177 
HIS   HB2  H N N 178 
HIS   HB3  H N N 179 
HIS   HD1  H N N 180 
HIS   HD2  H N N 181 
HIS   HE1  H N N 182 
HIS   HE2  H N N 183 
HIS   HXT  H N N 184 
HOH   O    O N N 185 
HOH   H1   H N N 186 
HOH   H2   H N N 187 
ILE   N    N N N 188 
ILE   CA   C N S 189 
ILE   C    C N N 190 
ILE   O    O N N 191 
ILE   CB   C N S 192 
ILE   CG1  C N N 193 
ILE   CG2  C N N 194 
ILE   CD1  C N N 195 
ILE   OXT  O N N 196 
ILE   H    H N N 197 
ILE   H2   H N N 198 
ILE   HA   H N N 199 
ILE   HB   H N N 200 
ILE   HG12 H N N 201 
ILE   HG13 H N N 202 
ILE   HG21 H N N 203 
ILE   HG22 H N N 204 
ILE   HG23 H N N 205 
ILE   HD11 H N N 206 
ILE   HD12 H N N 207 
ILE   HD13 H N N 208 
ILE   HXT  H N N 209 
LEU   N    N N N 210 
LEU   CA   C N S 211 
LEU   C    C N N 212 
LEU   O    O N N 213 
LEU   CB   C N N 214 
LEU   CG   C N N 215 
LEU   CD1  C N N 216 
LEU   CD2  C N N 217 
LEU   OXT  O N N 218 
LEU   H    H N N 219 
LEU   H2   H N N 220 
LEU   HA   H N N 221 
LEU   HB2  H N N 222 
LEU   HB3  H N N 223 
LEU   HG   H N N 224 
LEU   HD11 H N N 225 
LEU   HD12 H N N 226 
LEU   HD13 H N N 227 
LEU   HD21 H N N 228 
LEU   HD22 H N N 229 
LEU   HD23 H N N 230 
LEU   HXT  H N N 231 
LYS   N    N N N 232 
LYS   CA   C N S 233 
LYS   C    C N N 234 
LYS   O    O N N 235 
LYS   CB   C N N 236 
LYS   CG   C N N 237 
LYS   CD   C N N 238 
LYS   CE   C N N 239 
LYS   NZ   N N N 240 
LYS   OXT  O N N 241 
LYS   H    H N N 242 
LYS   H2   H N N 243 
LYS   HA   H N N 244 
LYS   HB2  H N N 245 
LYS   HB3  H N N 246 
LYS   HG2  H N N 247 
LYS   HG3  H N N 248 
LYS   HD2  H N N 249 
LYS   HD3  H N N 250 
LYS   HE2  H N N 251 
LYS   HE3  H N N 252 
LYS   HZ1  H N N 253 
LYS   HZ2  H N N 254 
LYS   HZ3  H N N 255 
LYS   HXT  H N N 256 
MET   N    N N N 257 
MET   CA   C N S 258 
MET   C    C N N 259 
MET   O    O N N 260 
MET   CB   C N N 261 
MET   CG   C N N 262 
MET   SD   S N N 263 
MET   CE   C N N 264 
MET   OXT  O N N 265 
MET   H    H N N 266 
MET   H2   H N N 267 
MET   HA   H N N 268 
MET   HB2  H N N 269 
MET   HB3  H N N 270 
MET   HG2  H N N 271 
MET   HG3  H N N 272 
MET   HE1  H N N 273 
MET   HE2  H N N 274 
MET   HE3  H N N 275 
MET   HXT  H N N 276 
PHE   N    N N N 277 
PHE   CA   C N S 278 
PHE   C    C N N 279 
PHE   O    O N N 280 
PHE   CB   C N N 281 
PHE   CG   C Y N 282 
PHE   CD1  C Y N 283 
PHE   CD2  C Y N 284 
PHE   CE1  C Y N 285 
PHE   CE2  C Y N 286 
PHE   CZ   C Y N 287 
PHE   OXT  O N N 288 
PHE   H    H N N 289 
PHE   H2   H N N 290 
PHE   HA   H N N 291 
PHE   HB2  H N N 292 
PHE   HB3  H N N 293 
PHE   HD1  H N N 294 
PHE   HD2  H N N 295 
PHE   HE1  H N N 296 
PHE   HE2  H N N 297 
PHE   HZ   H N N 298 
PHE   HXT  H N N 299 
PRO   N    N N N 300 
PRO   CA   C N S 301 
PRO   C    C N N 302 
PRO   O    O N N 303 
PRO   CB   C N N 304 
PRO   CG   C N N 305 
PRO   CD   C N N 306 
PRO   OXT  O N N 307 
PRO   H    H N N 308 
PRO   HA   H N N 309 
PRO   HB2  H N N 310 
PRO   HB3  H N N 311 
PRO   HG2  H N N 312 
PRO   HG3  H N N 313 
PRO   HD2  H N N 314 
PRO   HD3  H N N 315 
PRO   HXT  H N N 316 
SER   N    N N N 317 
SER   CA   C N S 318 
SER   C    C N N 319 
SER   O    O N N 320 
SER   CB   C N N 321 
SER   OG   O N N 322 
SER   OXT  O N N 323 
SER   H    H N N 324 
SER   H2   H N N 325 
SER   HA   H N N 326 
SER   HB2  H N N 327 
SER   HB3  H N N 328 
SER   HG   H N N 329 
SER   HXT  H N N 330 
THR   N    N N N 331 
THR   CA   C N S 332 
THR   C    C N N 333 
THR   O    O N N 334 
THR   CB   C N R 335 
THR   OG1  O N N 336 
THR   CG2  C N N 337 
THR   OXT  O N N 338 
THR   H    H N N 339 
THR   H2   H N N 340 
THR   HA   H N N 341 
THR   HB   H N N 342 
THR   HG1  H N N 343 
THR   HG21 H N N 344 
THR   HG22 H N N 345 
THR   HG23 H N N 346 
THR   HXT  H N N 347 
TRP   N    N N N 348 
TRP   CA   C N S 349 
TRP   C    C N N 350 
TRP   O    O N N 351 
TRP   CB   C N N 352 
TRP   CG   C Y N 353 
TRP   CD1  C Y N 354 
TRP   CD2  C Y N 355 
TRP   NE1  N Y N 356 
TRP   CE2  C Y N 357 
TRP   CE3  C Y N 358 
TRP   CZ2  C Y N 359 
TRP   CZ3  C Y N 360 
TRP   CH2  C Y N 361 
TRP   OXT  O N N 362 
TRP   H    H N N 363 
TRP   H2   H N N 364 
TRP   HA   H N N 365 
TRP   HB2  H N N 366 
TRP   HB3  H N N 367 
TRP   HD1  H N N 368 
TRP   HE1  H N N 369 
TRP   HE3  H N N 370 
TRP   HZ2  H N N 371 
TRP   HZ3  H N N 372 
TRP   HH2  H N N 373 
TRP   HXT  H N N 374 
TYR   N    N N N 375 
TYR   CA   C N S 376 
TYR   C    C N N 377 
TYR   O    O N N 378 
TYR   CB   C N N 379 
TYR   CG   C Y N 380 
TYR   CD1  C Y N 381 
TYR   CD2  C Y N 382 
TYR   CE1  C Y N 383 
TYR   CE2  C Y N 384 
TYR   CZ   C Y N 385 
TYR   OH   O N N 386 
TYR   OXT  O N N 387 
TYR   H    H N N 388 
TYR   H2   H N N 389 
TYR   HA   H N N 390 
TYR   HB2  H N N 391 
TYR   HB3  H N N 392 
TYR   HD1  H N N 393 
TYR   HD2  H N N 394 
TYR   HE1  H N N 395 
TYR   HE2  H N N 396 
TYR   HH   H N N 397 
TYR   HXT  H N N 398 
VAL   N    N N N 399 
VAL   CA   C N S 400 
VAL   C    C N N 401 
VAL   O    O N N 402 
VAL   CB   C N N 403 
VAL   CG1  C N N 404 
VAL   CG2  C N N 405 
VAL   OXT  O N N 406 
VAL   H    H N N 407 
VAL   H2   H N N 408 
VAL   HA   H N N 409 
VAL   HB   H N N 410 
VAL   HG11 H N N 411 
VAL   HG12 H N N 412 
VAL   HG13 H N N 413 
VAL   HG21 H N N 414 
VAL   HG22 H N N 415 
VAL   HG23 H N N 416 
VAL   HXT  H N N 417 
# 
loop_
_chem_comp_bond.comp_id 
_chem_comp_bond.atom_id_1 
_chem_comp_bond.atom_id_2 
_chem_comp_bond.value_order 
_chem_comp_bond.pdbx_aromatic_flag 
_chem_comp_bond.pdbx_stereo_config 
_chem_comp_bond.pdbx_ordinal 
A1IQZ CAI CAH  sing N N 1   
A1IQZ OAK CAJ  doub N N 2   
A1IQZ CAH CAJ  sing N N 3   
A1IQZ CAH CAG  doub N Z 4   
A1IQZ CAJ OAL  sing N N 5   
A1IQZ CAG CAD  sing N N 6   
A1IQZ OAL CAM  sing N N 7   
A1IQZ CAE CAD  doub Y N 8   
A1IQZ CAE CAF  sing Y N 9   
A1IQZ CAD CAC  sing Y N 10  
A1IQZ CAF CAB  doub Y N 11  
A1IQZ CAC CAA  doub Y N 12  
A1IQZ CAB CAA  sing Y N 13  
A1IQZ CAB CAN  sing N N 14  
A1IQZ CAN CAO  trip N N 15  
A1IQZ CAM H1   sing N N 16  
A1IQZ CAM H2   sing N N 17  
A1IQZ CAM H3   sing N N 18  
A1IQZ CAI H4   sing N N 19  
A1IQZ CAI H5   sing N N 20  
A1IQZ CAI H6   sing N N 21  
A1IQZ CAG H7   sing N N 22  
A1IQZ CAC H8   sing N N 23  
A1IQZ CAA H9   sing N N 24  
A1IQZ CAO H10  sing N N 25  
A1IQZ CAF H11  sing N N 26  
A1IQZ CAE H12  sing N N 27  
ALA   N   CA   sing N N 28  
ALA   N   H    sing N N 29  
ALA   N   H2   sing N N 30  
ALA   CA  C    sing N N 31  
ALA   CA  CB   sing N N 32  
ALA   CA  HA   sing N N 33  
ALA   C   O    doub N N 34  
ALA   C   OXT  sing N N 35  
ALA   CB  HB1  sing N N 36  
ALA   CB  HB2  sing N N 37  
ALA   CB  HB3  sing N N 38  
ALA   OXT HXT  sing N N 39  
ARG   N   CA   sing N N 40  
ARG   N   H    sing N N 41  
ARG   N   H2   sing N N 42  
ARG   CA  C    sing N N 43  
ARG   CA  CB   sing N N 44  
ARG   CA  HA   sing N N 45  
ARG   C   O    doub N N 46  
ARG   C   OXT  sing N N 47  
ARG   CB  CG   sing N N 48  
ARG   CB  HB2  sing N N 49  
ARG   CB  HB3  sing N N 50  
ARG   CG  CD   sing N N 51  
ARG   CG  HG2  sing N N 52  
ARG   CG  HG3  sing N N 53  
ARG   CD  NE   sing N N 54  
ARG   CD  HD2  sing N N 55  
ARG   CD  HD3  sing N N 56  
ARG   NE  CZ   sing N N 57  
ARG   NE  HE   sing N N 58  
ARG   CZ  NH1  sing N N 59  
ARG   CZ  NH2  doub N N 60  
ARG   NH1 HH11 sing N N 61  
ARG   NH1 HH12 sing N N 62  
ARG   NH2 HH21 sing N N 63  
ARG   NH2 HH22 sing N N 64  
ARG   OXT HXT  sing N N 65  
ASN   N   CA   sing N N 66  
ASN   N   H    sing N N 67  
ASN   N   H2   sing N N 68  
ASN   CA  C    sing N N 69  
ASN   CA  CB   sing N N 70  
ASN   CA  HA   sing N N 71  
ASN   C   O    doub N N 72  
ASN   C   OXT  sing N N 73  
ASN   CB  CG   sing N N 74  
ASN   CB  HB2  sing N N 75  
ASN   CB  HB3  sing N N 76  
ASN   CG  OD1  doub N N 77  
ASN   CG  ND2  sing N N 78  
ASN   ND2 HD21 sing N N 79  
ASN   ND2 HD22 sing N N 80  
ASN   OXT HXT  sing N N 81  
ASP   N   CA   sing N N 82  
ASP   N   H    sing N N 83  
ASP   N   H2   sing N N 84  
ASP   CA  C    sing N N 85  
ASP   CA  CB   sing N N 86  
ASP   CA  HA   sing N N 87  
ASP   C   O    doub N N 88  
ASP   C   OXT  sing N N 89  
ASP   CB  CG   sing N N 90  
ASP   CB  HB2  sing N N 91  
ASP   CB  HB3  sing N N 92  
ASP   CG  OD1  doub N N 93  
ASP   CG  OD2  sing N N 94  
ASP   OD2 HD2  sing N N 95  
ASP   OXT HXT  sing N N 96  
CYS   N   CA   sing N N 97  
CYS   N   H    sing N N 98  
CYS   N   H2   sing N N 99  
CYS   CA  C    sing N N 100 
CYS   CA  CB   sing N N 101 
CYS   CA  HA   sing N N 102 
CYS   C   O    doub N N 103 
CYS   C   OXT  sing N N 104 
CYS   CB  SG   sing N N 105 
CYS   CB  HB2  sing N N 106 
CYS   CB  HB3  sing N N 107 
CYS   SG  HG   sing N N 108 
CYS   OXT HXT  sing N N 109 
GLN   N   CA   sing N N 110 
GLN   N   H    sing N N 111 
GLN   N   H2   sing N N 112 
GLN   CA  C    sing N N 113 
GLN   CA  CB   sing N N 114 
GLN   CA  HA   sing N N 115 
GLN   C   O    doub N N 116 
GLN   C   OXT  sing N N 117 
GLN   CB  CG   sing N N 118 
GLN   CB  HB2  sing N N 119 
GLN   CB  HB3  sing N N 120 
GLN   CG  CD   sing N N 121 
GLN   CG  HG2  sing N N 122 
GLN   CG  HG3  sing N N 123 
GLN   CD  OE1  doub N N 124 
GLN   CD  NE2  sing N N 125 
GLN   NE2 HE21 sing N N 126 
GLN   NE2 HE22 sing N N 127 
GLN   OXT HXT  sing N N 128 
GLU   N   CA   sing N N 129 
GLU   N   H    sing N N 130 
GLU   N   H2   sing N N 131 
GLU   CA  C    sing N N 132 
GLU   CA  CB   sing N N 133 
GLU   CA  HA   sing N N 134 
GLU   C   O    doub N N 135 
GLU   C   OXT  sing N N 136 
GLU   CB  CG   sing N N 137 
GLU   CB  HB2  sing N N 138 
GLU   CB  HB3  sing N N 139 
GLU   CG  CD   sing N N 140 
GLU   CG  HG2  sing N N 141 
GLU   CG  HG3  sing N N 142 
GLU   CD  OE1  doub N N 143 
GLU   CD  OE2  sing N N 144 
GLU   OE2 HE2  sing N N 145 
GLU   OXT HXT  sing N N 146 
GLY   N   CA   sing N N 147 
GLY   N   H    sing N N 148 
GLY   N   H2   sing N N 149 
GLY   CA  C    sing N N 150 
GLY   CA  HA2  sing N N 151 
GLY   CA  HA3  sing N N 152 
GLY   C   O    doub N N 153 
GLY   C   OXT  sing N N 154 
GLY   OXT HXT  sing N N 155 
HIS   N   CA   sing N N 156 
HIS   N   H    sing N N 157 
HIS   N   H2   sing N N 158 
HIS   CA  C    sing N N 159 
HIS   CA  CB   sing N N 160 
HIS   CA  HA   sing N N 161 
HIS   C   O    doub N N 162 
HIS   C   OXT  sing N N 163 
HIS   CB  CG   sing N N 164 
HIS   CB  HB2  sing N N 165 
HIS   CB  HB3  sing N N 166 
HIS   CG  ND1  sing Y N 167 
HIS   CG  CD2  doub Y N 168 
HIS   ND1 CE1  doub Y N 169 
HIS   ND1 HD1  sing N N 170 
HIS   CD2 NE2  sing Y N 171 
HIS   CD2 HD2  sing N N 172 
HIS   CE1 NE2  sing Y N 173 
HIS   CE1 HE1  sing N N 174 
HIS   NE2 HE2  sing N N 175 
HIS   OXT HXT  sing N N 176 
HOH   O   H1   sing N N 177 
HOH   O   H2   sing N N 178 
ILE   N   CA   sing N N 179 
ILE   N   H    sing N N 180 
ILE   N   H2   sing N N 181 
ILE   CA  C    sing N N 182 
ILE   CA  CB   sing N N 183 
ILE   CA  HA   sing N N 184 
ILE   C   O    doub N N 185 
ILE   C   OXT  sing N N 186 
ILE   CB  CG1  sing N N 187 
ILE   CB  CG2  sing N N 188 
ILE   CB  HB   sing N N 189 
ILE   CG1 CD1  sing N N 190 
ILE   CG1 HG12 sing N N 191 
ILE   CG1 HG13 sing N N 192 
ILE   CG2 HG21 sing N N 193 
ILE   CG2 HG22 sing N N 194 
ILE   CG2 HG23 sing N N 195 
ILE   CD1 HD11 sing N N 196 
ILE   CD1 HD12 sing N N 197 
ILE   CD1 HD13 sing N N 198 
ILE   OXT HXT  sing N N 199 
LEU   N   CA   sing N N 200 
LEU   N   H    sing N N 201 
LEU   N   H2   sing N N 202 
LEU   CA  C    sing N N 203 
LEU   CA  CB   sing N N 204 
LEU   CA  HA   sing N N 205 
LEU   C   O    doub N N 206 
LEU   C   OXT  sing N N 207 
LEU   CB  CG   sing N N 208 
LEU   CB  HB2  sing N N 209 
LEU   CB  HB3  sing N N 210 
LEU   CG  CD1  sing N N 211 
LEU   CG  CD2  sing N N 212 
LEU   CG  HG   sing N N 213 
LEU   CD1 HD11 sing N N 214 
LEU   CD1 HD12 sing N N 215 
LEU   CD1 HD13 sing N N 216 
LEU   CD2 HD21 sing N N 217 
LEU   CD2 HD22 sing N N 218 
LEU   CD2 HD23 sing N N 219 
LEU   OXT HXT  sing N N 220 
LYS   N   CA   sing N N 221 
LYS   N   H    sing N N 222 
LYS   N   H2   sing N N 223 
LYS   CA  C    sing N N 224 
LYS   CA  CB   sing N N 225 
LYS   CA  HA   sing N N 226 
LYS   C   O    doub N N 227 
LYS   C   OXT  sing N N 228 
LYS   CB  CG   sing N N 229 
LYS   CB  HB2  sing N N 230 
LYS   CB  HB3  sing N N 231 
LYS   CG  CD   sing N N 232 
LYS   CG  HG2  sing N N 233 
LYS   CG  HG3  sing N N 234 
LYS   CD  CE   sing N N 235 
LYS   CD  HD2  sing N N 236 
LYS   CD  HD3  sing N N 237 
LYS   CE  NZ   sing N N 238 
LYS   CE  HE2  sing N N 239 
LYS   CE  HE3  sing N N 240 
LYS   NZ  HZ1  sing N N 241 
LYS   NZ  HZ2  sing N N 242 
LYS   NZ  HZ3  sing N N 243 
LYS   OXT HXT  sing N N 244 
MET   N   CA   sing N N 245 
MET   N   H    sing N N 246 
MET   N   H2   sing N N 247 
MET   CA  C    sing N N 248 
MET   CA  CB   sing N N 249 
MET   CA  HA   sing N N 250 
MET   C   O    doub N N 251 
MET   C   OXT  sing N N 252 
MET   CB  CG   sing N N 253 
MET   CB  HB2  sing N N 254 
MET   CB  HB3  sing N N 255 
MET   CG  SD   sing N N 256 
MET   CG  HG2  sing N N 257 
MET   CG  HG3  sing N N 258 
MET   SD  CE   sing N N 259 
MET   CE  HE1  sing N N 260 
MET   CE  HE2  sing N N 261 
MET   CE  HE3  sing N N 262 
MET   OXT HXT  sing N N 263 
PHE   N   CA   sing N N 264 
PHE   N   H    sing N N 265 
PHE   N   H2   sing N N 266 
PHE   CA  C    sing N N 267 
PHE   CA  CB   sing N N 268 
PHE   CA  HA   sing N N 269 
PHE   C   O    doub N N 270 
PHE   C   OXT  sing N N 271 
PHE   CB  CG   sing N N 272 
PHE   CB  HB2  sing N N 273 
PHE   CB  HB3  sing N N 274 
PHE   CG  CD1  doub Y N 275 
PHE   CG  CD2  sing Y N 276 
PHE   CD1 CE1  sing Y N 277 
PHE   CD1 HD1  sing N N 278 
PHE   CD2 CE2  doub Y N 279 
PHE   CD2 HD2  sing N N 280 
PHE   CE1 CZ   doub Y N 281 
PHE   CE1 HE1  sing N N 282 
PHE   CE2 CZ   sing Y N 283 
PHE   CE2 HE2  sing N N 284 
PHE   CZ  HZ   sing N N 285 
PHE   OXT HXT  sing N N 286 
PRO   N   CA   sing N N 287 
PRO   N   CD   sing N N 288 
PRO   N   H    sing N N 289 
PRO   CA  C    sing N N 290 
PRO   CA  CB   sing N N 291 
PRO   CA  HA   sing N N 292 
PRO   C   O    doub N N 293 
PRO   C   OXT  sing N N 294 
PRO   CB  CG   sing N N 295 
PRO   CB  HB2  sing N N 296 
PRO   CB  HB3  sing N N 297 
PRO   CG  CD   sing N N 298 
PRO   CG  HG2  sing N N 299 
PRO   CG  HG3  sing N N 300 
PRO   CD  HD2  sing N N 301 
PRO   CD  HD3  sing N N 302 
PRO   OXT HXT  sing N N 303 
SER   N   CA   sing N N 304 
SER   N   H    sing N N 305 
SER   N   H2   sing N N 306 
SER   CA  C    sing N N 307 
SER   CA  CB   sing N N 308 
SER   CA  HA   sing N N 309 
SER   C   O    doub N N 310 
SER   C   OXT  sing N N 311 
SER   CB  OG   sing N N 312 
SER   CB  HB2  sing N N 313 
SER   CB  HB3  sing N N 314 
SER   OG  HG   sing N N 315 
SER   OXT HXT  sing N N 316 
THR   N   CA   sing N N 317 
THR   N   H    sing N N 318 
THR   N   H2   sing N N 319 
THR   CA  C    sing N N 320 
THR   CA  CB   sing N N 321 
THR   CA  HA   sing N N 322 
THR   C   O    doub N N 323 
THR   C   OXT  sing N N 324 
THR   CB  OG1  sing N N 325 
THR   CB  CG2  sing N N 326 
THR   CB  HB   sing N N 327 
THR   OG1 HG1  sing N N 328 
THR   CG2 HG21 sing N N 329 
THR   CG2 HG22 sing N N 330 
THR   CG2 HG23 sing N N 331 
THR   OXT HXT  sing N N 332 
TRP   N   CA   sing N N 333 
TRP   N   H    sing N N 334 
TRP   N   H2   sing N N 335 
TRP   CA  C    sing N N 336 
TRP   CA  CB   sing N N 337 
TRP   CA  HA   sing N N 338 
TRP   C   O    doub N N 339 
TRP   C   OXT  sing N N 340 
TRP   CB  CG   sing N N 341 
TRP   CB  HB2  sing N N 342 
TRP   CB  HB3  sing N N 343 
TRP   CG  CD1  doub Y N 344 
TRP   CG  CD2  sing Y N 345 
TRP   CD1 NE1  sing Y N 346 
TRP   CD1 HD1  sing N N 347 
TRP   CD2 CE2  doub Y N 348 
TRP   CD2 CE3  sing Y N 349 
TRP   NE1 CE2  sing Y N 350 
TRP   NE1 HE1  sing N N 351 
TRP   CE2 CZ2  sing Y N 352 
TRP   CE3 CZ3  doub Y N 353 
TRP   CE3 HE3  sing N N 354 
TRP   CZ2 CH2  doub Y N 355 
TRP   CZ2 HZ2  sing N N 356 
TRP   CZ3 CH2  sing Y N 357 
TRP   CZ3 HZ3  sing N N 358 
TRP   CH2 HH2  sing N N 359 
TRP   OXT HXT  sing N N 360 
TYR   N   CA   sing N N 361 
TYR   N   H    sing N N 362 
TYR   N   H2   sing N N 363 
TYR   CA  C    sing N N 364 
TYR   CA  CB   sing N N 365 
TYR   CA  HA   sing N N 366 
TYR   C   O    doub N N 367 
TYR   C   OXT  sing N N 368 
TYR   CB  CG   sing N N 369 
TYR   CB  HB2  sing N N 370 
TYR   CB  HB3  sing N N 371 
TYR   CG  CD1  doub Y N 372 
TYR   CG  CD2  sing Y N 373 
TYR   CD1 CE1  sing Y N 374 
TYR   CD1 HD1  sing N N 375 
TYR   CD2 CE2  doub Y N 376 
TYR   CD2 HD2  sing N N 377 
TYR   CE1 CZ   doub Y N 378 
TYR   CE1 HE1  sing N N 379 
TYR   CE2 CZ   sing Y N 380 
TYR   CE2 HE2  sing N N 381 
TYR   CZ  OH   sing N N 382 
TYR   OH  HH   sing N N 383 
TYR   OXT HXT  sing N N 384 
VAL   N   CA   sing N N 385 
VAL   N   H    sing N N 386 
VAL   N   H2   sing N N 387 
VAL   CA  C    sing N N 388 
VAL   CA  CB   sing N N 389 
VAL   CA  HA   sing N N 390 
VAL   C   O    doub N N 391 
VAL   C   OXT  sing N N 392 
VAL   CB  CG1  sing N N 393 
VAL   CB  CG2  sing N N 394 
VAL   CB  HB   sing N N 395 
VAL   CG1 HG11 sing N N 396 
VAL   CG1 HG12 sing N N 397 
VAL   CG1 HG13 sing N N 398 
VAL   CG2 HG21 sing N N 399 
VAL   CG2 HG22 sing N N 400 
VAL   CG2 HG23 sing N N 401 
VAL   OXT HXT  sing N N 402 
# 
_pdbx_audit_support.funding_organization   'Not funded' 
_pdbx_audit_support.country                Italy 
_pdbx_audit_support.grant_number           ? 
_pdbx_audit_support.ordinal                1 
# 
_pdbx_initial_refinement_model.id               1 
_pdbx_initial_refinement_model.entity_id_list   ? 
_pdbx_initial_refinement_model.type             'experimental model' 
_pdbx_initial_refinement_model.source_name      PDB 
_pdbx_initial_refinement_model.accession_code   6Z2U 
_pdbx_initial_refinement_model.details          ? 
# 
_atom_sites.entry_id                    9GVX 
_atom_sites.Cartn_transf_matrix[1][1]   ? 
_atom_sites.Cartn_transf_matrix[1][2]   ? 
_atom_sites.Cartn_transf_matrix[1][3]   ? 
_atom_sites.Cartn_transf_matrix[2][1]   ? 
_atom_sites.Cartn_transf_matrix[2][2]   ? 
_atom_sites.Cartn_transf_matrix[2][3]   ? 
_atom_sites.Cartn_transf_matrix[3][1]   ? 
_atom_sites.Cartn_transf_matrix[3][2]   ? 
_atom_sites.Cartn_transf_matrix[3][3]   ? 
_atom_sites.Cartn_transf_vector[1]      ? 
_atom_sites.Cartn_transf_vector[2]      ? 
_atom_sites.Cartn_transf_vector[3]      ? 
_atom_sites.Cartn_transform_axes        ? 
_atom_sites.fract_transf_matrix[1][1]   -0.01607489 
_atom_sites.fract_transf_matrix[1][2]   0.00399123 
_atom_sites.fract_transf_matrix[1][3]   -0.01085700 
_atom_sites.fract_transf_matrix[2][1]   -0.01546132 
_atom_sites.fract_transf_matrix[2][2]   0.00924357 
_atom_sites.fract_transf_matrix[2][3]   0.00822814 
_atom_sites.fract_transf_matrix[3][1]   0.00385446 
_atom_sites.fract_transf_matrix[3][2]   0.00868514 
_atom_sites.fract_transf_matrix[3][3]   -0.00251411 
_atom_sites.fract_transf_vector[1]      0.273780 
_atom_sites.fract_transf_vector[2]      -0.479493 
_atom_sites.fract_transf_vector[3]      -0.116594 
_atom_sites.solution_primary            ? 
_atom_sites.solution_secondary          ? 
_atom_sites.solution_hydrogens          ? 
_atom_sites.special_details             ? 
# 
loop_
_atom_type.symbol 
C 
N 
O 
S 
# 
loop_
_atom_site.group_PDB 
_atom_site.id 
_atom_site.type_symbol 
_atom_site.label_atom_id 
_atom_site.label_alt_id 
_atom_site.label_comp_id 
_atom_site.label_asym_id 
_atom_site.label_entity_id 
_atom_site.label_seq_id 
_atom_site.pdbx_PDB_ins_code 
_atom_site.Cartn_x 
_atom_site.Cartn_y 
_atom_site.Cartn_z 
_atom_site.occupancy 
_atom_site.B_iso_or_equiv 
_atom_site.pdbx_formal_charge 
_atom_site.auth_seq_id 
_atom_site.auth_comp_id 
_atom_site.auth_asym_id 
_atom_site.auth_atom_id 
_atom_site.pdbx_PDB_model_num 
ATOM   1    N N   . MET   A 1 4   ? -19.270 -7.135  11.816  1.00 83.38  ? 0   MET   A N   1 
ATOM   2    C CA  . MET   A 1 4   ? -18.643 -6.109  12.707  1.00 94.08  ? 0   MET   A CA  1 
ATOM   3    C C   . MET   A 1 4   ? -17.545 -5.370  11.947  1.00 96.74  ? 0   MET   A C   1 
ATOM   4    O O   . MET   A 1 4   ? -16.869 -5.970  11.108  1.00 85.67  ? 0   MET   A O   1 
ATOM   5    C CB  . MET   A 1 4   ? -18.027 -6.757  13.950  1.00 89.85  ? 0   MET   A CB  1 
ATOM   6    C CG  . MET   A 1 4   ? -18.983 -6.779  15.122  1.00 102.79 ? 0   MET   A CG  1 
ATOM   7    S SD  . MET   A 1 4   ? -18.474 -7.933  16.430  1.00 98.10  ? 0   MET   A SD  1 
ATOM   8    C CE  . MET   A 1 4   ? -17.698 -6.814  17.603  1.00 84.78  ? 0   MET   A CE  1 
ATOM   9    N N   . PRO   A 1 5   ? -17.320 -4.063  12.246  1.00 100.75 ? 1   PRO   A N   1 
ATOM   10   C CA  . PRO   A 1 5   ? -16.345 -3.245  11.511  1.00 95.88  ? 1   PRO   A CA  1 
ATOM   11   C C   . PRO   A 1 5   ? -14.878 -3.660  11.684  1.00 83.93  ? 1   PRO   A C   1 
ATOM   12   O O   . PRO   A 1 5   ? -14.366 -3.781  12.795  1.00 84.67  ? 1   PRO   A O   1 
ATOM   13   C CB  . PRO   A 1 5   ? -16.605 -1.819  12.034  1.00 90.25  ? 1   PRO   A CB  1 
ATOM   14   C CG  . PRO   A 1 5   ? -17.161 -2.038  13.426  1.00 88.25  ? 1   PRO   A CG  1 
ATOM   15   C CD  . PRO   A 1 5   ? -17.994 -3.300  13.314  1.00 91.36  ? 1   PRO   A CD  1 
ATOM   16   N N   . ASN   A 1 6   ? -14.213 -3.878  10.550  1.00 64.99  ? 2   ASN   A N   1 
ATOM   17   C CA  . ASN   A 1 6   ? -12.787 -4.144  10.496  1.00 57.61  ? 2   ASN   A CA  1 
ATOM   18   C C   . ASN   A 1 6   ? -12.222 -3.417  9.267   1.00 53.72  ? 2   ASN   A C   1 
ATOM   19   O O   . ASN   A 1 6   ? -12.765 -2.389  8.860   1.00 54.41  ? 2   ASN   A O   1 
ATOM   20   C CB  . ASN   A 1 6   ? -12.522 -5.651  10.612  1.00 51.56  ? 2   ASN   A CB  1 
ATOM   21   C CG  . ASN   A 1 6   ? -13.223 -6.482  9.555   1.00 55.82  ? 2   ASN   A CG  1 
ATOM   22   O OD1 . ASN   A 1 6   ? -13.637 -5.961  8.513   1.00 57.64  ? 2   ASN   A OD1 1 
ATOM   23   N ND2 . ASN   A 1 6   ? -13.299 -7.793  9.770   1.00 49.29  ? 2   ASN   A ND2 1 
ATOM   24   N N   . PHE   A 1 7   ? -11.165 -3.961  8.650   1.00 48.54  ? 3   PHE   A N   1 
ATOM   25   C CA  . PHE   A 1 7   ? -10.575 -3.331  7.469   1.00 44.60  ? 3   PHE   A CA  1 
ATOM   26   C C   . PHE   A 1 7   ? -11.534 -3.422  6.288   1.00 42.57  ? 3   PHE   A C   1 
ATOM   27   O O   . PHE   A 1 7   ? -11.409 -2.638  5.365   1.00 55.00  ? 3   PHE   A O   1 
ATOM   28   C CB  . PHE   A 1 7   ? -9.223  -3.941  7.097   1.00 43.31  ? 3   PHE   A CB  1 
ATOM   29   C CG  . PHE   A 1 7   ? -8.072  -3.525  7.968   1.00 46.41  ? 3   PHE   A CG  1 
ATOM   30   C CD1 . PHE   A 1 7   ? -7.818  -4.169  9.170   1.00 47.61  ? 3   PHE   A CD1 1 
ATOM   31   C CD2 . PHE   A 1 7   ? -7.278  -2.441  7.617   1.00 44.57  ? 3   PHE   A CD2 1 
ATOM   32   C CE1 . PHE   A 1 7   ? -6.745  -3.777  9.962   1.00 42.73  ? 3   PHE   A CE1 1 
ATOM   33   C CE2 . PHE   A 1 7   ? -6.223  -2.041  8.422   1.00 41.46  ? 3   PHE   A CE2 1 
ATOM   34   C CZ  . PHE   A 1 7   ? -5.944  -2.725  9.579   1.00 39.48  ? 3   PHE   A CZ  1 
ATOM   35   N N   . SER   A 1 8   ? -12.476 -4.373  6.333   1.00 41.24  ? 4   SER   A N   1 
ATOM   36   C CA  . SER   A 1 8   ? -13.359 -4.688  5.218   1.00 44.36  ? 4   SER   A CA  1 
ATOM   37   C C   . SER   A 1 8   ? -14.059 -3.425  4.759   1.00 49.98  ? 4   SER   A C   1 
ATOM   38   O O   . SER   A 1 8   ? -14.564 -2.673  5.580   1.00 50.56  ? 4   SER   A O   1 
ATOM   39   C CB  . SER   A 1 8   ? -14.388 -5.724  5.605   1.00 48.42  ? 4   SER   A CB  1 
ATOM   40   O OG  . SER   A 1 8   ? -13.797 -7.001  5.488   1.00 53.70  ? 4   SER   A OG  1 
ATOM   41   N N   . GLY   A 1 9   ? -14.067 -3.175  3.453   1.00 45.42  ? 5   GLY   A N   1 
ATOM   42   C CA  . GLY   A 1 9   ? -14.851 -2.036  3.006   1.00 52.34  ? 5   GLY   A CA  1 
ATOM   43   C C   . GLY   A 1 9   ? -14.360 -1.501  1.671   1.00 49.92  ? 5   GLY   A C   1 
ATOM   44   O O   . GLY   A 1 9   ? -13.457 -2.079  1.060   1.00 43.36  ? 5   GLY   A O   1 
ATOM   45   N N   . ASN   A 1 10  ? -14.973 -0.381  1.280   1.00 45.19  ? 6   ASN   A N   1 
ATOM   46   C CA  . ASN   A 1 10  ? -14.650 0.324   0.061   1.00 45.31  ? 6   ASN   A CA  1 
ATOM   47   C C   . ASN   A 1 10  ? -14.136 1.657   0.534   1.00 51.37  ? 6   ASN   A C   1 
ATOM   48   O O   . ASN   A 1 10  ? -14.853 2.366   1.246   1.00 48.63  ? 6   ASN   A O   1 
ATOM   49   C CB  . ASN   A 1 10  ? -15.884 0.511   -0.824  1.00 48.28  ? 6   ASN   A CB  1 
ATOM   50   C CG  . ASN   A 1 10  ? -16.365 -0.830  -1.326  1.00 53.62  ? 6   ASN   A CG  1 
ATOM   51   O OD1 . ASN   A 1 10  ? -15.751 -1.429  -2.200  1.00 59.38  ? 6   ASN   A OD1 1 
ATOM   52   N ND2 . ASN   A 1 10  ? -17.431 -1.339  -0.733  1.00 66.13  ? 6   ASN   A ND2 1 
ATOM   53   N N   . TRP   A 1 11  ? -12.874 1.924   0.192   1.00 47.22  ? 7   TRP   A N   1 
ATOM   54   C CA  . TRP   A 1 11  ? -12.197 3.084   0.732   1.00 45.28  ? 7   TRP   A CA  1 
ATOM   55   C C   . TRP   A 1 11  ? -11.832 4.023   -0.412  1.00 45.96  ? 7   TRP   A C   1 
ATOM   56   O O   . TRP   A 1 11  ? -11.500 3.572   -1.505  1.00 48.05  ? 7   TRP   A O   1 
ATOM   57   C CB  . TRP   A 1 11  ? -10.975 2.630   1.532   1.00 42.96  ? 7   TRP   A CB  1 
ATOM   58   C CG  . TRP   A 1 11  ? -11.276 1.769   2.726   1.00 45.74  ? 7   TRP   A CG  1 
ATOM   59   C CD1 . TRP   A 1 11  ? -11.353 0.406   2.779   1.00 49.47  ? 7   TRP   A CD1 1 
ATOM   60   C CD2 . TRP   A 1 11  ? -11.514 2.230   4.068   1.00 41.00  ? 7   TRP   A CD2 1 
ATOM   61   N NE1 . TRP   A 1 11  ? -11.599 -0.013  4.065   1.00 45.74  ? 7   TRP   A NE1 1 
ATOM   62   C CE2 . TRP   A 1 11  ? -11.693 1.091   4.879   1.00 44.68  ? 7   TRP   A CE2 1 
ATOM   63   C CE3 . TRP   A 1 11  ? -11.547 3.498   4.661   1.00 43.96  ? 7   TRP   A CE3 1 
ATOM   64   C CZ2 . TRP   A 1 11  ? -11.922 1.193   6.256   1.00 46.12  ? 7   TRP   A CZ2 1 
ATOM   65   C CZ3 . TRP   A 1 11  ? -11.755 3.599   6.025   1.00 50.04  ? 7   TRP   A CZ3 1 
ATOM   66   C CH2 . TRP   A 1 11  ? -11.929 2.462   6.817   1.00 41.39  ? 7   TRP   A CH2 1 
ATOM   67   N N   . LYS   A 1 12  ? -11.942 5.330   -0.164  1.00 45.42  ? 8   LYS   A N   1 
ATOM   68   C CA  . LYS   A 1 12  ? -11.567 6.314   -1.170  1.00 44.77  ? 8   LYS   A CA  1 
ATOM   69   C C   . LYS   A 1 12  ? -10.568 7.301   -0.559  1.00 44.04  ? 8   LYS   A C   1 
ATOM   70   O O   . LYS   A 1 12  ? -10.704 7.691   0.598   1.00 48.86  ? 8   LYS   A O   1 
ATOM   71   C CB  . LYS   A 1 12  ? -12.824 6.899   -1.821  1.00 50.34  ? 8   LYS   A CB  1 
ATOM   72   C CG  . LYS   A 1 12  ? -13.653 7.878   -0.993  1.00 65.69  ? 8   LYS   A CG  1 
ATOM   73   N N   . ILE   A 1 13  ? -9.544  7.710   -1.328  1.00 41.90  ? 9   ILE   A N   1 
ATOM   74   C CA  . ILE   A 1 13  ? -8.431  8.470   -0.756  1.00 44.66  ? 9   ILE   A CA  1 
ATOM   75   C C   . ILE   A 1 13  ? -8.859  9.916   -0.498  1.00 46.91  ? 9   ILE   A C   1 
ATOM   76   O O   . ILE   A 1 13  ? -9.631  10.459  -1.279  1.00 50.39  ? 9   ILE   A O   1 
ATOM   77   C CB  . ILE   A 1 13  ? -7.190  8.399   -1.677  1.00 43.98  ? 9   ILE   A CB  1 
ATOM   78   C CG1 . ILE   A 1 13  ? -5.912  8.833   -0.953  1.00 42.61  ? 9   ILE   A CG1 1 
ATOM   79   C CG2 . ILE   A 1 13  ? -7.406  9.136   -3.011  1.00 48.54  ? 9   ILE   A CG2 1 
ATOM   80   C CD1 . ILE   A 1 13  ? -4.641  8.660   -1.777  1.00 43.55  ? 9   ILE   A CD1 1 
ATOM   81   N N   . ILE   A 1 14  ? -8.335  10.550  0.562   1.00 46.87  ? 10  ILE   A N   1 
ATOM   82   C CA  . ILE   A 1 14  ? -8.627  11.958  0.806   1.00 47.78  ? 10  ILE   A CA  1 
ATOM   83   C C   . ILE   A 1 14  ? -7.333  12.742  0.997   1.00 52.18  ? 10  ILE   A C   1 
ATOM   84   O O   . ILE   A 1 14  ? -7.365  13.956  0.979   1.00 50.63  ? 10  ILE   A O   1 
ATOM   85   C CB  . ILE   A 1 14  ? -9.586  12.187  1.998   1.00 47.41  ? 10  ILE   A CB  1 
ATOM   86   C CG1 . ILE   A 1 14  ? -9.033  11.625  3.305   1.00 46.47  ? 10  ILE   A CG1 1 
ATOM   87   C CG2 . ILE   A 1 14  ? -10.969 11.643  1.730   1.00 42.50  ? 10  ILE   A CG2 1 
ATOM   88   C CD1 . ILE   A 1 14  ? -9.692  12.213  4.522   1.00 56.09  ? 10  ILE   A CD1 1 
ATOM   89   N N   . ARG   A 1 15  ? -6.198  12.068  1.190   1.00 52.55  ? 11  ARG   A N   1 
ATOM   90   C CA  . ARG   A 1 15  ? -4.932  12.773  1.334   1.00 56.13  ? 11  ARG   A CA  1 
ATOM   91   C C   . ARG   A 1 15  ? -3.790  11.862  0.915   1.00 56.93  ? 11  ARG   A C   1 
ATOM   92   O O   . ARG   A 1 15  ? -3.848  10.654  1.143   1.00 49.32  ? 11  ARG   A O   1 
ATOM   93   C CB  . ARG   A 1 15  ? -4.629  13.082  2.799   1.00 55.79  ? 11  ARG   A CB  1 
ATOM   94   C CG  . ARG   A 1 15  ? -4.986  14.492  3.224   1.00 73.76  ? 11  ARG   A CG  1 
ATOM   95   C CD  . ARG   A 1 15  ? -4.016  14.989  4.275   1.00 69.82  ? 11  ARG   A CD  1 
ATOM   96   N NE  . ARG   A 1 15  ? -3.873  14.150  5.454   1.00 72.24  ? 11  ARG   A NE  1 
ATOM   97   C CZ  . ARG   A 1 15  ? -4.843  13.856  6.318   1.00 71.79  ? 11  ARG   A CZ  1 
ATOM   98   N NH1 . ARG   A 1 15  ? -6.077  14.308  6.129   1.00 66.09  ? 11  ARG   A NH1 1 
ATOM   99   N NH2 . ARG   A 1 15  ? -4.567  13.101  7.373   1.00 73.58  ? 11  ARG   A NH2 1 
ATOM   100  N N   . SER   A 1 16  ? -2.743  12.478  0.371   1.00 53.34  ? 12  SER   A N   1 
ATOM   101  C CA  . SER   A 1 16  ? -1.574  11.769  -0.109  1.00 47.33  ? 12  SER   A CA  1 
ATOM   102  C C   . SER   A 1 16  ? -0.366  12.686  0.047   1.00 56.59  ? 12  SER   A C   1 
ATOM   103  O O   . SER   A 1 16  ? -0.220  13.626  -0.738  1.00 58.06  ? 12  SER   A O   1 
ATOM   104  C CB  . SER   A 1 16  ? -1.767  11.360  -1.522  1.00 50.09  ? 12  SER   A CB  1 
ATOM   105  O OG  . SER   A 1 16  ? -0.651  10.621  -2.010  1.00 52.48  ? 12  SER   A OG  1 
ATOM   106  N N   . GLU   A 1 17  ? 0.448   12.403  1.083   1.00 51.36  ? 13  GLU   A N   1 
ATOM   107  C CA  . GLU   A 1 17  ? 1.673   13.117  1.428   1.00 55.02  ? 13  GLU   A CA  1 
ATOM   108  C C   . GLU   A 1 17  ? 2.909   12.329  0.995   1.00 54.14  ? 13  GLU   A C   1 
ATOM   109  O O   . GLU   A 1 17  ? 2.997   11.140  1.268   1.00 51.36  ? 13  GLU   A O   1 
ATOM   110  C CB  . GLU   A 1 17  ? 1.703   13.376  2.929   1.00 57.33  ? 13  GLU   A CB  1 
ATOM   111  C CG  . GLU   A 1 17  ? 0.705   14.455  3.332   1.00 83.28  ? 13  GLU   A CG  1 
ATOM   112  C CD  . GLU   A 1 17  ? -0.166  14.250  4.568   1.00 92.98  ? 13  GLU   A CD  1 
ATOM   113  O OE1 . GLU   A 1 17  ? 0.093   13.308  5.353   1.00 92.95  ? 13  GLU   A OE1 1 
ATOM   114  O OE2 . GLU   A 1 17  ? -1.124  15.036  4.739   1.00 94.42  ? 13  GLU   A OE2 1 
ATOM   115  N N   . ASN   A 1 18  ? 3.861   12.989  0.310   1.00 49.84  ? 14  ASN   A N   1 
ATOM   116  C CA  . ASN   A 1 18  ? 5.205   12.457  0.091   1.00 48.06  ? 14  ASN   A CA  1 
ATOM   117  C C   . ASN   A 1 18  ? 5.248   11.399  -1.013  1.00 47.63  ? 14  ASN   A C   1 
ATOM   118  O O   . ASN   A 1 18  ? 6.260   10.713  -1.197  1.00 49.62  ? 14  ASN   A O   1 
ATOM   119  C CB  . ASN   A 1 18  ? 5.839   11.881  1.362   1.00 50.88  ? 14  ASN   A CB  1 
ATOM   120  C CG  . ASN   A 1 18  ? 6.395   12.950  2.281   1.00 71.20  ? 14  ASN   A CG  1 
ATOM   121  O OD1 . ASN   A 1 18  ? 6.707   14.050  1.825   1.00 74.37  ? 14  ASN   A OD1 1 
ATOM   122  N ND2 . ASN   A 1 18  ? 6.522   12.642  3.571   1.00 64.28  ? 14  ASN   A ND2 1 
ATOM   123  N N   . PHE   A 1 19  ? 4.171   11.275  -1.783  1.00 47.00  ? 15  PHE   A N   1 
ATOM   124  C CA  . PHE   A 1 19  ? 4.160   10.271  -2.832  1.00 46.05  ? 15  PHE   A CA  1 
ATOM   125  C C   . PHE   A 1 19  ? 5.252   10.540  -3.873  1.00 45.10  ? 15  PHE   A C   1 
ATOM   126  O O   . PHE   A 1 19  ? 6.030   9.660   -4.270  1.00 42.98  ? 15  PHE   A O   1 
ATOM   127  C CB  . PHE   A 1 19  ? 2.745   10.183  -3.420  1.00 43.54  ? 15  PHE   A CB  1 
ATOM   128  C CG  . PHE   A 1 19  ? 2.580   9.030   -4.372  1.00 53.41  ? 15  PHE   A CG  1 
ATOM   129  C CD1 . PHE   A 1 19  ? 2.858   7.725   -3.964  1.00 53.85  ? 15  PHE   A CD1 1 
ATOM   130  C CD2 . PHE   A 1 19  ? 2.119   9.234   -5.666  1.00 58.60  ? 15  PHE   A CD2 1 
ATOM   131  C CE1 . PHE   A 1 19  ? 2.694   6.657   -4.839  1.00 55.29  ? 15  PHE   A CE1 1 
ATOM   132  C CE2 . PHE   A 1 19  ? 1.960   8.162   -6.540  1.00 57.60  ? 15  PHE   A CE2 1 
ATOM   133  C CZ  . PHE   A 1 19  ? 2.252   6.876   -6.127  1.00 60.14  ? 15  PHE   A CZ  1 
ATOM   134  N N   . GLU   A 1 20  ? 5.357   11.797  -4.303  1.00 43.63  ? 16  GLU   A N   1 
ATOM   135  C CA  . GLU   A 1 20  ? 6.349   12.096  -5.322  1.00 47.40  ? 16  GLU   A CA  1 
ATOM   136  C C   . GLU   A 1 20  ? 7.747   11.750  -4.821  1.00 46.05  ? 16  GLU   A C   1 
ATOM   137  O O   . GLU   A 1 20  ? 8.599   11.290  -5.595  1.00 44.90  ? 16  GLU   A O   1 
ATOM   138  C CB  . GLU   A 1 20  ? 6.279   13.567  -5.730  1.00 48.87  ? 16  GLU   A CB  1 
ATOM   139  C CG  . GLU   A 1 20  ? 7.303   13.903  -6.790  1.00 51.95  ? 16  GLU   A CG  1 
ATOM   140  C CD  . GLU   A 1 20  ? 7.115   15.231  -7.516  1.00 59.09  ? 16  GLU   A CD  1 
ATOM   141  O OE1 . GLU   A 1 20  ? 6.203   16.016  -7.135  1.00 52.86  ? 16  GLU   A OE1 1 
ATOM   142  O OE2 . GLU   A 1 20  ? 7.893   15.474  -8.461  1.00 58.02  ? 16  GLU   A OE2 1 
ATOM   143  N N   . GLU   A 1 21  ? 8.000   12.039  -3.538  1.00 45.83  ? 17  GLU   A N   1 
ATOM   144  C CA  . GLU   A 1 21  ? 9.348   11.859  -3.003  1.00 52.92  ? 17  GLU   A CA  1 
ATOM   145  C C   . GLU   A 1 21  ? 9.694   10.365  -2.999  1.00 49.54  ? 17  GLU   A C   1 
ATOM   146  O O   . GLU   A 1 21  ? 10.830  9.968   -3.272  1.00 44.67  ? 17  GLU   A O   1 
ATOM   147  C CB  . GLU   A 1 21  ? 9.456   12.488  -1.614  1.00 52.86  ? 17  GLU   A CB  1 
ATOM   148  C CG  . GLU   A 1 21  ? 9.366   14.007  -1.613  1.00 59.34  ? 17  GLU   A CG  1 
ATOM   149  C CD  . GLU   A 1 21  ? 8.002   14.690  -1.753  1.00 75.70  ? 17  GLU   A CD  1 
ATOM   150  O OE1 . GLU   A 1 21  ? 6.959   14.029  -2.156  1.00 54.03  ? 17  GLU   A OE1 1 
ATOM   151  O OE2 . GLU   A 1 21  ? 7.976   15.918  -1.479  1.00 74.85  ? 17  GLU   A OE2 1 
ATOM   152  N N   . LEU   A 1 22  ? 8.679   9.536   -2.737  1.00 54.79  ? 18  LEU   A N   1 
ATOM   153  C CA  . LEU   A 1 22  ? 8.818   8.078   -2.715  1.00 51.62  ? 18  LEU   A CA  1 
ATOM   154  C C   . LEU   A 1 22  ? 9.176   7.596   -4.116  1.00 48.21  ? 18  LEU   A C   1 
ATOM   155  O O   . LEU   A 1 22  ? 10.104  6.816   -4.281  1.00 49.66  ? 18  LEU   A O   1 
ATOM   156  C CB  . LEU   A 1 22  ? 7.496   7.454   -2.232  1.00 49.79  ? 18  LEU   A CB  1 
ATOM   157  C CG  . LEU   A 1 22  ? 7.421   5.920   -2.242  1.00 54.57  ? 18  LEU   A CG  1 
ATOM   158  C CD1 . LEU   A 1 22  ? 8.146   5.329   -1.044  1.00 48.04  ? 18  LEU   A CD1 1 
ATOM   159  C CD2 . LEU   A 1 22  ? 5.970   5.433   -2.242  1.00 52.54  ? 18  LEU   A CD2 1 
ATOM   160  N N   . LEU   A 1 23  ? 8.460   8.092   -5.137  1.00 47.51  ? 19  LEU   A N   1 
ATOM   161  C CA  . LEU   A 1 23  ? 8.762   7.660   -6.485  1.00 45.30  ? 19  LEU   A CA  1 
ATOM   162  C C   . LEU   A 1 23  ? 10.159  8.124   -6.846  1.00 48.09  ? 19  LEU   A C   1 
ATOM   163  O O   . LEU   A 1 23  ? 10.865  7.456   -7.612  1.00 47.90  ? 19  LEU   A O   1 
ATOM   164  C CB  . LEU   A 1 23  ? 7.760   8.233   -7.488  1.00 47.89  ? 19  LEU   A CB  1 
ATOM   165  C CG  . LEU   A 1 23  ? 6.293   7.890   -7.237  1.00 58.38  ? 19  LEU   A CG  1 
ATOM   166  C CD1 . LEU   A 1 23  ? 5.442   8.459   -8.358  1.00 54.01  ? 19  LEU   A CD1 1 
ATOM   167  C CD2 . LEU   A 1 23  ? 6.071   6.386   -7.137  1.00 53.49  ? 19  LEU   A CD2 1 
ATOM   168  N N   . LYS   A 1 24  ? 10.521  9.319   -6.366  1.00 45.23  ? 20  LYS   A N   1 
ATOM   169  C CA  . LYS   A 1 24  ? 11.851  9.822   -6.693  1.00 50.47  ? 20  LYS   A CA  1 
ATOM   170  C C   . LYS   A 1 24  ? 12.911  8.811   -6.245  1.00 52.70  ? 20  LYS   A C   1 
ATOM   171  O O   . LYS   A 1 24  ? 13.790  8.469   -7.028  1.00 53.24  ? 20  LYS   A O   1 
ATOM   172  C CB  . LYS   A 1 24  ? 12.077  11.226  -6.122  1.00 50.67  ? 20  LYS   A CB  1 
ATOM   173  C CG  . LYS   A 1 24  ? 13.267  11.961  -6.708  1.00 49.92  ? 20  LYS   A CG  1 
ATOM   174  C CD  . LYS   A 1 24  ? 13.337  13.415  -6.210  1.00 50.48  ? 20  LYS   A CD  1 
ATOM   175  C CE  . LYS   A 1 24  ? 14.562  14.139  -6.724  1.00 52.69  ? 20  LYS   A CE  1 
ATOM   176  N NZ  . LYS   A 1 24  ? 14.800  15.367  -5.936  1.00 60.04  ? 20  LYS   A NZ  1 
ATOM   177  N N   . VAL   A 1 25  ? 12.779  8.303   -5.004  1.00 55.01  ? 21  VAL   A N   1 
ATOM   178  C CA  . VAL   A 1 25  ? 13.706  7.364   -4.378  1.00 53.51  ? 21  VAL   A CA  1 
ATOM   179  C C   . VAL   A 1 25  ? 13.776  6.097   -5.215  1.00 54.43  ? 21  VAL   A C   1 
ATOM   180  O O   . VAL   A 1 25  ? 14.799  5.430   -5.263  1.00 58.25  ? 21  VAL   A O   1 
ATOM   181  C CB  . VAL   A 1 25  ? 13.259  7.013   -2.940  1.00 55.13  ? 21  VAL   A CB  1 
ATOM   182  C CG1 . VAL   A 1 25  ? 13.897  5.720   -2.465  1.00 58.70  ? 21  VAL   A CG1 1 
ATOM   183  C CG2 . VAL   A 1 25  ? 13.570  8.121   -1.962  1.00 52.65  ? 21  VAL   A CG2 1 
ATOM   184  N N   . LEU   A 1 26  ? 12.658  5.774   -5.868  1.00 59.26  ? 22  LEU   A N   1 
ATOM   185  C CA  . LEU   A 1 26  ? 12.544  4.566   -6.655  1.00 50.09  ? 22  LEU   A CA  1 
ATOM   186  C C   . LEU   A 1 26  ? 13.022  4.814   -8.086  1.00 54.09  ? 22  LEU   A C   1 
ATOM   187  O O   . LEU   A 1 26  ? 12.909  3.938   -8.936  1.00 60.38  ? 22  LEU   A O   1 
ATOM   188  C CB  . LEU   A 1 26  ? 11.090  4.069   -6.583  1.00 57.67  ? 22  LEU   A CB  1 
ATOM   189  C CG  . LEU   A 1 26  ? 10.525  3.867   -5.167  1.00 63.09  ? 22  LEU   A CG  1 
ATOM   190  C CD1 . LEU   A 1 26  ? 9.027   3.624   -5.182  1.00 71.00  ? 22  LEU   A CD1 1 
ATOM   191  C CD2 . LEU   A 1 26  ? 11.216  2.738   -4.421  1.00 65.21  ? 22  LEU   A CD2 1 
ATOM   192  N N   . GLY   A 1 27  ? 13.576  5.997   -8.367  1.00 55.32  ? 23  GLY   A N   1 
ATOM   193  C CA  . GLY   A 1 27  ? 14.189  6.229   -9.675  1.00 46.88  ? 23  GLY   A CA  1 
ATOM   194  C C   . GLY   A 1 27  ? 13.206  6.673   -10.765 1.00 49.30  ? 23  GLY   A C   1 
ATOM   195  O O   . GLY   A 1 27  ? 13.588  6.825   -11.921 1.00 55.93  ? 23  GLY   A O   1 
ATOM   196  N N   . VAL   A 1 28  ? 11.943  6.933   -10.418 1.00 49.55  ? 24  VAL   A N   1 
ATOM   197  C CA  . VAL   A 1 28  ? 10.984  7.354   -11.434 1.00 49.92  ? 24  VAL   A CA  1 
ATOM   198  C C   . VAL   A 1 28  ? 11.289  8.793   -11.836 1.00 50.30  ? 24  VAL   A C   1 
ATOM   199  O O   . VAL   A 1 28  ? 11.340  9.672   -10.964 1.00 52.66  ? 24  VAL   A O   1 
ATOM   200  C CB  . VAL   A 1 28  ? 9.548   7.297   -10.884 1.00 50.74  ? 24  VAL   A CB  1 
ATOM   201  C CG1 . VAL   A 1 28  ? 8.530   7.788   -11.889 1.00 49.46  ? 24  VAL   A CG1 1 
ATOM   202  C CG2 . VAL   A 1 28  ? 9.182   5.943   -10.315 1.00 49.93  ? 24  VAL   A CG2 1 
ATOM   203  N N   . ASN   A 1 29  ? 11.382  9.046   -13.150 1.00 49.60  ? 25  ASN   A N   1 
ATOM   204  C CA  . ASN   A 1 29  ? 11.669  10.373  -13.689 1.00 53.23  ? 25  ASN   A CA  1 
ATOM   205  C C   . ASN   A 1 29  ? 10.515  11.353  -13.409 1.00 50.60  ? 25  ASN   A C   1 
ATOM   206  O O   . ASN   A 1 29  ? 9.394   10.954  -13.074 1.00 58.25  ? 25  ASN   A O   1 
ATOM   207  C CB  . ASN   A 1 29  ? 12.061  10.312  -15.172 1.00 59.12  ? 25  ASN   A CB  1 
ATOM   208  C CG  . ASN   A 1 29  ? 10.874  10.456  -16.117 1.00 81.67  ? 25  ASN   A CG  1 
ATOM   209  O OD1 . ASN   A 1 29  ? 9.757   10.050  -15.808 1.00 78.74  ? 25  ASN   A OD1 1 
ATOM   210  N ND2 . ASN   A 1 29  ? 11.081  11.067  -17.272 1.00 90.49  ? 25  ASN   A ND2 1 
ATOM   211  N N   . VAL   A 1 30  ? 10.783  12.651  -13.598 1.00 51.28  ? 26  VAL   A N   1 
ATOM   212  C CA  . VAL   A 1 30  ? 9.927   13.729  -13.113 1.00 46.88  ? 26  VAL   A CA  1 
ATOM   213  C C   . VAL   A 1 30  ? 8.543   13.691  -13.765 1.00 45.62  ? 26  VAL   A C   1 
ATOM   214  O O   . VAL   A 1 30  ? 7.549   13.832  -13.058 1.00 50.57  ? 26  VAL   A O   1 
ATOM   215  C CB  . VAL   A 1 30  ? 10.542  15.117  -13.331 1.00 49.33  ? 26  VAL   A CB  1 
ATOM   216  C CG1 . VAL   A 1 30  ? 9.633   16.172  -12.684 1.00 44.43  ? 26  VAL   A CG1 1 
ATOM   217  C CG2 . VAL   A 1 30  ? 11.949  15.181  -12.753 1.00 64.14  ? 26  VAL   A CG2 1 
ATOM   218  N N   . MET   A 1 31  ? 8.502   13.586  -15.102 1.00 47.18  ? 27  MET   A N   1 
ATOM   219  C CA  . MET   A 1 31  ? 7.276   13.567  -15.892 1.00 52.89  ? 27  MET   A CA  1 
ATOM   220  C C   . MET   A 1 31  ? 6.360   12.432  -15.400 1.00 48.93  ? 27  MET   A C   1 
ATOM   221  O O   . MET   A 1 31  ? 5.186   12.662  -15.088 1.00 54.00  ? 27  MET   A O   1 
ATOM   222  C CB  . MET   A 1 31  ? 7.604   13.513  -17.403 1.00 58.28  ? 27  MET   A CB  1 
ATOM   223  C CG  . MET   A 1 31  ? 6.403   13.446  -18.406 1.00 74.56  ? 27  MET   A CG  1 
ATOM   224  S SD  . MET   A 1 31  ? 5.675   11.787  -18.920 1.00 94.07  ? 27  MET   A SD  1 
ATOM   225  C CE  . MET   A 1 31  ? 6.739   11.184  -20.237 1.00 73.15  ? 27  MET   A CE  1 
ATOM   226  N N   . LEU   A 1 32  ? 6.906   11.216  -15.236 1.00 45.92  ? 28  LEU   A N   1 
ATOM   227  C CA  . LEU   A 1 32  ? 6.103   10.095  -14.792 1.00 48.98  ? 28  LEU   A CA  1 
ATOM   228  C C   . LEU   A 1 32  ? 5.667   10.290  -13.344 1.00 48.70  ? 28  LEU   A C   1 
ATOM   229  O O   . LEU   A 1 32  ? 4.555   9.912   -12.973 1.00 44.25  ? 28  LEU   A O   1 
ATOM   230  C CB  . LEU   A 1 32  ? 6.871   8.780   -14.946 1.00 53.34  ? 28  LEU   A CB  1 
ATOM   231  C CG  . LEU   A 1 32  ? 7.096   8.281   -16.378 1.00 61.53  ? 28  LEU   A CG  1 
ATOM   232  C CD1 . LEU   A 1 32  ? 7.943   7.013   -16.356 1.00 64.72  ? 28  LEU   A CD1 1 
ATOM   233  C CD2 . LEU   A 1 32  ? 5.777   8.037   -17.105 1.00 55.85  ? 28  LEU   A CD2 1 
ATOM   234  N N   . ARG   A 1 33  ? 6.526   10.882  -12.513 1.00 44.16  ? 29  ARG   A N   1 
ATOM   235  C CA  . ARG   A 1 33  ? 6.088   11.086  -11.134 1.00 45.33  ? 29  ARG   A CA  1 
ATOM   236  C C   . ARG   A 1 33  ? 4.865   11.988  -11.109 1.00 39.04  ? 29  ARG   A C   1 
ATOM   237  O O   . ARG   A 1 33  ? 3.995   11.791  -10.272 1.00 42.17  ? 29  ARG   A O   1 
ATOM   238  C CB  . ARG   A 1 33  ? 7.153   11.747  -10.251 1.00 43.90  ? 29  ARG   A CB  1 
ATOM   239  C CG  . ARG   A 1 33  ? 8.495   11.041  -10.256 1.00 46.52  ? 29  ARG   A CG  1 
ATOM   240  C CD  . ARG   A 1 33  ? 9.311   11.477  -9.058  1.00 56.94  ? 29  ARG   A CD  1 
ATOM   241  N NE  . ARG   A 1 33  ? 9.822   12.849  -9.081  1.00 58.26  ? 29  ARG   A NE  1 
ATOM   242  C CZ  . ARG   A 1 33  ? 11.000  13.230  -9.593  1.00 53.92  ? 29  ARG   A CZ  1 
ATOM   243  N NH1 . ARG   A 1 33  ? 11.806  12.358  -10.177 1.00 47.99  ? 29  ARG   A NH1 1 
ATOM   244  N NH2 . ARG   A 1 33  ? 11.373  14.491  -9.494  1.00 48.29  ? 29  ARG   A NH2 1 
ATOM   245  N N   . LYS   A 1 34  ? 4.857   13.034  -11.958 1.00 41.15  ? 30  LYS   A N   1 
ATOM   246  C CA  . LYS   A 1 34  ? 3.790   14.040  -11.920 1.00 42.13  ? 30  LYS   A CA  1 
ATOM   247  C C   . LYS   A 1 34  ? 2.476   13.409  -12.373 1.00 46.72  ? 30  LYS   A C   1 
ATOM   248  O O   . LYS   A 1 34  ? 1.401   13.738  -11.870 1.00 42.73  ? 30  LYS   A O   1 
ATOM   249  C CB  . LYS   A 1 34  ? 4.124   15.259  -12.800 1.00 38.22  ? 30  LYS   A CB  1 
ATOM   250  C CG  . LYS   A 1 34  ? 5.341   16.065  -12.325 1.00 39.21  ? 30  LYS   A CG  1 
ATOM   251  C CD  . LYS   A 1 34  ? 5.212   16.603  -10.873 1.00 42.59  ? 30  LYS   A CD  1 
ATOM   252  C CE  . LYS   A 1 34  ? 6.302   17.599  -10.540 1.00 42.81  ? 30  LYS   A CE  1 
ATOM   253  N NZ  . LYS   A 1 34  ? 6.305   17.947  -9.113  1.00 40.15  ? 30  LYS   A NZ  1 
ATOM   254  N N   . ILE   A 1 35  ? 2.597   12.475  -13.322 1.00 46.18  ? 31  ILE   A N   1 
ATOM   255  C CA  . ILE   A 1 35  ? 1.457   11.738  -13.840 1.00 46.25  ? 31  ILE   A CA  1 
ATOM   256  C C   . ILE   A 1 35  ? 0.956   10.770  -12.774 1.00 42.16  ? 31  ILE   A C   1 
ATOM   257  O O   . ILE   A 1 35  ? -0.249  10.609  -12.616 1.00 48.75  ? 31  ILE   A O   1 
ATOM   258  C CB  . ILE   A 1 35  ? 1.888   11.045  -15.146 1.00 49.91  ? 31  ILE   A CB  1 
ATOM   259  C CG1 . ILE   A 1 35  ? 1.887   12.045  -16.304 1.00 54.09  ? 31  ILE   A CG1 1 
ATOM   260  C CG2 . ILE   A 1 35  ? 1.074   9.808   -15.459 1.00 65.17  ? 31  ILE   A CG2 1 
ATOM   261  C CD1 . ILE   A 1 35  ? 2.737   11.583  -17.463 1.00 67.52  ? 31  ILE   A CD1 1 
ATOM   262  N N   . ALA   A 1 36  ? 1.886   10.175  -12.022 1.00 46.77  ? 32  ALA   A N   1 
ATOM   263  C CA  . ALA   A 1 36  ? 1.540   9.261   -10.944 1.00 45.46  ? 32  ALA   A CA  1 
ATOM   264  C C   . ALA   A 1 36  ? 0.840   9.994   -9.803  1.00 47.87  ? 32  ALA   A C   1 
ATOM   265  O O   . ALA   A 1 36  ? -0.160  9.523   -9.238  1.00 45.95  ? 32  ALA   A O   1 
ATOM   266  C CB  . ALA   A 1 36  ? 2.795   8.565   -10.474 1.00 43.25  ? 32  ALA   A CB  1 
ATOM   267  N N   . VAL   A 1 37  ? 1.367   11.174  -9.456  1.00 47.23  ? 33  VAL   A N   1 
ATOM   268  C CA  . VAL   A 1 37  ? 0.707   11.968  -8.431  1.00 40.69  ? 33  VAL   A CA  1 
ATOM   269  C C   . VAL   A 1 37  ? -0.715  12.273  -8.888  1.00 43.97  ? 33  VAL   A C   1 
ATOM   270  O O   . VAL   A 1 37  ? -1.632  12.202  -8.072  1.00 41.74  ? 33  VAL   A O   1 
ATOM   271  C CB  . VAL   A 1 37  ? 1.451   13.273  -8.064  1.00 41.35  ? 33  VAL   A CB  1 
ATOM   272  C CG1 . VAL   A 1 37  ? 0.618   14.099  -7.094  1.00 40.88  ? 33  VAL   A CG1 1 
ATOM   273  C CG2 . VAL   A 1 37  ? 2.829   12.998  -7.467  1.00 38.60  ? 33  VAL   A CG2 1 
ATOM   274  N N   . ALA   A 1 38  ? -0.898  12.677  -10.159 1.00 38.91  ? 34  ALA   A N   1 
ATOM   275  C CA  . ALA   A 1 38  ? -2.235  13.067  -10.580 1.00 39.49  ? 34  ALA   A CA  1 
ATOM   276  C C   . ALA   A 1 38  ? -3.143  11.835  -10.476 1.00 45.74  ? 34  ALA   A C   1 
ATOM   277  O O   . ALA   A 1 38  ? -4.242  11.934  -9.941  1.00 49.77  ? 34  ALA   A O   1 
ATOM   278  C CB  . ALA   A 1 38  ? -2.212  13.630  -11.987 1.00 39.29  ? 34  ALA   A CB  1 
ATOM   279  N N   . ALA   A 1 39  ? -2.648  10.663  -10.928 1.00 43.64  ? 35  ALA   A N   1 
ATOM   280  C CA  . ALA   A 1 39  ? -3.413  9.411   -10.912 1.00 45.13  ? 35  ALA   A CA  1 
ATOM   281  C C   . ALA   A 1 39  ? -3.742  8.973   -9.476  1.00 47.73  ? 35  ALA   A C   1 
ATOM   282  O O   . ALA   A 1 39  ? -4.775  8.367   -9.233  1.00 46.01  ? 35  ALA   A O   1 
ATOM   283  C CB  . ALA   A 1 39  ? -2.620  8.324   -11.597 1.00 41.03  ? 35  ALA   A CB  1 
ATOM   284  N N   . ALA   A 1 40  ? -2.868  9.301   -8.520  1.00 44.61  ? 36  ALA   A N   1 
ATOM   285  C CA  . ALA   A 1 40  ? -3.047  8.900   -7.132  1.00 49.46  ? 36  ALA   A CA  1 
ATOM   286  C C   . ALA   A 1 40  ? -4.283  9.532   -6.507  1.00 48.15  ? 36  ALA   A C   1 
ATOM   287  O O   . ALA   A 1 40  ? -4.697  9.124   -5.431  1.00 54.97  ? 36  ALA   A O   1 
ATOM   288  C CB  . ALA   A 1 40  ? -1.805  9.212   -6.311  1.00 48.18  ? 36  ALA   A CB  1 
ATOM   289  N N   . SER   A 1 41  ? -4.887  10.539  -7.143  1.00 49.26  ? 37  SER   A N   1 
ATOM   290  C CA  . SER   A 1 41  ? -5.986  11.157  -6.414  1.00 49.29  ? 37  SER   A CA  1 
ATOM   291  C C   . SER   A 1 41  ? -7.297  10.427  -6.689  1.00 49.61  ? 37  SER   A C   1 
ATOM   292  O O   . SER   A 1 41  ? -8.316  10.733  -6.085  1.00 48.72  ? 37  SER   A O   1 
ATOM   293  C CB  . SER   A 1 41  ? -6.074  12.649  -6.654  1.00 71.46  ? 37  SER   A CB  1 
ATOM   294  O OG  . SER   A 1 41  ? -6.552  12.918  -7.959  1.00 64.74  ? 37  SER   A OG  1 
ATOM   295  N N   . LYS   A 1 42  ? -7.245  9.400   -7.546  1.00 45.73  ? 38  LYS   A N   1 
ATOM   296  C CA  . LYS   A 1 42  ? -8.358  8.473   -7.714  1.00 52.47  ? 38  LYS   A CA  1 
ATOM   297  C C   . LYS   A 1 42  ? -8.025  7.080   -7.144  1.00 51.89  ? 38  LYS   A C   1 
ATOM   298  O O   . LYS   A 1 42  ? -8.665  6.102   -7.510  1.00 49.68  ? 38  LYS   A O   1 
ATOM   299  C CB  . LYS   A 1 42  ? -8.758  8.403   -9.203  1.00 50.73  ? 38  LYS   A CB  1 
ATOM   300  C CG  . LYS   A 1 42  ? -8.839  9.742   -9.941  1.00 51.47  ? 38  LYS   A CG  1 
ATOM   301  N N   . TYR   A 1 43  ? -7.001  6.940   -6.288  1.00 47.38  ? 39  TYR   A N   1 
ATOM   302  C CA  . TYR   A 1 43  ? -6.819  5.649   -5.630  1.00 48.52  ? 39  TYR   A CA  1 
ATOM   303  C C   . TYR   A 1 43  ? -8.109  5.231   -4.929  1.00 48.66  ? 39  TYR   A C   1 
ATOM   304  O O   . TYR   A 1 43  ? -8.666  5.986   -4.146  1.00 40.84  ? 39  TYR   A O   1 
ATOM   305  C CB  . TYR   A 1 43  ? -5.718  5.655   -4.566  1.00 51.03  ? 39  TYR   A CB  1 
ATOM   306  C CG  . TYR   A 1 43  ? -4.336  5.472   -5.125  1.00 54.48  ? 39  TYR   A CG  1 
ATOM   307  C CD1 . TYR   A 1 43  ? -4.090  4.647   -6.210  1.00 58.86  ? 39  TYR   A CD1 1 
ATOM   308  C CD2 . TYR   A 1 43  ? -3.258  6.138   -4.571  1.00 70.14  ? 39  TYR   A CD2 1 
ATOM   309  C CE1 . TYR   A 1 43  ? -2.810  4.496   -6.730  1.00 59.56  ? 39  TYR   A CE1 1 
ATOM   310  C CE2 . TYR   A 1 43  ? -1.972  5.988   -5.071  1.00 69.42  ? 39  TYR   A CE2 1 
ATOM   311  C CZ  . TYR   A 1 43  ? -1.744  5.177   -6.164  1.00 64.52  ? 39  TYR   A CZ  1 
ATOM   312  O OH  . TYR   A 1 43  ? -0.463  5.069   -6.645  1.00 66.98  ? 39  TYR   A OH  1 
ATOM   313  N N   . ALA   A 1 44  ? -8.577  4.014   -5.213  1.00 43.49  ? 40  ALA   A N   1 
ATOM   314  C CA  . ALA   A 1 44  ? -9.634  3.425   -4.424  1.00 45.13  ? 40  ALA   A CA  1 
ATOM   315  C C   . ALA   A 1 44  ? -9.123  2.072   -3.933  1.00 51.02  ? 40  ALA   A C   1 
ATOM   316  O O   . ALA   A 1 44  ? -8.333  1.417   -4.620  1.00 48.28  ? 40  ALA   A O   1 
ATOM   317  C CB  . ALA   A 1 44  ? -10.907 3.316   -5.242  1.00 44.69  ? 40  ALA   A CB  1 
ATOM   318  N N   . VAL   A 1 45  ? -9.547  1.674   -2.728  1.00 44.09  ? 41  VAL   A N   1 
ATOM   319  C CA  . VAL   A 1 45  ? -9.102  0.417   -2.161  1.00 43.74  ? 41  VAL   A CA  1 
ATOM   320  C C   . VAL   A 1 45  ? -10.354 -0.333  -1.727  1.00 51.11  ? 41  VAL   A C   1 
ATOM   321  O O   . VAL   A 1 45  ? -11.236 0.234   -1.075  1.00 44.87  ? 41  VAL   A O   1 
ATOM   322  C CB  . VAL   A 1 45  ? -8.158  0.610   -0.959  1.00 43.40  ? 41  VAL   A CB  1 
ATOM   323  C CG1 . VAL   A 1 45  ? -7.753  -0.756  -0.436  1.00 46.20  ? 41  VAL   A CG1 1 
ATOM   324  C CG2 . VAL   A 1 45  ? -6.894  1.405   -1.318  1.00 41.71  ? 41  VAL   A CG2 1 
ATOM   325  N N   . GLU   A 1 46  ? -10.434 -1.611  -2.100  1.00 44.79  ? 42  GLU   A N   1 
ATOM   326  C CA  . GLU   A 1 46  ? -11.499 -2.453  -1.580  1.00 47.04  ? 42  GLU   A CA  1 
ATOM   327  C C   . GLU   A 1 46  ? -10.847 -3.580  -0.780  1.00 45.80  ? 42  GLU   A C   1 
ATOM   328  O O   . GLU   A 1 46  ? -9.922  -4.221  -1.263  1.00 45.34  ? 42  GLU   A O   1 
ATOM   329  C CB  . GLU   A 1 46  ? -12.421 -2.920  -2.710  1.00 47.74  ? 42  GLU   A CB  1 
ATOM   330  C CG  . GLU   A 1 46  ? -13.430 -3.988  -2.313  1.00 59.76  ? 42  GLU   A CG  1 
ATOM   331  C CD  . GLU   A 1 46  ? -14.092 -4.692  -3.501  1.00 72.18  ? 42  GLU   A CD  1 
ATOM   332  O OE1 . GLU   A 1 46  ? -14.156 -4.100  -4.607  1.00 84.79  ? 42  GLU   A OE1 1 
ATOM   333  O OE2 . GLU   A 1 46  ? -14.544 -5.835  -3.332  1.00 72.30  ? 42  GLU   A OE2 1 
ATOM   334  N N   . ILE   A 1 47  ? -11.316 -3.778  0.457   1.00 44.06  ? 43  ILE   A N   1 
ATOM   335  C CA  . ILE   A 1 47  ? -10.757 -4.789  1.350   1.00 42.85  ? 43  ILE   A CA  1 
ATOM   336  C C   . ILE   A 1 47  ? -11.872 -5.728  1.797   1.00 45.34  ? 43  ILE   A C   1 
ATOM   337  O O   . ILE   A 1 47  ? -12.923 -5.264  2.251   1.00 45.62  ? 43  ILE   A O   1 
ATOM   338  C CB  . ILE   A 1 47  ? -10.117 -4.143  2.590   1.00 42.84  ? 43  ILE   A CB  1 
ATOM   339  C CG1 . ILE   A 1 47  ? -9.027  -3.147  2.177   1.00 44.99  ? 43  ILE   A CG1 1 
ATOM   340  C CG2 . ILE   A 1 47  ? -9.588  -5.237  3.526   1.00 39.91  ? 43  ILE   A CG2 1 
ATOM   341  C CD1 . ILE   A 1 47  ? -8.265  -2.527  3.331   1.00 41.96  ? 43  ILE   A CD1 1 
ATOM   342  N N   . LYS   A 1 48  ? -11.601 -7.040  1.712   1.00 42.52  ? 44  LYS   A N   1 
ATOM   343  C CA  . LYS   A 1 48  ? -12.395 -8.020  2.428   1.00 45.94  ? 44  LYS   A CA  1 
ATOM   344  C C   . LYS   A 1 48  ? -11.493 -8.743  3.421   1.00 47.34  ? 44  LYS   A C   1 
ATOM   345  O O   . LYS   A 1 48  ? -10.514 -9.368  3.023   1.00 42.48  ? 44  LYS   A O   1 
ATOM   346  C CB  . LYS   A 1 48  ? -13.024 -9.009  1.438   1.00 50.28  ? 44  LYS   A CB  1 
ATOM   347  C CG  . LYS   A 1 48  ? -14.048 -8.402  0.480   1.00 55.57  ? 44  LYS   A CG  1 
ATOM   348  N N   . GLN   A 1 49  ? -11.846 -8.685  4.708   1.00 46.33  ? 45  GLN   A N   1 
ATOM   349  C CA  . GLN   A 1 49  ? -11.049 -9.332  5.730   1.00 48.86  ? 45  GLN   A CA  1 
ATOM   350  C C   . GLN   A 1 49  ? -11.899 -10.359 6.491   1.00 49.98  ? 45  GLN   A C   1 
ATOM   351  O O   . GLN   A 1 49  ? -13.004 -10.044 6.920   1.00 48.19  ? 45  GLN   A O   1 
ATOM   352  C CB  . GLN   A 1 49  ? -10.497 -8.280  6.696   1.00 40.52  ? 45  GLN   A CB  1 
ATOM   353  C CG  . GLN   A 1 49  ? -10.028 -8.901  8.014   1.00 46.72  ? 45  GLN   A CG  1 
ATOM   354  C CD  . GLN   A 1 49  ? -9.604  -7.904  9.074   1.00 50.97  ? 45  GLN   A CD  1 
ATOM   355  O OE1 . GLN   A 1 49  ? -9.923  -6.710  9.017   1.00 45.40  ? 45  GLN   A OE1 1 
ATOM   356  N NE2 . GLN   A 1 49  ? -8.916  -8.407  10.083  1.00 45.63  ? 45  GLN   A NE2 1 
ATOM   357  N N   . GLU   A 1 50  ? -11.348 -11.563 6.704   1.00 46.37  ? 46  GLU   A N   1 
ATOM   358  C CA  . GLU   A 1 50  ? -11.905 -12.568 7.595   1.00 52.39  ? 46  GLU   A CA  1 
ATOM   359  C C   . GLU   A 1 50  ? -10.783 -13.114 8.469   1.00 48.48  ? 46  GLU   A C   1 
ATOM   360  O O   . GLU   A 1 50  ? -9.899  -13.825 7.989   1.00 45.38  ? 46  GLU   A O   1 
ATOM   361  C CB  . GLU   A 1 50  ? -12.412 -13.774 6.804   1.00 53.13  ? 46  GLU   A CB  1 
ATOM   362  C CG  . GLU   A 1 50  ? -13.756 -13.594 6.133   0.70 65.59  ? 46  GLU   A CG  1 
ATOM   363  C CD  . GLU   A 1 50  ? -14.148 -14.875 5.404   0.70 78.17  ? 46  GLU   A CD  1 
ATOM   364  O OE1 . GLU   A 1 50  ? -14.784 -14.785 4.322   0.70 70.20  ? 46  GLU   A OE1 1 
ATOM   365  O OE2 . GLU   A 1 50  ? -13.787 -15.974 5.908   0.70 78.60  ? 46  GLU   A OE2 1 
ATOM   366  N N   . GLY   A 1 51  ? -10.837 -12.811 9.766   1.00 53.03  ? 47  GLY   A N   1 
ATOM   367  C CA  . GLY   A 1 51  ? -9.762  -13.240 10.648  1.00 54.16  ? 47  GLY   A CA  1 
ATOM   368  C C   . GLY   A 1 51  ? -8.451  -12.582 10.223  1.00 48.89  ? 47  GLY   A C   1 
ATOM   369  O O   . GLY   A 1 51  ? -8.396  -11.360 10.116  1.00 51.31  ? 47  GLY   A O   1 
ATOM   370  N N   . ASP   A 1 52  ? -7.436  -13.384 9.884   1.00 46.30  ? 48  ASP   A N   1 
ATOM   371  C CA  . ASP   A 1 52  ? -6.154  -12.816 9.485   1.00 48.37  ? 48  ASP   A CA  1 
ATOM   372  C C   . ASP   A 1 52  ? -5.908  -13.043 7.990   1.00 44.09  ? 48  ASP   A C   1 
ATOM   373  O O   . ASP   A 1 52  ? -4.773  -12.944 7.531   1.00 46.21  ? 48  ASP   A O   1 
ATOM   374  C CB  . ASP   A 1 52  ? -5.023  -13.324 10.375  1.00 50.18  ? 48  ASP   A CB  1 
ATOM   375  C CG  . ASP   A 1 52  ? -4.806  -14.810 10.218  1.00 64.06  ? 48  ASP   A CG  1 
ATOM   376  O OD1 . ASP   A 1 52  ? -5.579  -15.439 9.447   1.00 73.15  ? 48  ASP   A OD1 1 
ATOM   377  O OD2 . ASP   A 1 52  ? -3.868  -15.330 10.877  1.00 76.12  ? 48  ASP   A OD2 1 
ATOM   378  N N   . THR   A 1 53  ? -6.990  -13.330 7.252   1.00 43.53  ? 49  THR   A N   1 
ATOM   379  C CA  . THR   A 1 53  ? -6.977  -13.478 5.792   1.00 50.37  ? 49  THR   A CA  1 
ATOM   380  C C   . THR   A 1 53  ? -7.518  -12.229 5.082   1.00 43.92  ? 49  THR   A C   1 
ATOM   381  O O   . THR   A 1 53  ? -8.608  -11.746 5.387   1.00 44.16  ? 49  THR   A O   1 
ATOM   382  C CB  . THR   A 1 53  ? -7.822  -14.692 5.383   1.00 53.51  ? 49  THR   A CB  1 
ATOM   383  O OG1 . THR   A 1 53  ? -7.028  -15.839 5.692   1.00 61.82  ? 49  THR   A OG1 1 
ATOM   384  C CG2 . THR   A 1 53  ? -8.209  -14.700 3.921   1.00 55.32  ? 49  THR   A CG2 1 
ATOM   385  N N   . PHE   A 1 54  ? -6.797  -11.766 4.053   1.00 45.01  ? 50  PHE   A N   1 
ATOM   386  C CA  . PHE   A 1 54  ? -7.155  -10.505 3.416   1.00 44.12  ? 50  PHE   A CA  1 
ATOM   387  C C   . PHE   A 1 54  ? -7.214  -10.621 1.898   1.00 45.05  ? 50  PHE   A C   1 
ATOM   388  O O   . PHE   A 1 54  ? -6.306  -11.163 1.245   1.00 46.33  ? 50  PHE   A O   1 
ATOM   389  C CB  . PHE   A 1 54  ? -6.108  -9.425  3.738   1.00 40.59  ? 50  PHE   A CB  1 
ATOM   390  C CG  . PHE   A 1 54  ? -6.215  -8.880  5.137   1.00 42.37  ? 50  PHE   A CG  1 
ATOM   391  C CD1 . PHE   A 1 54  ? -5.669  -9.566  6.215   1.00 43.23  ? 50  PHE   A CD1 1 
ATOM   392  C CD2 . PHE   A 1 54  ? -6.872  -7.679  5.379   1.00 41.40  ? 50  PHE   A CD2 1 
ATOM   393  C CE1 . PHE   A 1 54  ? -5.788  -9.060  7.502   1.00 40.38  ? 50  PHE   A CE1 1 
ATOM   394  C CE2 . PHE   A 1 54  ? -6.972  -7.168  6.663   1.00 43.79  ? 50  PHE   A CE2 1 
ATOM   395  C CZ  . PHE   A 1 54  ? -6.433  -7.863  7.728   1.00 44.32  ? 50  PHE   A CZ  1 
ATOM   396  N N   . TYR   A 1 55  ? -8.242  -9.980  1.351   1.00 42.19  ? 51  TYR   A N   1 
ATOM   397  C CA  . TYR   A 1 55  ? -8.301  -9.700  -0.076  1.00 47.06  ? 51  TYR   A CA  1 
ATOM   398  C C   . TYR   A 1 55  ? -8.294  -8.185  -0.264  1.00 38.77  ? 51  TYR   A C   1 
ATOM   399  O O   . TYR   A 1 55  ? -9.085  -7.483  0.367   1.00 42.27  ? 51  TYR   A O   1 
ATOM   400  C CB  . TYR   A 1 55  ? -9.557  -10.323 -0.723  1.00 44.48  ? 51  TYR   A CB  1 
ATOM   401  C CG  . TYR   A 1 55  ? -9.911  -9.731  -2.072  1.00 48.71  ? 51  TYR   A CG  1 
ATOM   402  C CD1 . TYR   A 1 55  ? -9.306  -10.197 -3.238  1.00 53.99  ? 51  TYR   A CD1 1 
ATOM   403  C CD2 . TYR   A 1 55  ? -10.827 -8.686  -2.193  1.00 56.95  ? 51  TYR   A CD2 1 
ATOM   404  C CE1 . TYR   A 1 55  ? -9.618  -9.661  -4.481  1.00 53.18  ? 51  TYR   A CE1 1 
ATOM   405  C CE2 . TYR   A 1 55  ? -11.157 -8.133  -3.430  1.00 49.91  ? 51  TYR   A CE2 1 
ATOM   406  C CZ  . TYR   A 1 55  ? -10.546 -8.632  -4.572  1.00 51.87  ? 51  TYR   A CZ  1 
ATOM   407  O OH  . TYR   A 1 55  ? -10.809 -8.090  -5.796  1.00 53.48  ? 51  TYR   A OH  1 
ATOM   408  N N   . ILE   A 1 56  ? -7.418  -7.691  -1.150  1.00 40.55  ? 52  ILE   A N   1 
ATOM   409  C CA  . ILE   A 1 56  ? -7.266  -6.257  -1.304  1.00 41.79  ? 52  ILE   A CA  1 
ATOM   410  C C   . ILE   A 1 56  ? -7.122  -5.941  -2.781  1.00 44.83  ? 52  ILE   A C   1 
ATOM   411  O O   . ILE   A 1 56  ? -6.239  -6.477  -3.448  1.00 41.74  ? 52  ILE   A O   1 
ATOM   412  C CB  . ILE   A 1 56  ? -6.120  -5.681  -0.443  1.00 40.07  ? 52  ILE   A CB  1 
ATOM   413  C CG1 . ILE   A 1 56  ? -6.271  -6.118  1.024   1.00 41.59  ? 52  ILE   A CG1 1 
ATOM   414  C CG2 . ILE   A 1 56  ? -6.109  -4.167  -0.579  1.00 39.55  ? 52  ILE   A CG2 1 
ATOM   415  C CD1 . ILE   A 1 56  ? -5.238  -5.527  1.972   1.00 49.04  ? 52  ILE   A CD1 1 
ATOM   416  N N   . LYS   A 1 57  ? -8.035  -5.079  -3.254  1.00 43.92  ? 53  LYS   A N   1 
ATOM   417  C CA  . LYS   A 1 57  ? -8.017  -4.578  -4.618  1.00 41.89  ? 53  LYS   A CA  1 
ATOM   418  C C   . LYS   A 1 57  ? -7.762  -3.076  -4.572  1.00 41.31  ? 53  LYS   A C   1 
ATOM   419  O O   . LYS   A 1 57  ? -8.578  -2.352  -4.010  1.00 42.45  ? 53  LYS   A O   1 
ATOM   420  C CB  . LYS   A 1 57  ? -9.389  -4.814  -5.261  1.00 39.52  ? 53  LYS   A CB  1 
ATOM   421  C CG  . LYS   A 1 57  ? -9.424  -4.400  -6.735  1.00 47.28  ? 53  LYS   A CG  1 
ATOM   422  C CD  . LYS   A 1 57  ? -10.642 -4.916  -7.449  1.00 54.10  ? 53  LYS   A CD  1 
ATOM   423  C CE  . LYS   A 1 57  ? -11.682 -3.829  -7.631  1.00 64.44  ? 53  LYS   A CE  1 
ATOM   424  N NZ  . LYS   A 1 57  ? -12.997 -4.282  -7.138  1.00 72.71  ? 53  LYS   A NZ  1 
ATOM   425  N N   . VAL   A 1 58  ? -6.635  -2.634  -5.148  1.00 40.47  ? 54  VAL   A N   1 
ATOM   426  C CA  . VAL   A 1 58  ? -6.302  -1.228  -5.281  1.00 42.07  ? 54  VAL   A CA  1 
ATOM   427  C C   . VAL   A 1 58  ? -6.467  -0.852  -6.750  1.00 43.60  ? 54  VAL   A C   1 
ATOM   428  O O   . VAL   A 1 58  ? -5.984  -1.542  -7.635  1.00 45.95  ? 54  VAL   A O   1 
ATOM   429  C CB  . VAL   A 1 58  ? -4.847  -0.943  -4.854  1.00 41.97  ? 54  VAL   A CB  1 
ATOM   430  C CG1 . VAL   A 1 58  ? -4.577  0.549   -4.835  1.00 47.23  ? 54  VAL   A CG1 1 
ATOM   431  C CG2 . VAL   A 1 58  ? -4.484  -1.553  -3.516  1.00 42.39  ? 54  VAL   A CG2 1 
ATOM   432  N N   . SER   A 1 59  ? -7.164  0.244   -7.025  1.00 42.89  ? 55  SER   A N   1 
ATOM   433  C CA  . SER   A 1 59  ? -7.297  0.660   -8.404  1.00 43.35  ? 55  SER   A CA  1 
ATOM   434  C C   . SER   A 1 59  ? -7.272  2.181   -8.504  1.00 46.00  ? 55  SER   A C   1 
ATOM   435  O O   . SER   A 1 59  ? -7.504  2.899   -7.521  1.00 44.80  ? 55  SER   A O   1 
ATOM   436  C CB  . SER   A 1 59  ? -8.564  0.092   -8.992  1.00 53.65  ? 55  SER   A CB  1 
ATOM   437  O OG  . SER   A 1 59  ? -9.651  0.421   -8.158  1.00 57.59  ? 55  SER   A OG  1 
ATOM   438  N N   . THR   A 1 60  ? -6.926  2.631   -9.716  1.00 42.62  ? 56  THR   A N   1 
ATOM   439  C CA  . THR   A 1 60  ? -7.075  3.996   -10.184 1.00 42.07  ? 56  THR   A CA  1 
ATOM   440  C C   . THR   A 1 60  ? -7.997  3.970   -11.401 1.00 46.83  ? 56  THR   A C   1 
ATOM   441  O O   . THR   A 1 60  ? -8.628  2.955   -11.698 1.00 42.93  ? 56  THR   A O   1 
ATOM   442  C CB  . THR   A 1 60  ? -5.706  4.572   -10.555 1.00 45.32  ? 56  THR   A CB  1 
ATOM   443  O OG1 . THR   A 1 60  ? -5.172  3.575   -11.419 1.00 48.59  ? 56  THR   A OG1 1 
ATOM   444  C CG2 . THR   A 1 60  ? -4.795  4.694   -9.359  1.00 47.09  ? 56  THR   A CG2 1 
ATOM   445  N N   . THR   A 1 61  ? -8.053  5.104   -12.100 1.00 44.01  ? 57  THR   A N   1 
ATOM   446  C CA  . THR   A 1 61  ? -8.758  5.238   -13.360 1.00 45.00  ? 57  THR   A CA  1 
ATOM   447  C C   . THR   A 1 61  ? -8.461  4.074   -14.318 1.00 42.35  ? 57  THR   A C   1 
ATOM   448  O O   . THR   A 1 61  ? -9.408  3.491   -14.848 1.00 40.28  ? 57  THR   A O   1 
ATOM   449  C CB  . THR   A 1 61  ? -8.632  6.669   -13.909 1.00 47.38  ? 57  THR   A CB  1 
ATOM   450  O OG1 . THR   A 1 61  ? -9.077  7.465   -12.803 1.00 54.57  ? 57  THR   A OG1 1 
ATOM   451  C CG2 . THR   A 1 61  ? -9.568  6.943   -15.068 1.00 44.63  ? 57  THR   A CG2 1 
ATOM   452  N N   . VAL   A 1 62  ? -7.185  3.763   -14.577 1.00 39.23  ? 58  VAL   A N   1 
ATOM   453  C CA  . VAL   A 1 62  ? -6.858  2.870   -15.697 1.00 36.98  ? 58  VAL   A CA  1 
ATOM   454  C C   . VAL   A 1 62  ? -6.274  1.527   -15.247 1.00 41.19  ? 58  VAL   A C   1 
ATOM   455  O O   . VAL   A 1 62  ? -6.053  0.646   -16.066 1.00 40.63  ? 58  VAL   A O   1 
ATOM   456  C CB  . VAL   A 1 62  ? -5.985  3.544   -16.776 1.00 41.54  ? 58  VAL   A CB  1 
ATOM   457  C CG1 . VAL   A 1 62  ? -6.704  4.752   -17.394 1.00 38.78  ? 58  VAL   A CG1 1 
ATOM   458  C CG2 . VAL   A 1 62  ? -4.582  3.915   -16.239 1.00 40.31  ? 58  VAL   A CG2 1 
ATOM   459  N N   . TYR   A 1 63  ? -6.095  1.317   -13.938 1.00 42.83  ? 59  TYR   A N   1 
ATOM   460  C CA  . TYR   A 1 63  ? -5.277  0.196   -13.510 1.00 39.54  ? 59  TYR   A CA  1 
ATOM   461  C C   . TYR   A 1 63  ? -5.884  -0.386  -12.247 1.00 45.35  ? 59  TYR   A C   1 
ATOM   462  O O   . TYR   A 1 63  ? -6.471  0.342   -11.443 1.00 45.82  ? 59  TYR   A O   1 
ATOM   463  C CB  . TYR   A 1 63  ? -3.834  0.650   -13.225 1.00 41.26  ? 59  TYR   A CB  1 
ATOM   464  C CG  . TYR   A 1 63  ? -2.859  -0.483  -13.379 1.00 43.03  ? 59  TYR   A CG  1 
ATOM   465  C CD1 . TYR   A 1 63  ? -2.322  -0.785  -14.624 1.00 43.97  ? 59  TYR   A CD1 1 
ATOM   466  C CD2 . TYR   A 1 63  ? -2.530  -1.303  -12.304 1.00 48.22  ? 59  TYR   A CD2 1 
ATOM   467  C CE1 . TYR   A 1 63  ? -1.462  -1.858  -14.800 1.00 44.44  ? 59  TYR   A CE1 1 
ATOM   468  C CE2 . TYR   A 1 63  ? -1.679  -2.390  -12.464 1.00 47.20  ? 59  TYR   A CE2 1 
ATOM   469  C CZ  . TYR   A 1 63  ? -1.145  -2.667  -13.718 1.00 49.89  ? 59  TYR   A CZ  1 
ATOM   470  O OH  . TYR   A 1 63  ? -0.286  -3.715  -13.908 1.00 57.53  ? 59  TYR   A OH  1 
ATOM   471  N N   . THR   A 1 64  ? -5.764  -1.705  -12.095 1.00 40.95  ? 60  THR   A N   1 
ATOM   472  C CA  . THR   A 1 64  ? -6.327  -2.342  -10.927 1.00 41.93  ? 60  THR   A CA  1 
ATOM   473  C C   . THR   A 1 64  ? -5.467  -3.546  -10.590 1.00 49.43  ? 60  THR   A C   1 
ATOM   474  O O   . THR   A 1 64  ? -4.991  -4.219  -11.511 1.00 45.54  ? 60  THR   A O   1 
ATOM   475  C CB  . THR   A 1 64  ? -7.792  -2.713  -11.198 1.00 42.50  ? 60  THR   A CB  1 
ATOM   476  O OG1 . THR   A 1 64  ? -8.296  -3.197  -9.955  1.00 46.70  ? 60  THR   A OG1 1 
ATOM   477  C CG2 . THR   A 1 64  ? -7.955  -3.802  -12.236 1.00 44.50  ? 60  THR   A CG2 1 
ATOM   478  N N   . THR   A 1 65  ? -5.241  -3.785  -9.289  1.00 43.16  ? 61  THR   A N   1 
ATOM   479  C CA  . THR   A 1 65  ? -4.586  -5.021  -8.878  1.00 55.47  ? 61  THR   A CA  1 
ATOM   480  C C   . THR   A 1 65  ? -5.208  -5.552  -7.596  1.00 56.97  ? 61  THR   A C   1 
ATOM   481  O O   . THR   A 1 65  ? -5.825  -4.812  -6.835  1.00 46.81  ? 61  THR   A O   1 
ATOM   482  C CB  . THR   A 1 65  ? -3.051  -4.980  -8.858  1.00 59.47  ? 61  THR   A CB  1 
ATOM   483  O OG1 . THR   A 1 65  ? -2.697  -3.654  -8.512  1.00 60.40  ? 61  THR   A OG1 1 
ATOM   484  C CG2 . THR   A 1 65  ? -2.407  -5.338  -10.190 1.00 73.52  ? 61  THR   A CG2 1 
ATOM   485  N N   . GLU   A 1 66  ? -5.062  -6.870  -7.424  1.00 49.59  ? 62  GLU   A N   1 
ATOM   486  C CA  . GLU   A 1 66  ? -5.673  -7.616  -6.351  1.00 52.09  ? 62  GLU   A CA  1 
ATOM   487  C C   . GLU   A 1 66  ? -4.567  -8.390  -5.669  1.00 54.82  ? 62  GLU   A C   1 
ATOM   488  O O   . GLU   A 1 66  ? -3.697  -8.925  -6.354  1.00 50.09  ? 62  GLU   A O   1 
ATOM   489  C CB  . GLU   A 1 66  ? -6.543  -8.699  -6.952  1.00 51.53  ? 62  GLU   A CB  1 
ATOM   490  C CG  . GLU   A 1 66  ? -7.851  -8.157  -7.456  1.00 61.78  ? 62  GLU   A CG  1 
ATOM   491  C CD  . GLU   A 1 66  ? -8.720  -9.234  -8.077  1.00 67.14  ? 62  GLU   A CD  1 
ATOM   492  O OE1 . GLU   A 1 66  ? -8.154  -10.196 -8.645  1.00 77.01  ? 62  GLU   A OE1 1 
ATOM   493  O OE2 . GLU   A 1 66  ? -9.952  -9.110  -7.980  1.00 62.42  ? 62  GLU   A OE2 1 
ATOM   494  N N   . ILE   A 1 67  ? -4.601  -8.426  -4.335  1.00 48.48  ? 63  ILE   A N   1 
ATOM   495  C CA  . ILE   A 1 67  ? -3.717  -9.335  -3.635  1.00 51.42  ? 63  ILE   A CA  1 
ATOM   496  C C   . ILE   A 1 67  ? -4.540  -10.074 -2.601  1.00 52.09  ? 63  ILE   A C   1 
ATOM   497  O O   . ILE   A 1 67  ? -5.578  -9.598  -2.145  1.00 47.85  ? 63  ILE   A O   1 
ATOM   498  C CB  . ILE   A 1 67  ? -2.501  -8.659  -2.985  1.00 55.81  ? 63  ILE   A CB  1 
ATOM   499  C CG1 . ILE   A 1 67  ? -2.907  -7.447  -2.145  1.00 51.68  ? 63  ILE   A CG1 1 
ATOM   500  C CG2 . ILE   A 1 67  ? -1.424  -8.341  -4.019  1.00 58.93  ? 63  ILE   A CG2 1 
ATOM   501  C CD1 . ILE   A 1 67  ? -1.826  -6.973  -1.182  1.00 58.25  ? 63  ILE   A CD1 1 
ATOM   502  N N   . ASN   A 1 68  ? -4.051  -11.269 -2.297  1.00 49.74  ? 64  ASN   A N   1 
ATOM   503  C CA  . ASN   A 1 68  ? -4.613  -12.157 -1.308  1.00 51.71  ? 64  ASN   A CA  1 
ATOM   504  C C   . ASN   A 1 68  ? -3.446  -12.520 -0.408  1.00 53.43  ? 64  ASN   A C   1 
ATOM   505  O O   . ASN   A 1 68  ? -2.364  -12.799 -0.915  1.00 49.64  ? 64  ASN   A O   1 
ATOM   506  C CB  . ASN   A 1 68  ? -5.229  -13.387 -1.973  1.00 58.04  ? 64  ASN   A CB  1 
ATOM   507  C CG  . ASN   A 1 68  ? -6.495  -13.034 -2.719  1.00 60.98  ? 64  ASN   A CG  1 
ATOM   508  O OD1 . ASN   A 1 68  ? -7.591  -13.082 -2.161  1.00 57.85  ? 64  ASN   A OD1 1 
ATOM   509  N ND2 . ASN   A 1 68  ? -6.342  -12.612 -3.964  1.00 67.08  ? 64  ASN   A ND2 1 
ATOM   510  N N   . PHE   A 1 69  ? -3.635  -12.396 0.906   1.00 46.96  ? 65  PHE   A N   1 
ATOM   511  C CA  . PHE   A 1 69  ? -2.572  -12.796 1.807   1.00 46.58  ? 65  PHE   A CA  1 
ATOM   512  C C   . PHE   A 1 69  ? -3.150  -13.219 3.155   1.00 44.30  ? 65  PHE   A C   1 
ATOM   513  O O   . PHE   A 1 69  ? -4.312  -12.978 3.471   1.00 45.05  ? 65  PHE   A O   1 
ATOM   514  C CB  . PHE   A 1 69  ? -1.502  -11.711 1.926   1.00 49.28  ? 65  PHE   A CB  1 
ATOM   515  C CG  . PHE   A 1 69  ? -1.952  -10.481 2.674   1.00 54.50  ? 65  PHE   A CG  1 
ATOM   516  C CD1 . PHE   A 1 69  ? -1.985  -10.467 4.068   1.00 45.80  ? 65  PHE   A CD1 1 
ATOM   517  C CD2 . PHE   A 1 69  ? -2.350  -9.342  1.981   1.00 49.77  ? 65  PHE   A CD2 1 
ATOM   518  C CE1 . PHE   A 1 69  ? -2.394  -9.326  4.744   1.00 46.18  ? 65  PHE   A CE1 1 
ATOM   519  C CE2 . PHE   A 1 69  ? -2.770  -8.206  2.665   1.00 46.48  ? 65  PHE   A CE2 1 
ATOM   520  C CZ  . PHE   A 1 69  ? -2.808  -8.210  4.042   1.00 45.83  ? 65  PHE   A CZ  1 
ATOM   521  N N   . LYS   A 1 70  ? -2.320  -13.921 3.916   1.00 45.19  ? 66  LYS   A N   1 
ATOM   522  C CA  . LYS   A 1 70  ? -2.673  -14.274 5.282   1.00 49.47  ? 66  LYS   A CA  1 
ATOM   523  C C   . LYS   A 1 70  ? -1.557  -13.685 6.126   1.00 45.45  ? 66  LYS   A C   1 
ATOM   524  O O   . LYS   A 1 70  ? -0.377  -13.805 5.753   1.00 40.79  ? 66  LYS   A O   1 
ATOM   525  C CB  . LYS   A 1 70  ? -2.669  -15.797 5.445   1.00 54.54  ? 66  LYS   A CB  1 
ATOM   526  C CG  . LYS   A 1 70  ? -3.441  -16.374 6.624   1.00 68.00  ? 66  LYS   A CG  1 
ATOM   527  C CD  . LYS   A 1 70  ? -3.544  -17.896 6.500   1.00 75.60  ? 66  LYS   A CD  1 
ATOM   528  C CE  . LYS   A 1 70  ? -4.374  -18.549 7.579   1.00 78.46  ? 66  LYS   A CE  1 
ATOM   529  N NZ  . LYS   A 1 70  ? -4.094  -17.940 8.898   1.00 74.65  ? 66  LYS   A NZ  1 
ATOM   530  N N   . VAL   A 1 71  ? -1.955  -12.999 7.204   1.00 42.37  ? 67  VAL   A N   1 
ATOM   531  C CA  . VAL   A 1 71  ? -0.940  -12.463 8.090   1.00 43.59  ? 67  VAL   A CA  1 
ATOM   532  C C   . VAL   A 1 71  ? -0.072  -13.645 8.522   1.00 45.88  ? 67  VAL   A C   1 
ATOM   533  O O   . VAL   A 1 71  ? -0.588  -14.714 8.817   1.00 45.47  ? 67  VAL   A O   1 
ATOM   534  C CB  . VAL   A 1 71  ? -1.568  -11.777 9.307   1.00 47.16  ? 67  VAL   A CB  1 
ATOM   535  C CG1 . VAL   A 1 71  ? -0.457  -11.422 10.296  1.00 46.68  ? 67  VAL   A CG1 1 
ATOM   536  C CG2 . VAL   A 1 71  ? -2.384  -10.555 8.871   1.00 41.61  ? 67  VAL   A CG2 1 
ATOM   537  N N   . GLY   A 1 72  ? 1.245   -13.474 8.475   1.00 40.36  ? 68  GLY   A N   1 
ATOM   538  C CA  . GLY   A 1 72  ? 2.096   -14.536 8.960   1.00 46.07  ? 68  GLY   A CA  1 
ATOM   539  C C   . GLY   A 1 72  ? 2.619   -15.412 7.828   1.00 52.24  ? 68  GLY   A C   1 
ATOM   540  O O   . GLY   A 1 72  ? 3.591   -16.124 8.043   1.00 53.14  ? 68  GLY   A O   1 
ATOM   541  N N   . GLU   A 1 73  ? 2.018   -15.334 6.625   1.00 57.51  ? 69  GLU   A N   1 
ATOM   542  C CA  . GLU   A 1 73  ? 2.468   -16.203 5.541   1.00 52.65  ? 69  GLU   A CA  1 
ATOM   543  C C   . GLU   A 1 73  ? 3.033   -15.416 4.367   1.00 53.15  ? 69  GLU   A C   1 
ATOM   544  O O   . GLU   A 1 73  ? 2.393   -14.513 3.830   1.00 54.64  ? 69  GLU   A O   1 
ATOM   545  C CB  . GLU   A 1 73  ? 1.355   -17.111 5.033   1.00 56.08  ? 69  GLU   A CB  1 
ATOM   546  C CG  . GLU   A 1 73  ? 0.936   -18.147 6.051   1.00 66.43  ? 69  GLU   A CG  1 
ATOM   547  C CD  . GLU   A 1 73  ? -0.180  -19.055 5.554   1.00 80.63  ? 69  GLU   A CD  1 
ATOM   548  O OE1 . GLU   A 1 73  ? -0.518  -18.983 4.336   1.00 75.30  ? 69  GLU   A OE1 1 
ATOM   549  O OE2 . GLU   A 1 73  ? -0.719  -19.827 6.384   1.00 76.37  ? 69  GLU   A OE2 1 
ATOM   550  N N   . GLU   A 1 74  ? 4.223   -15.832 3.942   1.00 54.35  ? 70  GLU   A N   1 
ATOM   551  C CA  . GLU   A 1 74  ? 4.907   -15.185 2.842   1.00 61.72  ? 70  GLU   A CA  1 
ATOM   552  C C   . GLU   A 1 74  ? 4.050   -15.245 1.587   1.00 51.51  ? 70  GLU   A C   1 
ATOM   553  O O   . GLU   A 1 74  ? 3.291   -16.183 1.372   1.00 58.14  ? 70  GLU   A O   1 
ATOM   554  C CB  . GLU   A 1 74  ? 6.300   -15.761 2.655   1.00 61.92  ? 70  GLU   A CB  1 
ATOM   555  C CG  . GLU   A 1 74  ? 7.008   -15.146 1.480   1.00 74.83  ? 70  GLU   A CG  1 
ATOM   556  C CD  . GLU   A 1 74  ? 8.513   -15.199 1.626   1.00 88.47  ? 70  GLU   A CD  1 
ATOM   557  O OE1 . GLU   A 1 74  ? 8.985   -15.184 2.788   1.00 86.48  ? 70  GLU   A OE1 1 
ATOM   558  O OE2 . GLU   A 1 74  ? 9.202   -15.259 0.583   1.00 93.92  ? 70  GLU   A OE2 1 
ATOM   559  N N   . PHE   A 1 75  ? 4.095   -14.163 0.815   1.00 57.54  ? 71  PHE   A N   1 
ATOM   560  C CA  . PHE   A 1 75  ? 3.385   -14.147 -0.454  1.00 57.73  ? 71  PHE   A CA  1 
ATOM   561  C C   . PHE   A 1 75  ? 4.171   -13.260 -1.402  1.00 60.00  ? 71  PHE   A C   1 
ATOM   562  O O   . PHE   A 1 75  ? 5.107   -12.565 -0.989  1.00 54.64  ? 71  PHE   A O   1 
ATOM   563  C CB  . PHE   A 1 75  ? 1.922   -13.714 -0.300  1.00 54.81  ? 71  PHE   A CB  1 
ATOM   564  C CG  . PHE   A 1 75  ? 1.744   -12.259 0.055   1.00 53.67  ? 71  PHE   A CG  1 
ATOM   565  C CD1 . PHE   A 1 75  ? 1.927   -11.815 1.366   1.00 55.62  ? 71  PHE   A CD1 1 
ATOM   566  C CD2 . PHE   A 1 75  ? 1.388   -11.328 -0.917  1.00 53.10  ? 71  PHE   A CD2 1 
ATOM   567  C CE1 . PHE   A 1 75  ? 1.768   -10.475 1.704   1.00 50.60  ? 71  PHE   A CE1 1 
ATOM   568  C CE2 . PHE   A 1 75  ? 1.206   -9.989  -0.580  1.00 48.67  ? 71  PHE   A CE2 1 
ATOM   569  C CZ  . PHE   A 1 75  ? 1.414   -9.561  0.723   1.00 50.79  ? 71  PHE   A CZ  1 
ATOM   570  N N   . GLU   A 1 76  ? 3.787   -13.327 -2.675  1.00 62.86  ? 72  GLU   A N   1 
ATOM   571  C CA  . GLU   A 1 76  ? 4.490   -12.566 -3.688  1.00 66.77  ? 72  GLU   A CA  1 
ATOM   572  C C   . GLU   A 1 76  ? 3.575   -11.477 -4.239  1.00 64.43  ? 72  GLU   A C   1 
ATOM   573  O O   . GLU   A 1 76  ? 2.389   -11.700 -4.486  1.00 64.41  ? 72  GLU   A O   1 
ATOM   574  C CB  . GLU   A 1 76  ? 5.058   -13.496 -4.749  1.00 66.56  ? 72  GLU   A CB  1 
ATOM   575  C CG  . GLU   A 1 76  ? 5.675   -12.717 -5.880  1.00 85.33  ? 72  GLU   A CG  1 
ATOM   576  C CD  . GLU   A 1 76  ? 6.125   -13.565 -7.053  1.00 93.15  ? 72  GLU   A CD  1 
ATOM   577  O OE1 . GLU   A 1 76  ? 6.553   -14.719 -6.808  1.00 87.15  ? 72  GLU   A OE1 1 
ATOM   578  O OE2 . GLU   A 1 76  ? 6.056   -13.062 -8.204  1.00 84.93  ? 72  GLU   A OE2 1 
ATOM   579  N N   . GLU   A 1 77  ? 4.142   -10.278 -4.363  1.00 63.47  ? 73  GLU   A N   1 
ATOM   580  C CA  . GLU   A 1 77  ? 3.436   -9.125  -4.894  1.00 67.85  ? 73  GLU   A CA  1 
ATOM   581  C C   . GLU   A 1 77  ? 4.457   -8.305  -5.677  1.00 60.00  ? 73  GLU   A C   1 
ATOM   582  O O   . GLU   A 1 77  ? 5.452   -8.856  -6.143  1.00 66.74  ? 73  GLU   A O   1 
ATOM   583  C CB  . GLU   A 1 77  ? 2.724   -8.383  -3.751  1.00 61.35  ? 73  GLU   A CB  1 
ATOM   584  C CG  . GLU   A 1 77  ? 3.644   -7.678  -2.768  1.00 56.18  ? 73  GLU   A CG  1 
ATOM   585  C CD  . GLU   A 1 77  ? 2.976   -6.749  -1.751  1.00 62.70  ? 73  GLU   A CD  1 
ATOM   586  O OE1 . GLU   A 1 77  ? 1.842   -6.299  -2.012  1.00 68.51  ? 73  GLU   A OE1 1 
ATOM   587  O OE2 . GLU   A 1 77  ? 3.591   -6.450  -0.696  1.00 59.43  ? 73  GLU   A OE2 1 
ATOM   588  N N   . GLN   A 1 78  ? 4.239   -6.996  -5.785  1.00 62.70  ? 74  GLN   A N   1 
ATOM   589  C CA  . GLN   A 1 78  ? 5.278   -6.135  -6.321  1.00 69.22  ? 74  GLN   A CA  1 
ATOM   590  C C   . GLN   A 1 78  ? 5.410   -4.876  -5.475  1.00 68.39  ? 74  GLN   A C   1 
ATOM   591  O O   . GLN   A 1 78  ? 4.512   -4.537  -4.704  1.00 71.42  ? 74  GLN   A O   1 
ATOM   592  C CB  . GLN   A 1 78  ? 5.012   -5.804  -7.789  1.00 76.00  ? 74  GLN   A CB  1 
ATOM   593  C CG  . GLN   A 1 78  ? 3.716   -5.033  -8.009  1.00 91.96  ? 74  GLN   A CG  1 
ATOM   594  C CD  . GLN   A 1 78  ? 2.982   -5.463  -9.257  1.00 101.72 ? 74  GLN   A CD  1 
ATOM   595  O OE1 . GLN   A 1 78  ? 3.559   -6.061  -10.169 1.00 92.51  ? 74  GLN   A OE1 1 
ATOM   596  N NE2 . GLN   A 1 78  ? 1.691   -5.161  -9.305  1.00 100.25 ? 74  GLN   A NE2 1 
ATOM   597  N N   . THR   A 1 79  ? 6.550   -4.197  -5.650  1.00 65.86  ? 75  THR   A N   1 
ATOM   598  C CA  . THR   A 1 79  ? 6.842   -2.909  -5.037  1.00 67.37  ? 75  THR   A CA  1 
ATOM   599  C C   . THR   A 1 79  ? 5.991   -1.835  -5.708  1.00 68.85  ? 75  THR   A C   1 
ATOM   600  O O   . THR   A 1 79  ? 5.420   -2.086  -6.770  1.00 70.31  ? 75  THR   A O   1 
ATOM   601  C CB  . THR   A 1 79  ? 8.332   -2.555  -5.183  1.00 72.72  ? 75  THR   A CB  1 
ATOM   602  O OG1 . THR   A 1 79  ? 8.628   -2.352  -6.569  1.00 62.71  ? 75  THR   A OG1 1 
ATOM   603  C CG2 . THR   A 1 79  ? 9.254   -3.619  -4.619  1.00 72.63  ? 75  THR   A CG2 1 
ATOM   604  N N   . VAL   A 1 80  ? 5.923   -0.653  -5.080  1.00 60.91  ? 76  VAL   A N   1 
ATOM   605  C CA  . VAL   A 1 80  ? 5.154   0.480   -5.583  1.00 75.99  ? 76  VAL   A CA  1 
ATOM   606  C C   . VAL   A 1 80  ? 5.565   0.773   -7.033  1.00 83.40  ? 76  VAL   A C   1 
ATOM   607  O O   . VAL   A 1 80  ? 4.757   1.233   -7.841  1.00 81.77  ? 76  VAL   A O   1 
ATOM   608  C CB  . VAL   A 1 80  ? 5.299   1.718   -4.668  1.00 75.02  ? 76  VAL   A CB  1 
ATOM   609  C CG1 . VAL   A 1 80  ? 4.863   3.005   -5.355  1.00 72.73  ? 76  VAL   A CG1 1 
ATOM   610  C CG2 . VAL   A 1 80  ? 4.560   1.556   -3.342  1.00 77.59  ? 76  VAL   A CG2 1 
ATOM   611  N N   . ASP   A 1 81  ? 6.823   0.469   -7.371  1.00 86.80  ? 77  ASP   A N   1 
ATOM   612  C CA  . ASP   A 1 81  ? 7.337   0.729   -8.706  1.00 86.93  ? 77  ASP   A CA  1 
ATOM   613  C C   . ASP   A 1 81  ? 7.386   -0.577  -9.508  1.00 87.82  ? 77  ASP   A C   1 
ATOM   614  O O   . ASP   A 1 81  ? 8.134   -0.699  -10.480 1.00 95.03  ? 77  ASP   A O   1 
ATOM   615  C CB  . ASP   A 1 81  ? 8.630   1.558   -8.654  1.00 81.73  ? 77  ASP   A CB  1 
ATOM   616  C CG  . ASP   A 1 81  ? 9.881   0.750   -8.340  1.00 93.70  ? 77  ASP   A CG  1 
ATOM   617  O OD1 . ASP   A 1 81  ? 10.036  0.347   -7.171  1.00 93.00  ? 77  ASP   A OD1 1 
ATOM   618  O OD2 . ASP   A 1 81  ? 10.690  0.522   -9.277  1.00 96.74  ? 77  ASP   A OD2 1 
ATOM   619  N N   . GLY   A 1 82  ? 6.578   -1.562  -9.098  1.00 73.82  ? 78  GLY   A N   1 
ATOM   620  C CA  . GLY   A 1 82  ? 6.269   -2.693  -9.962  1.00 67.45  ? 78  GLY   A CA  1 
ATOM   621  C C   . GLY   A 1 82  ? 7.335   -3.788  -10.017 1.00 69.34  ? 78  GLY   A C   1 
ATOM   622  O O   . GLY   A 1 82  ? 7.184   -4.745  -10.785 1.00 59.27  ? 78  GLY   A O   1 
ATOM   623  N N   . ARG   A 1 83  ? 8.386   -3.691  -9.188  1.00 73.48  ? 79  ARG   A N   1 
ATOM   624  C CA  A ARG   A 1 83  ? 9.350   -4.778  -9.093  0.50 76.86  ? 79  ARG   A CA  1 
ATOM   625  C CA  B ARG   A 1 83  ? 9.359   -4.770  -9.075  0.50 78.44  ? 79  ARG   A CA  1 
ATOM   626  C C   . ARG   A 1 83  ? 8.757   -5.914  -8.253  1.00 81.18  ? 79  ARG   A C   1 
ATOM   627  O O   . ARG   A 1 83  ? 8.306   -5.701  -7.123  1.00 68.65  ? 79  ARG   A O   1 
ATOM   628  C CB  A ARG   A 1 83  ? 10.691  -4.273  -8.545  0.50 73.92  ? 79  ARG   A CB  1 
ATOM   629  C CB  B ARG   A 1 83  ? 10.656  -4.298  -8.403  0.50 78.11  ? 79  ARG   A CB  1 
ATOM   630  C CG  A ARG   A 1 83  ? 11.417  -3.293  -9.457  0.50 69.33  ? 79  ARG   A CG  1 
ATOM   631  C CG  B ARG   A 1 83  ? 11.286  -3.030  -8.962  0.50 75.32  ? 79  ARG   A CG  1 
ATOM   632  C CD  A ARG   A 1 83  ? 12.841  -3.048  -8.993  0.50 67.34  ? 79  ARG   A CD  1 
ATOM   633  C CD  B ARG   A 1 83  ? 12.672  -2.887  -8.357  0.50 73.69  ? 79  ARG   A CD  1 
ATOM   634  N NE  A ARG   A 1 83  ? 13.666  -4.241  -9.124  0.50 61.30  ? 79  ARG   A NE  1 
ATOM   635  N NE  B ARG   A 1 83  ? 13.040  -1.545  -7.934  0.50 70.48  ? 79  ARG   A NE  1 
ATOM   636  C CZ  A ARG   A 1 83  ? 14.956  -4.287  -8.828  0.50 59.38  ? 79  ARG   A CZ  1 
ATOM   637  C CZ  B ARG   A 1 83  ? 12.599  -0.957  -6.829  0.50 70.46  ? 79  ARG   A CZ  1 
ATOM   638  N NH1 A ARG   A 1 83  ? 15.564  -3.207  -8.366  0.50 52.60  ? 79  ARG   A NH1 1 
ATOM   639  N NH1 B ARG   A 1 83  ? 11.745  -1.581  -6.037  0.50 64.77  ? 79  ARG   A NH1 1 
ATOM   640  N NH2 A ARG   A 1 83  ? 15.623  -5.415  -8.986  0.50 58.20  ? 79  ARG   A NH2 1 
ATOM   641  N NH2 B ARG   A 1 83  ? 12.997  0.264   -6.525  0.50 74.08  ? 79  ARG   A NH2 1 
ATOM   642  N N   . PRO   A 1 84  ? 8.706   -7.167  -8.776  1.00 82.07  ? 80  PRO   A N   1 
ATOM   643  C CA  . PRO   A 1 84  ? 8.223   -8.302  -7.986  1.00 81.17  ? 80  PRO   A CA  1 
ATOM   644  C C   . PRO   A 1 84  ? 9.047   -8.532  -6.718  1.00 86.99  ? 80  PRO   A C   1 
ATOM   645  O O   . PRO   A 1 84  ? 10.273  -8.416  -6.724  1.00 87.78  ? 80  PRO   A O   1 
ATOM   646  C CB  . PRO   A 1 84  ? 8.321   -9.498  -8.950  1.00 79.77  ? 80  PRO   A CB  1 
ATOM   647  C CG  . PRO   A 1 84  ? 8.253   -8.860  -10.332 1.00 77.20  ? 80  PRO   A CG  1 
ATOM   648  C CD  . PRO   A 1 84  ? 9.005   -7.551  -10.170 1.00 88.56  ? 80  PRO   A CD  1 
ATOM   649  N N   . CYS   A 1 85  ? 8.346   -8.840  -5.620  1.00 75.87  ? 81  CYS   A N   1 
ATOM   650  C CA  . CYS   A 1 85  ? 9.002   -8.972  -4.331  1.00 71.81  ? 81  CYS   A CA  1 
ATOM   651  C C   . CYS   A 1 85  ? 8.311   -10.071 -3.532  1.00 70.32  ? 81  CYS   A C   1 
ATOM   652  O O   . CYS   A 1 85  ? 7.204   -10.488 -3.894  1.00 69.57  ? 81  CYS   A O   1 
ATOM   653  C CB  . CYS   A 1 85  ? 9.012   -7.640  -3.586  1.00 65.92  ? 81  CYS   A CB  1 
ATOM   654  S SG  . CYS   A 1 85  ? 7.367   -7.023  -3.132  1.00 64.49  ? 81  CYS   A SG  1 
ATOM   655  N N   . LYS   A 1 86  ? 8.992   -10.561 -2.479  1.00 62.46  ? 82  LYS   A N   1 
ATOM   656  C CA  . LYS   A 1 86  ? 8.316   -11.411 -1.502  1.00 66.25  ? 82  LYS   A CA  1 
ATOM   657  C C   . LYS   A 1 86  ? 7.940   -10.606 -0.256  1.00 55.10  ? 82  LYS   A C   1 
ATOM   658  O O   . LYS   A 1 86  ? 8.733   -9.819  0.253   1.00 55.01  ? 82  LYS   A O   1 
ATOM   659  C CB  . LYS   A 1 86  ? 9.053   -12.725 -1.227  1.00 63.87  ? 82  LYS   A CB  1 
ATOM   660  C CG  . LYS   A 1 86  ? 8.678   -13.854 -2.185  1.00 72.31  ? 82  LYS   A CG  1 
ATOM   661  N N   . SER   A 1 87  ? 6.716   -10.830 0.229   1.00 49.81  ? 83  SER   A N   1 
ATOM   662  C CA  . SER   A 1 87  ? 6.149   -9.972  1.257   1.00 52.70  ? 83  SER   A CA  1 
ATOM   663  C C   . SER   A 1 87  ? 5.669   -10.795 2.462   1.00 49.29  ? 83  SER   A C   1 
ATOM   664  O O   . SER   A 1 87  ? 5.248   -11.943 2.332   1.00 48.32  ? 83  SER   A O   1 
ATOM   665  C CB  . SER   A 1 87  ? 5.049   -9.145  0.660   1.00 44.51  ? 83  SER   A CB  1 
ATOM   666  O OG  . SER   A 1 87  ? 5.587   -8.007  0.009   1.00 49.42  ? 83  SER   A OG  1 
ATOM   667  N N   . LEU   A 1 88  ? 5.714   -10.201 3.652   1.00 47.21  ? 84  LEU   A N   1 
ATOM   668  C CA  . LEU   A 1 88  ? 5.280   -10.914 4.858   1.00 46.43  ? 84  LEU   A CA  1 
ATOM   669  C C   . LEU   A 1 88  ? 4.686   -9.907  5.821   1.00 40.54  ? 84  LEU   A C   1 
ATOM   670  O O   . LEU   A 1 88  ? 5.396   -8.989  6.241   1.00 44.62  ? 84  LEU   A O   1 
ATOM   671  C CB  . LEU   A 1 88  ? 6.496   -11.527 5.546   1.00 41.13  ? 84  LEU   A CB  1 
ATOM   672  C CG  . LEU   A 1 88  ? 6.243   -12.183 6.900   1.00 53.58  ? 84  LEU   A CG  1 
ATOM   673  C CD1 . LEU   A 1 88  ? 5.252   -13.329 6.747   1.00 52.92  ? 84  LEU   A CD1 1 
ATOM   674  C CD2 . LEU   A 1 88  ? 7.556   -12.692 7.492   1.00 47.94  ? 84  LEU   A CD2 1 
ATOM   675  N N   . VAL   A 1 89  ? 3.420   -10.123 6.182   1.00 40.78  ? 85  VAL   A N   1 
ATOM   676  C CA  . VAL   A 1 89  ? 2.676   -9.124  6.936   1.00 40.66  ? 85  VAL   A CA  1 
ATOM   677  C C   . VAL   A 1 89  ? 2.564   -9.625  8.372   1.00 44.44  ? 85  VAL   A C   1 
ATOM   678  O O   . VAL   A 1 89  ? 2.325   -10.808 8.558   1.00 43.55  ? 85  VAL   A O   1 
ATOM   679  C CB  . VAL   A 1 89  ? 1.291   -8.896  6.303   1.00 39.30  ? 85  VAL   A CB  1 
ATOM   680  C CG1 . VAL   A 1 89  ? 0.383   -8.096  7.210   1.00 41.69  ? 85  VAL   A CG1 1 
ATOM   681  C CG2 . VAL   A 1 89  ? 1.380   -8.181  4.962   1.00 37.42  ? 85  VAL   A CG2 1 
ATOM   682  N N   . LYS   A 1 90  ? 2.733   -8.725  9.356   1.00 40.77  ? 86  LYS   A N   1 
ATOM   683  C CA  . LYS   A 1 90  ? 2.569   -9.035  10.766  1.00 42.50  ? 86  LYS   A CA  1 
ATOM   684  C C   . LYS   A 1 90  ? 1.715   -7.959  11.415  1.00 44.12  ? 86  LYS   A C   1 
ATOM   685  O O   . LYS   A 1 90  ? 1.676   -6.828  10.934  1.00 42.33  ? 86  LYS   A O   1 
ATOM   686  C CB  . LYS   A 1 90  ? 3.930   -9.141  11.461  1.00 40.85  ? 86  LYS   A CB  1 
ATOM   687  C CG  . LYS   A 1 90  ? 4.680   -10.405 11.058  1.00 37.15  ? 86  LYS   A CG  1 
ATOM   688  C CD  . LYS   A 1 90  ? 6.130   -10.383 11.423  1.00 44.45  ? 86  LYS   A CD  1 
ATOM   689  C CE  . LYS   A 1 90  ? 6.822   -11.658 10.990  1.00 44.31  ? 86  LYS   A CE  1 
ATOM   690  N NZ  . LYS   A 1 90  ? 8.023   -11.901 11.811  1.00 49.13  ? 86  LYS   A NZ  1 
ATOM   691  N N   . TRP   A 1 91  ? 1.011   -8.348  12.486  1.00 38.33  ? 87  TRP   A N   1 
ATOM   692  C CA  . TRP   A 1 91  ? 0.242   -7.376  13.225  1.00 39.66  ? 87  TRP   A CA  1 
ATOM   693  C C   . TRP   A 1 91  ? 1.201   -6.575  14.086  1.00 45.76  ? 87  TRP   A C   1 
ATOM   694  O O   . TRP   A 1 91  ? 2.192   -7.103  14.580  1.00 43.27  ? 87  TRP   A O   1 
ATOM   695  C CB  . TRP   A 1 91  ? -0.783  -8.073  14.104  1.00 41.92  ? 87  TRP   A CB  1 
ATOM   696  C CG  . TRP   A 1 91  ? -1.830  -8.847  13.373  1.00 44.90  ? 87  TRP   A CG  1 
ATOM   697  C CD1 . TRP   A 1 91  ? -1.919  -10.205 13.267  1.00 42.94  ? 87  TRP   A CD1 1 
ATOM   698  C CD2 . TRP   A 1 91  ? -2.980  -8.307  12.708  1.00 40.47  ? 87  TRP   A CD2 1 
ATOM   699  N NE1 . TRP   A 1 91  ? -3.053  -10.546 12.583  1.00 45.58  ? 87  TRP   A NE1 1 
ATOM   700  C CE2 . TRP   A 1 91  ? -3.735  -9.407  12.247  1.00 46.64  ? 87  TRP   A CE2 1 
ATOM   701  C CE3 . TRP   A 1 91  ? -3.484  -7.010  12.522  1.00 44.24  ? 87  TRP   A CE3 1 
ATOM   702  C CZ2 . TRP   A 1 91  ? -4.935  -9.249  11.552  1.00 41.84  ? 87  TRP   A CZ2 1 
ATOM   703  C CZ3 . TRP   A 1 91  ? -4.671  -6.860  11.837  1.00 48.41  ? 87  TRP   A CZ3 1 
ATOM   704  C CH2 . TRP   A 1 91  ? -5.397  -7.965  11.380  1.00 42.88  ? 87  TRP   A CH2 1 
ATOM   705  N N   . GLU   A 1 92  ? 0.861   -5.306  14.298  1.00 47.00  ? 88  GLU   A N   1 
ATOM   706  C CA  . GLU   A 1 92  ? 1.602   -4.482  15.219  1.00 45.76  ? 88  GLU   A CA  1 
ATOM   707  C C   . GLU   A 1 92  ? 0.661   -4.067  16.348  1.00 48.34  ? 88  GLU   A C   1 
ATOM   708  O O   . GLU   A 1 92  ? 1.119   -3.753  17.445  1.00 48.64  ? 88  GLU   A O   1 
ATOM   709  C CB  . GLU   A 1 92  ? 2.256   -3.380  14.389  1.00 54.74  ? 88  GLU   A CB  1 
ATOM   710  C CG  . GLU   A 1 92  ? 3.157   -2.456  15.156  1.00 72.66  ? 88  GLU   A CG  1 
ATOM   711  C CD  . GLU   A 1 92  ? 3.156   -1.096  14.480  1.00 80.19  ? 88  GLU   A CD  1 
ATOM   712  O OE1 . GLU   A 1 92  ? 2.602   -0.144  15.085  1.00 82.75  ? 88  GLU   A OE1 1 
ATOM   713  O OE2 . GLU   A 1 92  ? 3.665   -1.004  13.335  1.00 71.29  ? 88  GLU   A OE2 1 
ATOM   714  N N   . SER   A 1 93  ? -0.657  -4.148  16.105  1.00 43.29  ? 89  SER   A N   1 
ATOM   715  C CA  . SER   A 1 93  ? -1.684  -3.949  17.133  1.00 45.30  ? 89  SER   A CA  1 
ATOM   716  C C   . SER   A 1 93  ? -2.996  -4.485  16.584  1.00 47.03  ? 89  SER   A C   1 
ATOM   717  O O   . SER   A 1 93  ? -2.990  -5.119  15.522  1.00 48.13  ? 89  SER   A O   1 
ATOM   718  C CB  . SER   A 1 93  ? -1.852  -2.464  17.529  1.00 45.53  ? 89  SER   A CB  1 
ATOM   719  O OG  . SER   A 1 93  ? -1.927  -1.638  16.357  1.00 46.13  ? 89  SER   A OG  1 
ATOM   720  N N   . GLU   A 1 94  ? -4.117  -4.149  17.243  1.00 43.70  ? 90  GLU   A N   1 
ATOM   721  C CA  . GLU   A 1 94  ? -5.393  -4.726  16.854  1.00 46.20  ? 90  GLU   A CA  1 
ATOM   722  C C   . GLU   A 1 94  ? -5.716  -4.432  15.380  1.00 47.01  ? 90  GLU   A C   1 
ATOM   723  O O   . GLU   A 1 94  ? -6.148  -5.312  14.612  1.00 43.65  ? 90  GLU   A O   1 
ATOM   724  C CB  . GLU   A 1 94  ? -6.473  -4.202  17.804  1.00 55.31  ? 90  GLU   A CB  1 
ATOM   725  C CG  . GLU   A 1 94  ? -7.895  -4.581  17.404  1.00 58.17  ? 90  GLU   A CG  1 
ATOM   726  C CD  . GLU   A 1 94  ? -8.960  -4.261  18.443  1.00 59.77  ? 90  GLU   A CD  1 
ATOM   727  O OE1 . GLU   A 1 94  ? -8.639  -3.586  19.432  1.00 69.72  ? 90  GLU   A OE1 1 
ATOM   728  O OE2 . GLU   A 1 94  ? -10.103 -4.717  18.278  1.00 69.56  ? 90  GLU   A OE2 1 
ATOM   729  N N   . ASN   A 1 95  ? -5.525  -3.167  14.988  1.00 49.41  ? 91  ASN   A N   1 
ATOM   730  C CA  . ASN   A 1 95  ? -5.876  -2.742  13.642  1.00 52.29  ? 91  ASN   A CA  1 
ATOM   731  C C   . ASN   A 1 95  ? -4.694  -2.013  13.018  1.00 46.38  ? 91  ASN   A C   1 
ATOM   732  O O   . ASN   A 1 95  ? -4.884  -1.027  12.327  1.00 48.70  ? 91  ASN   A O   1 
ATOM   733  C CB  . ASN   A 1 95  ? -7.116  -1.839  13.619  1.00 60.33  ? 91  ASN   A CB  1 
ATOM   734  C CG  . ASN   A 1 95  ? -8.384  -2.503  14.127  1.00 63.93  ? 91  ASN   A CG  1 
ATOM   735  O OD1 . ASN   A 1 95  ? -8.812  -3.541  13.616  1.00 53.18  ? 91  ASN   A OD1 1 
ATOM   736  N ND2 . ASN   A 1 95  ? -9.008  -1.887  15.120  1.00 60.52  ? 91  ASN   A ND2 1 
ATOM   737  N N   . LYS   A 1 96  ? -3.474  -2.485  13.267  1.00 45.22  ? 92  LYS   A N   1 
ATOM   738  C CA  . LYS   A 1 96  ? -2.369  -2.057  12.430  1.00 41.99  ? 92  LYS   A CA  1 
ATOM   739  C C   . LYS   A 1 96  ? -1.573  -3.281  11.986  1.00 40.43  ? 92  LYS   A C   1 
ATOM   740  O O   . LYS   A 1 96  ? -1.281  -4.161  12.787  1.00 37.80  ? 92  LYS   A O   1 
ATOM   741  C CB  . LYS   A 1 96  ? -1.525  -0.989  13.129  1.00 40.98  ? 92  LYS   A CB  1 
ATOM   742  C CG  . LYS   A 1 96  ? -0.379  -0.476  12.266  1.00 42.91  ? 92  LYS   A CG  1 
ATOM   743  C CD  . LYS   A 1 96  ? 0.270   0.819   12.735  1.00 56.14  ? 92  LYS   A CD  1 
ATOM   744  C CE  . LYS   A 1 96  ? 0.953   1.517   11.563  1.00 49.82  ? 92  LYS   A CE  1 
ATOM   745  N NZ  . LYS   A 1 96  ? 1.903   2.571   11.988  1.00 67.06  ? 92  LYS   A NZ  1 
ATOM   746  N N   . MET   A 1 97  ? -1.249  -3.343  10.696  1.00 38.99  ? 93  MET   A N   1 
ATOM   747  C CA  . MET   A 1 97  ? -0.411  -4.419  10.192  1.00 43.49  ? 93  MET   A CA  1 
ATOM   748  C C   . MET   A 1 97  ? 0.756   -3.785  9.448   1.00 47.93  ? 93  MET   A C   1 
ATOM   749  O O   . MET   A 1 97  ? 0.623   -2.644  8.972   1.00 39.25  ? 93  MET   A O   1 
ATOM   750  C CB  . MET   A 1 97  ? -1.172  -5.354  9.240   1.00 44.78  ? 93  MET   A CB  1 
ATOM   751  C CG  . MET   A 1 97  ? -1.584  -4.693  7.924   1.00 53.57  ? 93  MET   A CG  1 
ATOM   752  S SD  . MET   A 1 97  ? -2.885  -5.625  7.033   1.00 58.06  ? 93  MET   A SD  1 
ATOM   753  C CE  . MET   A 1 97  ? -3.308  -6.742  8.352   1.00 45.18  ? 93  MET   A CE  1 
ATOM   754  N N   . VAL   A 1 98  ? 1.871   -4.536  9.375   1.00 41.01  ? 94  VAL   A N   1 
ATOM   755  C CA  . VAL   A 1 98  ? 3.119   -4.061  8.779   1.00 43.42  ? 94  VAL   A CA  1 
ATOM   756  C C   . VAL   A 1 98  ? 3.637   -5.156  7.857   1.00 46.89  ? 94  VAL   A C   1 
ATOM   757  O O   . VAL   A 1 98  ? 3.670   -6.326  8.258   1.00 46.63  ? 94  VAL   A O   1 
ATOM   758  C CB  . VAL   A 1 98  ? 4.220   -3.756  9.814   1.00 44.21  ? 94  VAL   A CB  1 
ATOM   759  C CG1 . VAL   A 1 98  ? 5.469   -3.254  9.104   1.00 50.74  ? 94  VAL   A CG1 1 
ATOM   760  C CG2 . VAL   A 1 98  ? 3.782   -2.773  10.891  1.00 54.73  ? 94  VAL   A CG2 1 
ATOM   761  N N   . CYS   A 1 99  ? 4.101   -4.752  6.671   1.00 42.20  ? 95  CYS   A N   1 
ATOM   762  C CA  . CYS   A 1 99  ? 4.592   -5.677  5.664   1.00 48.50  ? 95  CYS   A CA  1 
ATOM   763  C C   . CYS   A 1 99  ? 6.034   -5.310  5.325   1.00 52.34  ? 95  CYS   A C   1 
ATOM   764  O O   . CYS   A 1 99  ? 6.298   -4.166  4.952   1.00 50.08  ? 95  CYS   A O   1 
ATOM   765  C CB  . CYS   A 1 99  ? 3.793   -5.519  4.378   1.00 48.74  ? 95  CYS   A CB  1 
ATOM   766  S SG  . CYS   A 1 99  ? 4.200   -6.757  3.116   1.00 53.55  ? 95  CYS   A SG  1 
ATOM   767  N N   . GLU   A 1 100 ? 6.938   -6.288  5.443   1.00 49.59  ? 96  GLU   A N   1 
ATOM   768  C CA  . GLU   A 1 100 ? 8.312   -6.173  4.976   1.00 55.61  ? 96  GLU   A CA  1 
ATOM   769  C C   . GLU   A 1 100 ? 8.423   -6.895  3.640   1.00 54.57  ? 96  GLU   A C   1 
ATOM   770  O O   . GLU   A 1 100 ? 7.950   -8.022  3.536   1.00 57.68  ? 96  GLU   A O   1 
ATOM   771  C CB  . GLU   A 1 100 ? 9.264   -6.899  5.930   1.00 54.77  ? 96  GLU   A CB  1 
ATOM   772  C CG  . GLU   A 1 100 ? 9.196   -6.405  7.359   1.00 77.14  ? 96  GLU   A CG  1 
ATOM   773  C CD  . GLU   A 1 100 ? 9.835   -5.040  7.564   1.00 95.39  ? 96  GLU   A CD  1 
ATOM   774  O OE1 . GLU   A 1 100 ? 11.083  -4.976  7.613   1.00 117.10 ? 96  GLU   A OE1 1 
ATOM   775  O OE2 . GLU   A 1 100 ? 9.090   -4.040  7.642   1.00 93.29  ? 96  GLU   A OE2 1 
ATOM   776  N N   . GLN   A 1 101 ? 9.078   -6.263  2.650   1.00 58.48  ? 97  GLN   A N   1 
ATOM   777  C CA  . GLN   A 1 101 ? 9.243   -6.820  1.307   1.00 56.93  ? 97  GLN   A CA  1 
ATOM   778  C C   . GLN   A 1 101 ? 10.726  -7.056  0.979   1.00 58.71  ? 97  GLN   A C   1 
ATOM   779  O O   . GLN   A 1 101 ? 11.601  -6.288  1.381   1.00 54.29  ? 97  GLN   A O   1 
ATOM   780  C CB  . GLN   A 1 101 ? 8.685   -5.843  0.266   1.00 56.92  ? 97  GLN   A CB  1 
ATOM   781  C CG  . GLN   A 1 101 ? 7.279   -5.345  0.571   1.00 59.27  ? 97  GLN   A CG  1 
ATOM   782  C CD  . GLN   A 1 101 ? 6.790   -4.321  -0.420  1.00 55.84  ? 97  GLN   A CD  1 
ATOM   783  O OE1 . GLN   A 1 101 ? 7.486   -3.352  -0.728  1.00 56.22  ? 97  GLN   A OE1 1 
ATOM   784  N NE2 . GLN   A 1 101 ? 5.575   -4.518  -0.921  1.00 59.80  ? 97  GLN   A NE2 1 
ATOM   785  N N   . LYS   A 1 102 ? 11.008  -8.117  0.211   1.00 59.83  ? 98  LYS   A N   1 
ATOM   786  C CA  . LYS   A 1 102 ? 12.355  -8.385  -0.288  1.00 64.28  ? 98  LYS   A CA  1 
ATOM   787  C C   . LYS   A 1 102 ? 12.274  -8.629  -1.796  1.00 59.77  ? 98  LYS   A C   1 
ATOM   788  O O   . LYS   A 1 102 ? 11.438  -9.418  -2.254  1.00 60.58  ? 98  LYS   A O   1 
ATOM   789  C CB  . LYS   A 1 102 ? 12.979  -9.614  0.398   1.00 63.92  ? 98  LYS   A CB  1 
ATOM   790  C CG  . LYS   A 1 102 ? 13.010  -9.616  1.925   1.00 67.04  ? 98  LYS   A CG  1 
ATOM   791  N N   . LEU   A 1 103 ? 13.157  -7.979  -2.564  1.00 67.87  ? 99  LEU   A N   1 
ATOM   792  C CA  . LEU   A 1 103 ? 13.176  -8.129  -4.021  1.00 72.79  ? 99  LEU   A CA  1 
ATOM   793  C C   . LEU   A 1 103 ? 13.360  -9.598  -4.423  1.00 69.73  ? 99  LEU   A C   1 
ATOM   794  O O   . LEU   A 1 103 ? 14.088  -10.347 -3.771  1.00 70.55  ? 99  LEU   A O   1 
ATOM   795  C CB  . LEU   A 1 103 ? 14.267  -7.227  -4.611  1.00 64.86  ? 99  LEU   A CB  1 
ATOM   796  C CG  . LEU   A 1 103 ? 13.908  -5.744  -4.682  1.00 67.62  ? 99  LEU   A CG  1 
ATOM   797  C CD1 . LEU   A 1 103 ? 15.104  -4.916  -5.112  1.00 66.99  ? 99  LEU   A CD1 1 
ATOM   798  C CD2 . LEU   A 1 103 ? 12.737  -5.500  -5.626  1.00 68.18  ? 99  LEU   A CD2 1 
ATOM   799  N N   . LEU   A 1 104 ? 12.649  -10.033 -5.468  1.00 71.14  ? 100 LEU   A N   1 
ATOM   800  C CA  . LEU   A 1 104 ? 12.848  -11.380 -5.986  1.00 76.58  ? 100 LEU   A CA  1 
ATOM   801  C C   . LEU   A 1 104 ? 14.208  -11.433 -6.684  1.00 82.66  ? 100 LEU   A C   1 
ATOM   802  O O   . LEU   A 1 104 ? 15.106  -12.167 -6.275  1.00 85.61  ? 100 LEU   A O   1 
ATOM   803  C CB  . LEU   A 1 104 ? 11.723  -11.732 -6.966  1.00 73.23  ? 100 LEU   A CB  1 
ATOM   804  C CG  . LEU   A 1 104 ? 10.354  -12.060 -6.378  1.00 76.70  ? 100 LEU   A CG  1 
ATOM   805  C CD1 . LEU   A 1 104 ? 9.511   -12.761 -7.426  1.00 77.45  ? 100 LEU   A CD1 1 
ATOM   806  C CD2 . LEU   A 1 104 ? 10.450  -12.928 -5.132  1.00 66.69  ? 100 LEU   A CD2 1 
ATOM   807  N N   . LYS   A 1 105 ? 14.340  -10.645 -7.754  1.00 83.46  ? 101 LYS   A N   1 
ATOM   808  C CA  . LYS   A 1 105 ? 15.623  -10.442 -8.399  1.00 87.14  ? 101 LYS   A CA  1 
ATOM   809  C C   . LYS   A 1 105 ? 16.102  -9.036  -8.057  1.00 86.36  ? 101 LYS   A C   1 
ATOM   810  O O   . LYS   A 1 105 ? 15.302  -8.186  -7.673  1.00 88.20  ? 101 LYS   A O   1 
ATOM   811  C CB  . LYS   A 1 105 ? 15.570  -10.752 -9.904  1.00 82.94  ? 101 LYS   A CB  1 
ATOM   812  C CG  . LYS   A 1 105 ? 14.191  -10.991 -10.514 1.00 85.89  ? 101 LYS   A CG  1 
ATOM   813  N N   . GLY   A 1 106 ? 17.422  -8.834  -8.126  1.00 83.53  ? 102 GLY   A N   1 
ATOM   814  C CA  . GLY   A 1 106 ? 17.991  -7.499  -8.181  1.00 75.99  ? 102 GLY   A CA  1 
ATOM   815  C C   . GLY   A 1 106 ? 18.339  -6.913  -6.815  1.00 86.43  ? 102 GLY   A C   1 
ATOM   816  O O   . GLY   A 1 106 ? 18.262  -7.592  -5.790  1.00 79.61  ? 102 GLY   A O   1 
ATOM   817  N N   . GLU   A 1 107 ? 18.767  -5.645  -6.853  1.00 83.31  ? 103 GLU   A N   1 
ATOM   818  C CA  . GLU   A 1 107 ? 19.021  -4.821  -5.687  1.00 84.96  ? 103 GLU   A CA  1 
ATOM   819  C C   . GLU   A 1 107 ? 18.242  -3.522  -5.887  1.00 89.59  ? 103 GLU   A C   1 
ATOM   820  O O   . GLU   A 1 107 ? 17.849  -3.196  -7.009  1.00 100.40 ? 103 GLU   A O   1 
ATOM   821  C CB  . GLU   A 1 107 ? 20.528  -4.620  -5.491  1.00 84.44  ? 103 GLU   A CB  1 
ATOM   822  N N   . GLY   A 1 108 ? 17.990  -2.814  -4.784  1.00 79.78  ? 104 GLY   A N   1 
ATOM   823  C CA  . GLY   A 1 108 ? 17.195  -1.597  -4.778  1.00 70.50  ? 104 GLY   A CA  1 
ATOM   824  C C   . GLY   A 1 108 ? 16.926  -1.122  -3.350  1.00 70.27  ? 104 GLY   A C   1 
ATOM   825  O O   . GLY   A 1 108 ? 17.470  -1.674  -2.403  1.00 79.06  ? 104 GLY   A O   1 
ATOM   826  N N   . PRO   A 1 109 ? 16.096  -0.077  -3.131  1.00 68.03  ? 105 PRO   A N   1 
ATOM   827  C CA  . PRO   A 1 109 ? 15.892  0.471   -1.787  1.00 66.84  ? 105 PRO   A CA  1 
ATOM   828  C C   . PRO   A 1 109 ? 15.045  -0.467  -0.925  1.00 57.50  ? 105 PRO   A C   1 
ATOM   829  O O   . PRO   A 1 109 ? 14.326  -1.312  -1.448  1.00 55.99  ? 105 PRO   A O   1 
ATOM   830  C CB  . PRO   A 1 109 ? 15.152  1.790   -2.059  1.00 65.59  ? 105 PRO   A CB  1 
ATOM   831  C CG  . PRO   A 1 109 ? 15.335  2.021   -3.548  1.00 66.14  ? 105 PRO   A CG  1 
ATOM   832  C CD  . PRO   A 1 109 ? 15.318  0.639   -4.152  1.00 70.11  ? 105 PRO   A CD  1 
ATOM   833  N N   . LYS   A 1 110 ? 15.156  -0.319  0.400   1.00 66.26  ? 106 LYS   A N   1 
ATOM   834  C CA  . LYS   A 1 110 ? 14.392  -1.128  1.349   1.00 70.14  ? 106 LYS   A CA  1 
ATOM   835  C C   . LYS   A 1 110 ? 12.944  -0.622  1.385   1.00 67.86  ? 106 LYS   A C   1 
ATOM   836  O O   . LYS   A 1 110 ? 12.698  0.523   1.781   1.00 59.24  ? 106 LYS   A O   1 
ATOM   837  C CB  . LYS   A 1 110 ? 15.057  -1.106  2.740   1.00 66.69  ? 106 LYS   A CB  1 
ATOM   838  C CG  . LYS   A 1 110 ? 14.641  -2.223  3.698   1.00 68.00  ? 106 LYS   A CG  1 
ATOM   839  C CD  . LYS   A 1 110 ? 14.782  -1.907  5.185   1.00 66.32  ? 106 LYS   A CD  1 
ATOM   840  N N   . THR   A 1 111 ? 11.990  -1.481  0.979   1.00 62.25  ? 107 THR   A N   1 
ATOM   841  C CA  . THR   A 1 111 ? 10.589  -1.081  0.928   1.00 58.87  ? 107 THR   A CA  1 
ATOM   842  C C   . THR   A 1 111 ? 9.765   -1.810  1.988   1.00 62.38  ? 107 THR   A C   1 
ATOM   843  O O   . THR   A 1 111 ? 10.008  -2.975  2.303   1.00 54.77  ? 107 THR   A O   1 
ATOM   844  C CB  . THR   A 1 111 ? 9.983   -1.243  -0.474  1.00 55.79  ? 107 THR   A CB  1 
ATOM   845  O OG1 . THR   A 1 111 ? 10.186  -2.587  -0.908  1.00 57.85  ? 107 THR   A OG1 1 
ATOM   846  C CG2 . THR   A 1 111 ? 10.604  -0.317  -1.502  1.00 57.23  ? 107 THR   A CG2 1 
ATOM   847  N N   . SER   A 1 112 ? 8.772   -1.095  2.521   1.00 55.52  ? 108 SER   A N   1 
ATOM   848  C CA  . SER   A 1 112 ? 7.768   -1.661  3.402   1.00 54.73  ? 108 SER   A CA  1 
ATOM   849  C C   . SER   A 1 112 ? 6.464   -0.855  3.311   1.00 57.52  ? 108 SER   A C   1 
ATOM   850  O O   . SER   A 1 112 ? 6.382   0.200   2.666   1.00 52.88  ? 108 SER   A O   1 
ATOM   851  C CB  . SER   A 1 112 ? 8.302   -1.751  4.806   1.00 46.97  ? 108 SER   A CB  1 
ATOM   852  O OG  . SER   A 1 112 ? 8.500   -0.452  5.334   1.00 51.38  ? 108 SER   A OG  1 
ATOM   853  N N   . TRP   A 1 113 ? 5.410   -1.394  3.915   1.00 53.01  ? 109 TRP   A N   1 
ATOM   854  C CA  . TRP   A 1 113 ? 4.145   -0.689  3.950   1.00 53.12  ? 109 TRP   A CA  1 
ATOM   855  C C   . TRP   A 1 113 ? 3.411   -1.042  5.229   1.00 54.34  ? 109 TRP   A C   1 
ATOM   856  O O   . TRP   A 1 113 ? 3.711   -2.077  5.826   1.00 47.79  ? 109 TRP   A O   1 
ATOM   857  C CB  . TRP   A 1 113 ? 3.286   -0.957  2.715   1.00 49.50  ? 109 TRP   A CB  1 
ATOM   858  C CG  . TRP   A 1 113 ? 2.899   -2.368  2.377   1.00 51.36  ? 109 TRP   A CG  1 
ATOM   859  C CD1 . TRP   A 1 113 ? 3.435   -3.120  1.375   1.00 52.66  ? 109 TRP   A CD1 1 
ATOM   860  C CD2 . TRP   A 1 113 ? 1.786   -3.136  2.886   1.00 48.42  ? 109 TRP   A CD2 1 
ATOM   861  N NE1 . TRP   A 1 113 ? 2.767   -4.307  1.243   1.00 53.94  ? 109 TRP   A NE1 1 
ATOM   862  C CE2 . TRP   A 1 113 ? 1.754   -4.352  2.163   1.00 47.73  ? 109 TRP   A CE2 1 
ATOM   863  C CE3 . TRP   A 1 113 ? 0.816   -2.919  3.873   1.00 51.49  ? 109 TRP   A CE3 1 
ATOM   864  C CZ2 . TRP   A 1 113 ? 0.806   -5.349  2.398   1.00 43.28  ? 109 TRP   A CZ2 1 
ATOM   865  C CZ3 . TRP   A 1 113 ? -0.111  -3.906  4.127   1.00 49.56  ? 109 TRP   A CZ3 1 
ATOM   866  C CH2 . TRP   A 1 113 ? -0.099  -5.109  3.408   1.00 51.25  ? 109 TRP   A CH2 1 
ATOM   867  N N   . THR   A 1 114 ? 2.498   -0.145  5.630   1.00 48.88  ? 110 THR   A N   1 
ATOM   868  C CA  . THR   A 1 114 ? 1.574   -0.372  6.733   1.00 51.14  ? 110 THR   A CA  1 
ATOM   869  C C   . THR   A 1 114 ? 0.136   -0.054  6.315   1.00 49.95  ? 110 THR   A C   1 
ATOM   870  O O   . THR   A 1 114 ? -0.120  0.692   5.379   1.00 51.72  ? 110 THR   A O   1 
ATOM   871  C CB  . THR   A 1 114 ? 2.003   0.385   7.989   1.00 49.86  ? 110 THR   A CB  1 
ATOM   872  O OG1 . THR   A 1 114 ? 1.651   1.749   7.760   1.00 60.32  ? 110 THR   A OG1 1 
ATOM   873  C CG2 . THR   A 1 114 ? 3.487   0.256   8.264   1.00 55.66  ? 110 THR   A CG2 1 
ATOM   874  N N   . LYS   A 1 115 ? -0.811  -0.668  7.018   1.00 43.14  ? 111 LYS   A N   1 
ATOM   875  C CA  . LYS   A 1 115 ? -2.223  -0.344  6.935   1.00 45.21  ? 111 LYS   A CA  1 
ATOM   876  C C   . LYS   A 1 115 ? -2.726  -0.287  8.375   1.00 48.58  ? 111 LYS   A C   1 
ATOM   877  O O   . LYS   A 1 115 ? -2.435  -1.188  9.173   1.00 46.09  ? 111 LYS   A O   1 
ATOM   878  C CB  . LYS   A 1 115 ? -2.997  -1.364  6.084   1.00 46.86  ? 111 LYS   A CB  1 
ATOM   879  C CG  . LYS   A 1 115 ? -3.102  -1.047  4.586   1.00 50.30  ? 111 LYS   A CG  1 
ATOM   880  C CD  . LYS   A 1 115 ? -3.740  -2.128  3.707   1.00 54.63  ? 111 LYS   A CD  1 
ATOM   881  C CE  . LYS   A 1 115 ? -3.637  -1.838  2.214   1.00 57.13  ? 111 LYS   A CE  1 
ATOM   882  N NZ  . LYS   A 1 115 ? -2.574  -2.630  1.538   1.00 61.48  ? 111 LYS   A NZ  1 
ATOM   883  N N   . GLU   A 1 116 ? -3.472  0.783   8.681   1.00 41.46  ? 112 GLU   A N   1 
ATOM   884  C CA  . GLU   A 1 116 ? -4.054  0.978   9.989   1.00 46.82  ? 112 GLU   A CA  1 
ATOM   885  C C   . GLU   A 1 116 ? -5.470  1.538   9.884   1.00 50.80  ? 112 GLU   A C   1 
ATOM   886  O O   . GLU   A 1 116 ? -5.721  2.489   9.162   1.00 52.04  ? 112 GLU   A O   1 
ATOM   887  C CB  . GLU   A 1 116 ? -3.207  1.979   10.770  1.00 45.04  ? 112 GLU   A CB  1 
ATOM   888  C CG  . GLU   A 1 116 ? -3.880  2.324   12.068  1.00 52.29  ? 112 GLU   A CG  1 
ATOM   889  C CD  . GLU   A 1 116 ? -3.039  3.161   13.008  1.00 59.84  ? 112 GLU   A CD  1 
ATOM   890  O OE1 . GLU   A 1 116 ? -2.024  3.749   12.545  1.00 66.33  ? 112 GLU   A OE1 1 
ATOM   891  O OE2 . GLU   A 1 116 ? -3.385  3.198   14.204  1.00 65.48  ? 112 GLU   A OE2 1 
ATOM   892  N N   . LEU   A 1 117 ? -6.375  0.968   10.673  1.00 47.77  ? 113 LEU   A N   1 
ATOM   893  C CA  . LEU   A 1 117 ? -7.702  1.503   10.908  1.00 50.65  ? 113 LEU   A CA  1 
ATOM   894  C C   . LEU   A 1 117 ? -7.598  2.347   12.168  1.00 54.59  ? 113 LEU   A C   1 
ATOM   895  O O   . LEU   A 1 117 ? -7.184  1.819   13.193  1.00 61.49  ? 113 LEU   A O   1 
ATOM   896  C CB  . LEU   A 1 117 ? -8.579  0.293   11.225  1.00 53.77  ? 113 LEU   A CB  1 
ATOM   897  C CG  . LEU   A 1 117 ? -9.848  0.085   10.407  1.00 60.92  ? 113 LEU   A CG  1 
ATOM   898  C CD1 . LEU   A 1 117 ? -10.632 -1.084  10.993  1.00 55.85  ? 113 LEU   A CD1 1 
ATOM   899  C CD2 . LEU   A 1 117 ? -10.710 1.345   10.362  1.00 63.84  ? 113 LEU   A CD2 1 
ATOM   900  N N   . THR   A 1 118 ? -7.945  3.642   12.100  1.00 57.27  ? 114 THR   A N   1 
ATOM   901  C CA  . THR   A 1 118 ? -7.858  4.524   13.258  1.00 54.11  ? 114 THR   A CA  1 
ATOM   902  C C   . THR   A 1 118 ? -9.171  4.461   14.034  1.00 61.16  ? 114 THR   A C   1 
ATOM   903  O O   . THR   A 1 118 ? -10.155 3.905   13.537  1.00 59.03  ? 114 THR   A O   1 
ATOM   904  C CB  . THR   A 1 118 ? -7.672  6.002   12.886  1.00 51.07  ? 114 THR   A CB  1 
ATOM   905  O OG1 . THR   A 1 118 ? -8.862  6.427   12.223  1.00 56.85  ? 114 THR   A OG1 1 
ATOM   906  C CG2 . THR   A 1 118 ? -6.490  6.263   11.988  1.00 54.93  ? 114 THR   A CG2 1 
ATOM   907  N N   . ASN   A 1 119 ? -9.187  5.090   15.220  1.00 66.67  ? 115 ASN   A N   1 
ATOM   908  C CA  . ASN   A 1 119 ? -10.343 5.043   16.111  1.00 78.56  ? 115 ASN   A CA  1 
ATOM   909  C C   . ASN   A 1 119 ? -11.552 5.800   15.567  1.00 75.88  ? 115 ASN   A C   1 
ATOM   910  O O   . ASN   A 1 119 ? -12.682 5.467   15.913  1.00 79.49  ? 115 ASN   A O   1 
ATOM   911  C CB  . ASN   A 1 119 ? -9.995  5.477   17.530  1.00 82.19  ? 115 ASN   A CB  1 
ATOM   912  C CG  . ASN   A 1 119 ? -9.300  4.354   18.266  1.00 96.80  ? 115 ASN   A CG  1 
ATOM   913  O OD1 . ASN   A 1 119 ? -9.678  3.187   18.138  1.00 90.85  ? 115 ASN   A OD1 1 
ATOM   914  N ND2 . ASN   A 1 119 ? -8.263  4.694   19.013  1.00 104.05 ? 115 ASN   A ND2 1 
ATOM   915  N N   . ASP   A 1 120 ? -11.321 6.808   14.720  1.00 83.96  ? 116 ASP   A N   1 
ATOM   916  C CA  . ASP   A 1 120 ? -12.437 7.526   14.116  1.00 85.95  ? 116 ASP   A CA  1 
ATOM   917  C C   . ASP   A 1 120 ? -12.544 7.237   12.613  1.00 69.24  ? 116 ASP   A C   1 
ATOM   918  O O   . ASP   A 1 120 ? -12.851 8.125   11.824  1.00 72.26  ? 116 ASP   A O   1 
ATOM   919  C CB  . ASP   A 1 120 ? -12.456 9.000   14.534  1.00 100.22 ? 116 ASP   A CB  1 
ATOM   920  C CG  . ASP   A 1 120 ? -11.077 9.631   14.566  1.00 108.28 ? 116 ASP   A CG  1 
ATOM   921  O OD1 . ASP   A 1 120 ? -10.228 9.247   13.725  1.00 118.07 ? 116 ASP   A OD1 1 
ATOM   922  O OD2 . ASP   A 1 120 ? -10.861 10.491  15.434  1.00 107.41 ? 116 ASP   A OD2 1 
ATOM   923  N N   . GLY   A 1 121 ? -12.255 5.986   12.235  1.00 63.69  ? 117 GLY   A N   1 
ATOM   924  C CA  . GLY   A 1 121 ? -12.772 5.365   11.025  1.00 57.05  ? 117 GLY   A CA  1 
ATOM   925  C C   . GLY   A 1 121 ? -11.990 5.697   9.753   1.00 53.26  ? 117 GLY   A C   1 
ATOM   926  O O   . GLY   A 1 121 ? -12.527 5.520   8.666   1.00 59.65  ? 117 GLY   A O   1 
ATOM   927  N N   . GLU   A 1 122 ? -10.746 6.176   9.878   1.00 48.36  ? 118 GLU   A N   1 
ATOM   928  C CA  . GLU   A 1 122 ? -9.895  6.327   8.702   1.00 50.64  ? 118 GLU   A CA  1 
ATOM   929  C C   . GLU   A 1 122 ? -9.072  5.052   8.481   1.00 50.96  ? 118 GLU   A C   1 
ATOM   930  O O   . GLU   A 1 122 ? -8.746  4.346   9.433   1.00 45.79  ? 118 GLU   A O   1 
ATOM   931  C CB  . GLU   A 1 122 ? -8.949  7.514   8.873   1.00 48.50  ? 118 GLU   A CB  1 
ATOM   932  C CG  . GLU   A 1 122 ? -9.708  8.841   8.934   1.00 60.30  ? 118 GLU   A CG  1 
ATOM   933  C CD  . GLU   A 1 122 ? -8.879  10.115  8.901   1.00 58.95  ? 118 GLU   A CD  1 
ATOM   934  O OE1 . GLU   A 1 122 ? -7.720  10.092  9.342   1.00 66.74  ? 118 GLU   A OE1 1 
ATOM   935  O OE2 . GLU   A 1 122 ? -9.389  11.128  8.401   1.00 72.49  ? 118 GLU   A OE2 1 
ATOM   936  N N   . LEU   A 1 123 ? -8.693  4.804   7.221   1.00 52.06  ? 119 LEU   A N   1 
ATOM   937  C CA  . LEU   A 1 123 ? -7.632  3.859   6.914   1.00 46.58  ? 119 LEU   A CA  1 
ATOM   938  C C   . LEU   A 1 123 ? -6.392  4.632   6.488   1.00 44.81  ? 119 LEU   A C   1 
ATOM   939  O O   . LEU   A 1 123 ? -6.420  5.403   5.537   1.00 51.85  ? 119 LEU   A O   1 
ATOM   940  C CB  . LEU   A 1 123 ? -8.131  2.931   5.818   1.00 45.71  ? 119 LEU   A CB  1 
ATOM   941  C CG  . LEU   A 1 123 ? -7.093  1.970   5.254   1.00 48.76  ? 119 LEU   A CG  1 
ATOM   942  C CD1 . LEU   A 1 123 ? -6.809  0.889   6.266   1.00 46.10  ? 119 LEU   A CD1 1 
ATOM   943  C CD2 . LEU   A 1 123 ? -7.629  1.363   3.971   1.00 51.13  ? 119 LEU   A CD2 1 
ATOM   944  N N   . ILE   A 1 124 ? -5.319  4.461   7.245   1.00 45.66  ? 120 ILE   A N   1 
ATOM   945  C CA  . ILE   A 1 124 ? -4.035  5.023   6.868   1.00 44.81  ? 120 ILE   A CA  1 
ATOM   946  C C   . ILE   A 1 124 ? -3.141  3.953   6.251   1.00 47.46  ? 120 ILE   A C   1 
ATOM   947  O O   . ILE   A 1 124 ? -2.959  2.895   6.848   1.00 49.89  ? 120 ILE   A O   1 
ATOM   948  C CB  . ILE   A 1 124 ? -3.368  5.676   8.072   1.00 44.44  ? 120 ILE   A CB  1 
ATOM   949  C CG1 . ILE   A 1 124 ? -4.373  6.624   8.745   1.00 54.03  ? 120 ILE   A CG1 1 
ATOM   950  C CG2 . ILE   A 1 124 ? -2.116  6.405   7.598   1.00 47.76  ? 120 ILE   A CG2 1 
ATOM   951  C CD1 . ILE   A 1 124 ? -3.819  7.415   9.910   1.00 59.42  ? 120 ILE   A CD1 1 
ATOM   952  N N   . LEU   A 1 125 ? -2.636  4.250   5.046   1.00 38.46  ? 121 LEU   A N   1 
ATOM   953  C CA  . LEU   A 1 125 ? -1.576  3.518   4.379   1.00 44.91  ? 121 LEU   A CA  1 
ATOM   954  C C   . LEU   A 1 125 ? -0.299  4.335   4.483   1.00 51.74  ? 121 LEU   A C   1 
ATOM   955  O O   . LEU   A 1 125 ? -0.314  5.545   4.218   1.00 47.60  ? 121 LEU   A O   1 
ATOM   956  C CB  . LEU   A 1 125 ? -1.949  3.378   2.901   1.00 53.57  ? 121 LEU   A CB  1 
ATOM   957  C CG  . LEU   A 1 125 ? -2.206  1.948   2.444   1.00 78.45  ? 121 LEU   A CG  1 
ATOM   958  C CD1 . LEU   A 1 125 ? -3.468  1.846   1.583   1.00 64.36  ? 121 LEU   A CD1 1 
ATOM   959  C CD2 . LEU   A 1 125 ? -0.958  1.370   1.763   1.00 82.40  ? 121 LEU   A CD2 1 
ATOM   960  N N   . THR   A 1 126 ? 0.781   3.684   4.920   1.00 48.78  ? 122 THR   A N   1 
ATOM   961  C CA  . THR   A 1 126 ? 2.113   4.243   4.724   1.00 50.22  ? 122 THR   A CA  1 
ATOM   962  C C   . THR   A 1 126 ? 2.921   3.285   3.861   1.00 52.84  ? 122 THR   A C   1 
ATOM   963  O O   . THR   A 1 126 ? 2.686   2.080   3.877   1.00 50.26  ? 122 THR   A O   1 
ATOM   964  C CB  . THR   A 1 126 ? 2.810   4.632   6.027   1.00 46.38  ? 122 THR   A CB  1 
ATOM   965  O OG1 . THR   A 1 126 ? 3.397   3.406   6.430   1.00 59.74  ? 122 THR   A OG1 1 
ATOM   966  C CG2 . THR   A 1 126 ? 1.884   5.160   7.110   1.00 42.96  ? 122 THR   A CG2 1 
ATOM   967  N N   . MET   A 1 127 ? 3.796   3.861   3.038   1.00 52.86  ? 123 MET   A N   1 
ATOM   968  C CA  . MET   A 1 127 ? 4.745   3.145   2.201   1.00 55.21  ? 123 MET   A CA  1 
ATOM   969  C C   . MET   A 1 127 ? 6.099   3.824   2.367   1.00 58.20  ? 123 MET   A C   1 
ATOM   970  O O   . MET   A 1 127 ? 6.206   5.053   2.320   1.00 55.48  ? 123 MET   A O   1 
ATOM   971  C CB  . MET   A 1 127 ? 4.372   3.218   0.727   1.00 53.93  ? 123 MET   A CB  1 
ATOM   972  C CG  . MET   A 1 127 ? 3.202   2.349   0.347   1.00 78.25  ? 123 MET   A CG  1 
ATOM   973  S SD  . MET   A 1 127 ? 2.209   3.151   -0.940  1.00 91.85  ? 123 MET   A SD  1 
ATOM   974  C CE  . MET   A 1 127 ? 0.715   3.477   0.000   1.00 93.79  ? 123 MET   A CE  1 
ATOM   975  N N   . THR   A 1 128 ? 7.113   2.998   2.607   1.00 53.78  ? 124 THR   A N   1 
ATOM   976  C CA  . THR   A 1 128 ? 8.437   3.463   2.942   1.00 54.20  ? 124 THR   A CA  1 
ATOM   977  C C   . THR   A 1 128 ? 9.396   2.914   1.901   1.00 58.14  ? 124 THR   A C   1 
ATOM   978  O O   . THR   A 1 128 ? 9.303   1.760   1.501   1.00 53.57  ? 124 THR   A O   1 
ATOM   979  C CB  . THR   A 1 128 ? 8.863   3.007   4.340   1.00 55.12  ? 124 THR   A CB  1 
ATOM   980  O OG1 . THR   A 1 128 ? 7.852   3.433   5.246   1.00 59.28  ? 124 THR   A OG1 1 
ATOM   981  C CG2 . THR   A 1 128 ? 10.171  3.624   4.784   1.00 57.12  ? 124 THR   A CG2 1 
ATOM   982  N N   . ALA   A 1 129 ? 10.279  3.795   1.433   1.00 57.77  ? 125 ALA   A N   1 
ATOM   983  C CA  . ALA   A 1 129 ? 11.451  3.397   0.674   1.00 55.44  ? 125 ALA   A CA  1 
ATOM   984  C C   . ALA   A 1 129 ? 12.633  4.169   1.263   1.00 61.61  ? 125 ALA   A C   1 
ATOM   985  O O   . ALA   A 1 129 ? 12.588  5.400   1.348   1.00 59.94  ? 125 ALA   A O   1 
ATOM   986  C CB  . ALA   A 1 129 ? 11.234  3.637   -0.803  1.00 49.88  ? 125 ALA   A CB  1 
ATOM   987  N N   . ASP   A 1 130 ? 13.617  3.419   1.788   1.00 65.25  ? 126 ASP   A N   1 
ATOM   988  C CA  . ASP   A 1 130 ? 14.733  3.936   2.574   1.00 59.07  ? 126 ASP   A CA  1 
ATOM   989  C C   . ASP   A 1 130 ? 14.250  4.917   3.634   1.00 59.22  ? 126 ASP   A C   1 
ATOM   990  O O   . ASP   A 1 130 ? 13.524  4.540   4.551   1.00 65.36  ? 126 ASP   A O   1 
ATOM   991  C CB  . ASP   A 1 130 ? 15.846  4.494   1.683   1.00 63.87  ? 126 ASP   A CB  1 
ATOM   992  C CG  . ASP   A 1 130 ? 16.512  3.416   0.844   1.00 64.86  ? 126 ASP   A CG  1 
ATOM   993  O OD1 . ASP   A 1 130 ? 16.584  2.262   1.310   1.00 70.69  ? 126 ASP   A OD1 1 
ATOM   994  O OD2 . ASP   A 1 130 ? 16.915  3.728   -0.290  1.00 71.58  ? 126 ASP   A OD2 1 
ATOM   995  N N   . ASP   A 1 131 ? 14.628  6.187   3.467   1.00 64.40  ? 127 ASP   A N   1 
ATOM   996  C CA  . ASP   A 1 131 ? 14.397  7.202   4.481   1.00 63.78  ? 127 ASP   A CA  1 
ATOM   997  C C   . ASP   A 1 131 ? 13.034  7.876   4.314   1.00 66.79  ? 127 ASP   A C   1 
ATOM   998  O O   . ASP   A 1 131 ? 12.681  8.702   5.154   1.00 74.32  ? 127 ASP   A O   1 
ATOM   999  C CB  . ASP   A 1 131 ? 15.531  8.234   4.484   1.00 64.75  ? 127 ASP   A CB  1 
ATOM   1000 N N   . VAL   A 1 132 ? 12.253  7.521   3.274   1.00 63.27  ? 128 VAL   A N   1 
ATOM   1001 C CA  . VAL   A 1 132 ? 11.100  8.328   2.857   1.00 56.30  ? 128 VAL   A CA  1 
ATOM   1002 C C   . VAL   A 1 132 ? 9.793   7.585   3.132   1.00 52.81  ? 128 VAL   A C   1 
ATOM   1003 O O   . VAL   A 1 132 ? 9.661   6.429   2.755   1.00 57.20  ? 128 VAL   A O   1 
ATOM   1004 C CB  . VAL   A 1 132 ? 11.197  8.683   1.356   1.00 63.80  ? 128 VAL   A CB  1 
ATOM   1005 C CG1 . VAL   A 1 132 ? 9.906   9.303   0.810   1.00 46.83  ? 128 VAL   A CG1 1 
ATOM   1006 C CG2 . VAL   A 1 132 ? 12.427  9.536   1.034   1.00 58.68  ? 128 VAL   A CG2 1 
ATOM   1007 N N   . VAL   A 1 133 ? 8.814   8.291   3.714   1.00 56.99  ? 129 VAL   A N   1 
ATOM   1008 C CA  . VAL   A 1 133 ? 7.524   7.731   4.100   1.00 54.78  ? 129 VAL   A CA  1 
ATOM   1009 C C   . VAL   A 1 133 ? 6.380   8.484   3.403   1.00 61.21  ? 129 VAL   A C   1 
ATOM   1010 O O   . VAL   A 1 133 ? 6.087   9.650   3.710   1.00 54.51  ? 129 VAL   A O   1 
ATOM   1011 C CB  . VAL   A 1 133 ? 7.343   7.754   5.634   1.00 57.87  ? 129 VAL   A CB  1 
ATOM   1012 C CG1 . VAL   A 1 133 ? 6.039   7.101   6.078   1.00 56.67  ? 129 VAL   A CG1 1 
ATOM   1013 C CG2 . VAL   A 1 133 ? 8.529   7.151   6.369   1.00 52.47  ? 129 VAL   A CG2 1 
ATOM   1014 N N   . CYS   A 1 134 ? 5.698   7.783   2.488   1.00 56.38  ? 130 CYS   A N   1 
ATOM   1015 C CA  . CYS   A 1 134 ? 4.447   8.269   1.921   1.00 52.35  ? 130 CYS   A CA  1 
ATOM   1016 C C   . CYS   A 1 134 ? 3.257   7.810   2.768   1.00 52.67  ? 130 CYS   A C   1 
ATOM   1017 O O   . CYS   A 1 134 ? 3.131   6.627   3.095   1.00 51.76  ? 130 CYS   A O   1 
ATOM   1018 C CB  . CYS   A 1 134 ? 4.287   7.791   0.484   1.00 54.34  ? 130 CYS   A CB  1 
ATOM   1019 S SG  . CYS   A 1 134 ? 2.631   8.094   -0.181  1.00 52.69  ? 130 CYS   A SG  1 
ATOM   1020 N N   . THR   A 1 135 ? 2.407   8.770   3.144   1.00 43.59  ? 131 THR   A N   1 
ATOM   1021 C CA  . THR   A 1 135 ? 1.187   8.505   3.896   1.00 49.20  ? 131 THR   A CA  1 
ATOM   1022 C C   . THR   A 1 135 ? -0.030  8.812   3.024   1.00 47.97  ? 131 THR   A C   1 
ATOM   1023 O O   . THR   A 1 135 ? -0.078  9.843   2.351   1.00 51.07  ? 131 THR   A O   1 
ATOM   1024 C CB  . THR   A 1 135 ? 1.189   9.251   5.235   1.00 44.27  ? 131 THR   A CB  1 
ATOM   1025 O OG1 . THR   A 1 135 ? 2.300   8.743   5.963   1.00 54.59  ? 131 THR   A OG1 1 
ATOM   1026 C CG2 . THR   A 1 135 ? -0.036  8.991   6.084   1.00 46.37  ? 131 THR   A CG2 1 
ATOM   1027 N N   . GLN   A 1 136 ? -1.006  7.904   3.035   1.00 47.17  ? 132 GLN   A N   1 
ATOM   1028 C CA  . GLN   A 1 136 ? -2.230  8.096   2.274   1.00 45.63  ? 132 GLN   A CA  1 
ATOM   1029 C C   . GLN   A 1 136 ? -3.402  7.789   3.194   1.00 50.00  ? 132 GLN   A C   1 
ATOM   1030 O O   . GLN   A 1 136 ? -3.382  6.767   3.885   1.00 47.03  ? 132 GLN   A O   1 
ATOM   1031 C CB  . GLN   A 1 136 ? -2.226  7.214   1.025   1.00 49.68  ? 132 GLN   A CB  1 
ATOM   1032 C CG  . GLN   A 1 136 ? -1.233  7.688   -0.030  1.00 49.95  ? 132 GLN   A CG  1 
ATOM   1033 C CD  . GLN   A 1 136 ? -1.379  6.880   -1.294  1.00 59.36  ? 132 GLN   A CD  1 
ATOM   1034 O OE1 . GLN   A 1 136 ? -1.778  5.712   -1.281  1.00 61.16  ? 132 GLN   A OE1 1 
ATOM   1035 N NE2 . GLN   A 1 136 ? -1.065  7.511   -2.410  1.00 58.59  ? 132 GLN   A NE2 1 
ATOM   1036 N N   . VAL   A 1 137 ? -4.368  8.722   3.265   1.00 45.42  ? 133 VAL   A N   1 
ATOM   1037 C CA  . VAL   A 1 137 ? -5.483  8.579   4.185   1.00 44.78  ? 133 VAL   A CA  1 
ATOM   1038 C C   . VAL   A 1 137 ? -6.740  8.280   3.381   1.00 44.86  ? 133 VAL   A C   1 
ATOM   1039 O O   . VAL   A 1 137 ? -6.966  8.873   2.319   1.00 45.36  ? 133 VAL   A O   1 
ATOM   1040 C CB  . VAL   A 1 137 ? -5.635  9.814   5.088   1.00 45.05  ? 133 VAL   A CB  1 
ATOM   1041 C CG1 . VAL   A 1 137 ? -6.733  9.604   6.112   1.00 52.05  ? 133 VAL   A CG1 1 
ATOM   1042 C CG2 . VAL   A 1 137 ? -4.334  10.082  5.807   1.00 50.07  ? 133 VAL   A CG2 1 
ATOM   1043 N N   . PHE   A 1 138 ? -7.556  7.351   3.892   1.00 38.79  ? 134 PHE   A N   1 
ATOM   1044 C CA  . PHE   A 1 138 ? -8.760  6.968   3.166   1.00 40.75  ? 134 PHE   A CA  1 
ATOM   1045 C C   . PHE   A 1 138 ? -9.942  7.018   4.114   1.00 44.48  ? 134 PHE   A C   1 
ATOM   1046 O O   . PHE   A 1 138 ? -9.767  6.851   5.322   1.00 45.48  ? 134 PHE   A O   1 
ATOM   1047 C CB  . PHE   A 1 138 ? -8.666  5.532   2.618   1.00 41.27  ? 134 PHE   A CB  1 
ATOM   1048 C CG  . PHE   A 1 138 ? -7.557  5.288   1.625   1.00 44.18  ? 134 PHE   A CG  1 
ATOM   1049 C CD1 . PHE   A 1 138 ? -6.227  5.259   2.036   1.00 46.95  ? 134 PHE   A CD1 1 
ATOM   1050 C CD2 . PHE   A 1 138 ? -7.845  5.112   0.275   1.00 40.70  ? 134 PHE   A CD2 1 
ATOM   1051 C CE1 . PHE   A 1 138 ? -5.203  5.033   1.124   1.00 44.15  ? 134 PHE   A CE1 1 
ATOM   1052 C CE2 . PHE   A 1 138 ? -6.817  4.888   -0.634  1.00 47.07  ? 134 PHE   A CE2 1 
ATOM   1053 C CZ  . PHE   A 1 138 ? -5.500  4.847   -0.206  1.00 42.51  ? 134 PHE   A CZ  1 
ATOM   1054 N N   . VAL   A 1 139 ? -11.140 7.197   3.536   1.00 49.67  ? 135 VAL   A N   1 
ATOM   1055 C CA  . VAL   A 1 139 ? -12.385 7.121   4.280   1.00 47.27  ? 135 VAL   A CA  1 
ATOM   1056 C C   . VAL   A 1 139 ? -13.305 6.176   3.537   1.00 42.16  ? 135 VAL   A C   1 
ATOM   1057 O O   . VAL   A 1 139 ? -13.116 5.980   2.341   1.00 46.19  ? 135 VAL   A O   1 
ATOM   1058 C CB  . VAL   A 1 139 ? -13.060 8.502   4.428   1.00 49.92  ? 135 VAL   A CB  1 
ATOM   1059 C CG1 . VAL   A 1 139 ? -12.230 9.417   5.300   1.00 47.56  ? 135 VAL   A CG1 1 
ATOM   1060 C CG2 . VAL   A 1 139 ? -13.330 9.145   3.075   1.00 49.64  ? 135 VAL   A CG2 1 
ATOM   1061 N N   . ARG   A 1 140 ? -14.332 5.666   4.239   1.00 43.72  ? 136 ARG   A N   1 
ATOM   1062 C CA  . ARG   A 1 140 ? -15.298 4.767   3.623   1.00 51.75  ? 136 ARG   A CA  1 
ATOM   1063 C C   . ARG   A 1 140 ? -16.066 5.484   2.509   1.00 56.85  ? 136 ARG   A C   1 
ATOM   1064 O O   . ARG   A 1 140 ? -16.456 6.629   2.671   1.00 58.76  ? 136 ARG   A O   1 
ATOM   1065 C CB  . ARG   A 1 140 ? -16.203 4.139   4.685   1.00 50.36  ? 136 ARG   A CB  1 
ATOM   1066 C CG  . ARG   A 1 140 ? -15.441 3.352   5.746   1.00 50.26  ? 136 ARG   A CG  1 
ATOM   1067 C CD  . ARG   A 1 140 ? -16.331 2.492   6.628   1.00 51.99  ? 136 ARG   A CD  1 
ATOM   1068 N NE  . ARG   A 1 140 ? -15.567 1.784   7.646   1.00 52.35  ? 136 ARG   A NE  1 
ATOM   1069 C CZ  . ARG   A 1 140 ? -15.133 0.544   7.472   1.00 52.61  ? 136 ARG   A CZ  1 
ATOM   1070 N NH1 . ARG   A 1 140 ? -14.408 -0.052  8.400   1.00 49.73  ? 136 ARG   A NH1 1 
ATOM   1071 N NH2 . ARG   A 1 140 ? -15.396 -0.068  6.333   1.00 49.53  ? 136 ARG   A NH2 1 
ATOM   1072 N N   . GLU   A 1 141 ? -16.281 4.799   1.375   1.00 65.25  ? 137 GLU   A N   1 
ATOM   1073 C CA  . GLU   A 1 141 ? -17.095 5.330   0.291   1.00 75.69  ? 137 GLU   A CA  1 
ATOM   1074 C C   . GLU   A 1 141 ? -18.525 5.608   0.781   1.00 80.69  ? 137 GLU   A C   1 
ATOM   1075 O O   . GLU   A 1 141 ? -19.049 4.942   1.698   1.00 64.11  ? 137 GLU   A O   1 
ATOM   1076 C CB  . GLU   A 1 141 ? -17.140 4.373   -0.899  1.00 72.24  ? 137 GLU   A CB  1 
ATOM   1077 C CG  . GLU   A 1 141 ? -16.260 4.835   -2.045  1.00 87.90  ? 137 GLU   A CG  1 
ATOM   1078 C CD  . GLU   A 1 141 ? -16.220 3.891   -3.239  1.00 93.98  ? 137 GLU   A CD  1 
ATOM   1079 O OE1 . GLU   A 1 141 ? -15.154 3.824   -3.894  1.00 86.15  ? 137 GLU   A OE1 1 
ATOM   1080 O OE2 . GLU   A 1 141 ? -17.255 3.220   -3.517  1.00 90.07  ? 137 GLU   A OE2 1 
ATOM   1081 O OXT . GLU   A 1 141 ? -19.176 6.529   0.243   1.00 77.62  ? 137 GLU   A OXT 1 
HETATM 1082 C CAM . A1IQZ B 2 .   ? 2.161   -0.355  -1.461  0.60 74.89  ? 201 A1IQZ A CAM 1 
HETATM 1083 O OAL . A1IQZ B 2 .   ? 0.778   -0.526  -1.716  0.60 77.71  ? 201 A1IQZ A OAL 1 
HETATM 1084 C CAJ . A1IQZ B 2 .   ? 0.147   -1.386  -0.856  0.60 73.92  ? 201 A1IQZ A CAJ 1 
HETATM 1085 O OAK . A1IQZ B 2 .   ? 0.698   -2.296  -0.205  0.60 76.23  ? 201 A1IQZ A OAK 1 
HETATM 1086 C CAH . A1IQZ B 2 .   ? -1.343  -1.168  -0.696  0.60 74.64  ? 201 A1IQZ A CAH 1 
HETATM 1087 C CAI . A1IQZ B 2 .   ? -2.027  -2.080  0.330   0.60 66.70  ? 201 A1IQZ A CAI 1 
HETATM 1088 C CAG . A1IQZ B 2 .   ? -2.141  0.011   -1.436  0.60 77.33  ? 201 A1IQZ A CAG 1 
HETATM 1089 C CAD . A1IQZ B 2 .   ? -1.527  0.778   -2.431  0.60 74.95  ? 201 A1IQZ A CAD 1 
HETATM 1090 C CAC . A1IQZ B 2 .   ? -1.867  2.114   -2.820  0.60 65.52  ? 201 A1IQZ A CAC 1 
HETATM 1091 C CAA . A1IQZ B 2 .   ? -1.143  2.731   -3.834  0.60 72.94  ? 201 A1IQZ A CAA 1 
HETATM 1092 C CAB . A1IQZ B 2 .   ? -0.134  2.021   -4.468  0.60 74.78  ? 201 A1IQZ A CAB 1 
HETATM 1093 C CAN . A1IQZ B 2 .   ? 0.612   2.588   -5.500  0.60 80.07  ? 201 A1IQZ A CAN 1 
HETATM 1094 C CAO . A1IQZ B 2 .   ? 1.294   2.949   -6.357  0.60 81.73  ? 201 A1IQZ A CAO 1 
HETATM 1095 C CAF . A1IQZ B 2 .   ? 0.187   0.690   -4.095  0.60 78.25  ? 201 A1IQZ A CAF 1 
HETATM 1096 C CAE . A1IQZ B 2 .   ? -0.529  0.081   -3.090  0.60 79.76  ? 201 A1IQZ A CAE 1 
HETATM 1097 O O   . HOH   C 3 .   ? -1.683  -16.098 10.633  1.00 59.82  ? 301 HOH   A O   1 
HETATM 1098 O O   . HOH   C 3 .   ? -18.346 2.823   2.365   1.00 56.98  ? 302 HOH   A O   1 
HETATM 1099 O O   . HOH   C 3 .   ? -0.735  -17.753 2.325   1.00 65.97  ? 303 HOH   A O   1 
HETATM 1100 O O   . HOH   C 3 .   ? 17.660  -9.660  -4.752  1.00 72.77  ? 304 HOH   A O   1 
HETATM 1101 O O   . HOH   C 3 .   ? 15.003  -6.933  -1.416  1.00 66.85  ? 305 HOH   A O   1 
HETATM 1102 O O   . HOH   C 3 .   ? -0.519  4.140   10.589  1.00 45.49  ? 306 HOH   A O   1 
HETATM 1103 O O   . HOH   C 3 .   ? -13.517 2.145   -3.003  1.00 64.84  ? 307 HOH   A O   1 
HETATM 1104 O O   . HOH   C 3 .   ? 1.477   13.161  -2.533  1.00 51.30  ? 308 HOH   A O   1 
HETATM 1105 O O   . HOH   C 3 .   ? -0.663  2.677   8.241   1.00 46.79  ? 309 HOH   A O   1 
HETATM 1106 O O   . HOH   C 3 .   ? 12.106  -8.422  -8.485  1.00 70.69  ? 310 HOH   A O   1 
HETATM 1107 O O   . HOH   C 3 .   ? 6.956   -8.864  8.256   1.00 48.16  ? 311 HOH   A O   1 
HETATM 1108 O O   . HOH   C 3 .   ? -17.286 -6.681  8.654   1.00 73.43  ? 312 HOH   A O   1 
HETATM 1109 O O   . HOH   C 3 .   ? -12.779 -1.996  13.803  1.00 91.86  ? 313 HOH   A O   1 
HETATM 1110 O O   . HOH   C 3 .   ? -4.480  -1.082  16.164  1.00 63.73  ? 314 HOH   A O   1 
HETATM 1111 O O   . HOH   C 3 .   ? -5.309  1.709   15.166  1.00 54.54  ? 315 HOH   A O   1 
HETATM 1112 O O   . HOH   C 3 .   ? 3.933   3.091   10.375  1.00 65.21  ? 316 HOH   A O   1 
HETATM 1113 O O   . HOH   C 3 .   ? 4.134   10.523  5.267   1.00 60.61  ? 317 HOH   A O   1 
HETATM 1114 O O   . HOH   C 3 .   ? 9.535   -9.735  11.569  1.00 54.86  ? 318 HOH   A O   1 
HETATM 1115 O O   . HOH   C 3 .   ? -14.297 6.349   6.846   1.00 57.63  ? 319 HOH   A O   1 
HETATM 1116 O O   . HOH   C 3 .   ? 0.024   -14.768 2.618   1.00 49.95  ? 320 HOH   A O   1 
HETATM 1117 O O   . HOH   C 3 .   ? -11.322 -4.330  13.136  1.00 71.26  ? 321 HOH   A O   1 
HETATM 1118 O O   . HOH   C 3 .   ? -4.119  -3.103  19.729  1.00 56.51  ? 322 HOH   A O   1 
HETATM 1119 O O   . HOH   C 3 .   ? -2.159  10.885  -14.509 1.00 49.89  ? 323 HOH   A O   1 
HETATM 1120 O O   . HOH   C 3 .   ? -8.105  -5.898  -9.930  1.00 59.75  ? 324 HOH   A O   1 
HETATM 1121 O O   . HOH   C 3 .   ? 13.064  -4.280  0.252   1.00 60.00  ? 325 HOH   A O   1 
HETATM 1122 O O   . HOH   C 3 .   ? -1.950  -12.142 -3.811  1.00 68.87  ? 326 HOH   A O   1 
HETATM 1123 O O   . HOH   C 3 .   ? 1.788   -12.204 5.163   1.00 43.61  ? 327 HOH   A O   1 
HETATM 1124 O O   . HOH   C 3 .   ? -10.248 -0.934  -5.859  1.00 50.07  ? 328 HOH   A O   1 
HETATM 1125 O O   . HOH   C 3 .   ? 8.937   -14.060 10.382  1.00 63.12  ? 329 HOH   A O   1 
HETATM 1126 O O   . HOH   C 3 .   ? -11.047 -7.134  17.346  1.00 66.94  ? 330 HOH   A O   1 
HETATM 1127 O O   . HOH   C 3 .   ? 0.783   16.081  -10.554 1.00 47.30  ? 331 HOH   A O   1 
HETATM 1128 O O   . HOH   C 3 .   ? -2.501  12.944  -5.561  1.00 70.00  ? 332 HOH   A O   1 
HETATM 1129 O O   . HOH   C 3 .   ? -0.116  12.008  -4.371  1.00 58.32  ? 333 HOH   A O   1 
HETATM 1130 O O   . HOH   C 3 .   ? -8.514  -6.229  12.825  1.00 54.10  ? 334 HOH   A O   1 
HETATM 1131 O O   . HOH   C 3 .   ? 3.945   -2.700  -2.645  1.00 66.66  ? 335 HOH   A O   1 
HETATM 1132 O O   . HOH   C 3 .   ? 5.602   -18.018 5.102   1.00 65.00  ? 336 HOH   A O   1 
HETATM 1133 O O   . HOH   C 3 .   ? 4.391   16.319  -4.936  1.00 59.44  ? 337 HOH   A O   1 
HETATM 1134 O O   . HOH   C 3 .   ? -15.975 -3.289  8.009   1.00 54.20  ? 338 HOH   A O   1 
HETATM 1135 O O   . HOH   C 3 .   ? 9.478   10.951  4.607   1.00 55.52  ? 339 HOH   A O   1 
HETATM 1136 O O   . HOH   C 3 .   ? 4.259   14.280  -3.319  1.00 54.98  ? 340 HOH   A O   1 
HETATM 1137 O O   . HOH   C 3 .   ? 11.771  6.631   -14.706 1.00 60.75  ? 341 HOH   A O   1 
HETATM 1138 O O   . HOH   C 3 .   ? -13.415 -12.070 10.880  1.00 51.87  ? 342 HOH   A O   1 
HETATM 1139 O O   . HOH   C 3 .   ? 13.343  -6.171  3.723   1.00 67.81  ? 343 HOH   A O   1 
HETATM 1140 O O   . HOH   C 3 .   ? 10.275  -12.903 13.393  1.00 59.23  ? 344 HOH   A O   1 
HETATM 1141 O O   . HOH   C 3 .   ? -4.169  -8.135  -9.947  1.00 55.46  ? 345 HOH   A O   1 
HETATM 1142 O O   . HOH   C 3 .   ? -4.542  5.846   15.034  1.00 69.75  ? 346 HOH   A O   1 
HETATM 1143 O O   . HOH   C 3 .   ? -16.769 0.647   3.497   1.00 54.56  ? 347 HOH   A O   1 
HETATM 1144 O O   . HOH   C 3 .   ? -11.449 -17.581 7.126   1.00 68.35  ? 348 HOH   A O   1 
HETATM 1145 O O   . HOH   C 3 .   ? 10.078  -10.345 3.417   1.00 75.53  ? 349 HOH   A O   1 
HETATM 1146 O O   . HOH   C 3 .   ? -5.150  6.094   -13.704 1.00 46.51  ? 350 HOH   A O   1 
HETATM 1147 O O   . HOH   C 3 .   ? 8.469   -5.189  10.645  1.00 58.84  ? 351 HOH   A O   1 
HETATM 1148 O O   . HOH   C 3 .   ? 3.418   13.251  5.760   1.00 72.24  ? 352 HOH   A O   1 
HETATM 1149 O O   . HOH   C 3 .   ? -4.967  11.356  -13.374 1.00 55.18  ? 353 HOH   A O   1 
HETATM 1150 O O   . HOH   C 3 .   ? 1.500   17.180  3.689   1.00 77.02  ? 354 HOH   A O   1 
HETATM 1151 O O   . HOH   C 3 .   ? -8.059  13.322  -3.418  1.00 73.02  ? 355 HOH   A O   1 
HETATM 1152 O O   . HOH   C 3 .   ? 20.255  -11.238 -7.351  1.00 75.30  ? 356 HOH   A O   1 
HETATM 1153 O O   . HOH   C 3 .   ? 15.518  10.733  -3.863  1.00 65.81  ? 357 HOH   A O   1 
HETATM 1154 O O   . HOH   C 3 .   ? -20.809 -10.216 10.110  1.00 88.90  ? 358 HOH   A O   1 
HETATM 1155 O O   . HOH   C 3 .   ? 0.147   -18.207 10.563  1.00 60.82  ? 359 HOH   A O   1 
HETATM 1156 O O   . HOH   C 3 .   ? -8.066  -17.035 -1.922  1.00 73.67  ? 360 HOH   A O   1 
HETATM 1157 O O   . HOH   C 3 .   ? -12.632 -0.048  -5.378  1.00 54.79  ? 361 HOH   A O   1 
HETATM 1158 O O   . HOH   C 3 .   ? -3.448  -16.603 0.703   1.00 70.80  ? 362 HOH   A O   1 
HETATM 1159 O O   . HOH   C 3 .   ? -5.480  12.841  -2.910  1.00 79.09  ? 363 HOH   A O   1 
HETATM 1160 O O   . HOH   C 3 .   ? -2.452  13.160  -15.695 1.00 50.00  ? 364 HOH   A O   1 
HETATM 1161 O O   . HOH   C 3 .   ? 4.507   6.751   9.482   1.00 71.48  ? 365 HOH   A O   1 
HETATM 1162 O O   . HOH   C 3 .   ? 10.379  -17.296 -6.662  1.00 71.69  ? 366 HOH   A O   1 
HETATM 1163 O O   . HOH   C 3 .   ? 14.492  2.886   -14.187 0.50 85.53  ? 367 HOH   A O   1 
HETATM 1164 O O   . HOH   C 3 .   ? -11.773 15.446  11.922  1.00 75.91  ? 368 HOH   A O   1 
HETATM 1165 O O   . HOH   C 3 .   ? -14.659 12.700  1.741   1.00 69.92  ? 369 HOH   A O   1 
HETATM 1166 O O   . HOH   C 3 .   ? -0.613  -19.059 -3.949  1.00 69.50  ? 370 HOH   A O   1 
# 
